data_5DNE
#
_entry.id   5DNE
#
_cell.length_a   123.910
_cell.length_b   154.790
_cell.length_c   157.310
_cell.angle_alpha   90.00
_cell.angle_beta   90.00
_cell.angle_gamma   90.00
#
_symmetry.space_group_name_H-M   'I 2 2 2'
#
loop_
_entity.id
_entity.type
_entity.pdbx_description
1 polymer L-asparaginase
2 non-polymer ASPARAGINE
3 non-polymer 1,2-ETHANEDIOL
4 water water
#
_entity_poly.entity_id   1
_entity_poly.type   'polypeptide(L)'
_entity_poly.pdbx_seq_one_letter_code
;MGSSHHHHHHSSGGNENLYFQGHMARASGSERHLLLIYTGGTLGMQSKGGVLVPGPGLVTLLRTLPMFHDKEFAQAQGLP
DHALALPPASHGPRVLYTVLECQPLLDSSDMTIDDWIRIAKIIERHYEQYQGFVVIHGTDTMASGASMLSFMLENLHKPV
ILTGAQVPIRVLWNDARENLLGALLVAGQYIIPEVCLFMNSQLFRGNRVTMVDSQKFEAFCSPNLSPLATVGADVTIAWD
LVRKVKWKDPLVVHSNMEHDVALLRLYPGIPASLVRAFLQPPLKGVVLETFGSGNGPSKPDLLQELRAAAQRGLIMVNCS
QCLRGSVTPGYATSLAGANIVSGLDMTSEAALAKLSYVLGLPELSLERRQELLAKDLRGEMTLPTADLHQSSPPGSTLGQ
GVARLFSLFGCQEEDSVQDAVMPSLALALAHAGELEALQALMELGSDLRLKDSNGQTLLHVAARNGRDGVVTMLLHRGMD
VNARDRDGLSPLLLAVQGRHRECIRLLRKAGACLSPQDLKDAGTELCRLASRADMEGLQAWGQAGADLQQPGYDGRSALC
VAEAAGNQEVLALLRNLALVGPEVPPAI
;
_entity_poly.pdbx_strand_id   A,B,C,D
#
loop_
_chem_comp.id
_chem_comp.type
_chem_comp.name
_chem_comp.formula
EDO non-polymer 1,2-ETHANEDIOL 'C2 H6 O2'
#
# COMPACT_ATOMS: atom_id res chain seq x y z
N GLU A 31 -24.24 25.91 -18.80
CA GLU A 31 -24.87 24.68 -18.21
C GLU A 31 -24.46 23.38 -18.92
N ARG A 32 -24.37 22.29 -18.14
CA ARG A 32 -24.15 20.93 -18.65
C ARG A 32 -25.23 20.01 -18.07
N HIS A 33 -25.80 19.14 -18.90
CA HIS A 33 -26.97 18.36 -18.58
CA HIS A 33 -27.02 18.34 -18.50
C HIS A 33 -26.61 16.86 -18.52
N LEU A 34 -26.91 16.17 -17.41
CA LEU A 34 -26.57 14.75 -17.25
C LEU A 34 -27.82 13.91 -17.02
N LEU A 35 -27.75 12.67 -17.44
CA LEU A 35 -28.79 11.70 -17.11
C LEU A 35 -28.27 10.76 -16.05
N LEU A 36 -29.00 10.70 -14.93
CA LEU A 36 -28.69 9.79 -13.83
C LEU A 36 -29.62 8.57 -13.90
N ILE A 37 -29.04 7.45 -14.29
CA ILE A 37 -29.74 6.18 -14.45
C ILE A 37 -29.58 5.34 -13.19
N TYR A 38 -30.70 5.10 -12.52
CA TYR A 38 -30.68 4.41 -11.25
C TYR A 38 -31.18 2.99 -11.48
N THR A 39 -30.25 2.03 -11.45
CA THR A 39 -30.55 0.63 -11.78
C THR A 39 -30.84 -0.21 -10.56
N GLY A 40 -30.44 0.29 -9.41
CA GLY A 40 -30.56 -0.46 -8.17
C GLY A 40 -29.28 -0.37 -7.37
N GLY A 41 -28.98 -1.42 -6.61
CA GLY A 41 -27.77 -1.48 -5.82
C GLY A 41 -27.90 -0.91 -4.42
N THR A 42 -27.00 -1.31 -3.54
CA THR A 42 -27.05 -0.92 -2.12
C THR A 42 -27.15 0.59 -1.90
N LEU A 43 -26.64 1.38 -2.84
CA LEU A 43 -26.68 2.84 -2.68
C LEU A 43 -28.07 3.31 -2.38
N GLY A 44 -29.07 2.65 -2.95
CA GLY A 44 -30.46 3.03 -2.76
C GLY A 44 -31.35 2.04 -2.06
N MET A 45 -30.78 1.08 -1.35
CA MET A 45 -31.59 0.01 -0.76
C MET A 45 -32.25 0.42 0.56
N GLN A 46 -33.25 -0.39 0.94
CA GLN A 46 -34.00 -0.23 2.17
C GLN A 46 -34.14 -1.58 2.86
N SER A 47 -34.40 -1.57 4.17
CA SER A 47 -34.65 -2.82 4.94
C SER A 47 -36.06 -3.31 4.81
N LYS A 48 -36.22 -4.63 4.72
CA LYS A 48 -37.51 -5.25 4.66
C LYS A 48 -37.34 -6.73 4.90
N GLY A 49 -37.98 -7.21 5.97
CA GLY A 49 -37.83 -8.59 6.38
C GLY A 49 -36.44 -8.82 6.91
N GLY A 50 -35.82 -7.78 7.44
CA GLY A 50 -34.47 -7.86 8.00
C GLY A 50 -33.34 -8.02 7.01
N VAL A 51 -33.61 -7.84 5.72
CA VAL A 51 -32.57 -7.82 4.68
C VAL A 51 -32.68 -6.56 3.85
N LEU A 52 -31.59 -6.18 3.20
CA LEU A 52 -31.65 -5.06 2.27
C LEU A 52 -32.21 -5.50 0.93
N VAL A 53 -33.11 -4.67 0.40
CA VAL A 53 -33.68 -4.83 -0.95
C VAL A 53 -33.73 -3.48 -1.66
N PRO A 54 -33.87 -3.49 -3.01
CA PRO A 54 -33.91 -2.26 -3.79
C PRO A 54 -35.03 -1.29 -3.38
N GLY A 55 -34.69 -0.01 -3.28
CA GLY A 55 -35.59 1.02 -2.75
C GLY A 55 -35.89 2.10 -3.77
N PRO A 56 -37.18 2.30 -4.08
CA PRO A 56 -37.53 3.35 -5.04
C PRO A 56 -37.61 4.71 -4.40
N GLY A 57 -37.79 5.73 -5.22
CA GLY A 57 -38.09 7.09 -4.76
C GLY A 57 -36.84 7.95 -4.59
N LEU A 58 -35.85 7.74 -5.45
CA LEU A 58 -34.55 8.38 -5.27
C LEU A 58 -34.64 9.88 -5.47
N VAL A 59 -35.24 10.29 -6.58
CA VAL A 59 -35.44 11.71 -6.86
C VAL A 59 -36.12 12.45 -5.69
N THR A 60 -37.10 11.82 -5.06
CA THR A 60 -37.79 12.41 -3.91
C THR A 60 -36.83 12.72 -2.76
N LEU A 61 -35.94 11.78 -2.47
CA LEU A 61 -34.93 12.00 -1.45
C LEU A 61 -33.94 13.10 -1.84
N LEU A 62 -33.42 13.03 -3.07
CA LEU A 62 -32.38 13.92 -3.50
C LEU A 62 -32.79 15.39 -3.46
N ARG A 63 -34.05 15.66 -3.77
CA ARG A 63 -34.61 17.03 -3.67
C ARG A 63 -34.33 17.68 -2.32
N THR A 64 -34.41 16.89 -1.25
CA THR A 64 -34.36 17.40 0.12
C THR A 64 -32.94 17.67 0.58
N LEU A 65 -31.95 17.27 -0.24
CA LEU A 65 -30.55 17.39 0.14
C LEU A 65 -29.88 18.53 -0.61
N PRO A 66 -29.51 19.59 0.11
CA PRO A 66 -28.87 20.76 -0.49
C PRO A 66 -27.64 20.44 -1.35
N MET A 67 -26.82 19.50 -0.94
CA MET A 67 -25.64 19.14 -1.73
C MET A 67 -26.03 18.55 -3.09
N PHE A 68 -27.24 18.02 -3.22
CA PHE A 68 -27.70 17.40 -4.46
C PHE A 68 -28.71 18.22 -5.25
N HIS A 69 -29.28 19.24 -4.63
CA HIS A 69 -30.29 20.06 -5.31
C HIS A 69 -30.39 21.47 -4.74
N ASP A 70 -30.09 22.46 -5.57
CA ASP A 70 -30.15 23.85 -5.20
C ASP A 70 -31.56 24.41 -5.48
N LYS A 71 -32.42 24.34 -4.46
CA LYS A 71 -33.82 24.84 -4.53
C LYS A 71 -33.96 26.30 -4.95
N GLU A 72 -33.15 27.17 -4.36
CA GLU A 72 -33.18 28.58 -4.68
C GLU A 72 -33.01 28.79 -6.18
N PHE A 73 -31.95 28.22 -6.75
CA PHE A 73 -31.65 28.35 -8.17
C PHE A 73 -32.73 27.76 -9.06
N ALA A 74 -33.33 26.66 -8.63
CA ALA A 74 -34.33 25.96 -9.42
C ALA A 74 -35.55 26.84 -9.62
N GLN A 75 -36.03 27.45 -8.54
CA GLN A 75 -37.19 28.34 -8.63
C GLN A 75 -36.83 29.61 -9.39
N ALA A 76 -35.63 30.15 -9.13
CA ALA A 76 -35.10 31.30 -9.89
C ALA A 76 -35.07 31.09 -11.43
N GLN A 77 -35.02 29.84 -11.90
CA GLN A 77 -35.08 29.53 -13.32
C GLN A 77 -36.34 28.75 -13.63
N GLY A 78 -37.28 28.75 -12.68
CA GLY A 78 -38.47 27.91 -12.74
C GLY A 78 -38.26 26.61 -13.50
N LEU A 79 -37.37 25.76 -13.00
CA LEU A 79 -37.04 24.49 -13.67
C LEU A 79 -38.14 23.44 -13.51
N PRO A 80 -38.18 22.46 -14.44
CA PRO A 80 -39.12 21.35 -14.36
C PRO A 80 -39.00 20.54 -13.07
N ASP A 81 -40.03 19.76 -12.75
CA ASP A 81 -40.04 18.90 -11.55
C ASP A 81 -39.17 17.64 -11.66
N HIS A 82 -38.78 17.25 -12.87
CA HIS A 82 -37.96 16.05 -13.08
C HIS A 82 -36.44 16.33 -12.97
N ALA A 83 -36.07 17.61 -12.93
CA ALA A 83 -34.68 18.03 -13.14
C ALA A 83 -34.06 18.68 -11.92
N LEU A 84 -32.99 18.08 -11.41
CA LEU A 84 -32.28 18.63 -10.27
C LEU A 84 -31.08 19.44 -10.71
N ALA A 85 -30.54 20.19 -9.77
CA ALA A 85 -29.49 21.16 -10.03
C ALA A 85 -28.46 21.17 -8.90
N LEU A 86 -27.21 20.84 -9.22
CA LEU A 86 -26.16 20.90 -8.19
C LEU A 86 -25.83 22.35 -7.86
N PRO A 87 -25.49 22.61 -6.60
CA PRO A 87 -24.94 23.90 -6.28
C PRO A 87 -23.75 24.22 -7.14
N PRO A 88 -23.31 25.48 -7.11
CA PRO A 88 -22.23 25.86 -7.99
C PRO A 88 -20.82 25.65 -7.48
N ALA A 89 -19.94 25.18 -8.36
CA ALA A 89 -18.50 25.42 -8.21
C ALA A 89 -18.23 26.93 -8.59
N SER A 90 -17.24 27.60 -7.96
CA SER A 90 -16.91 29.04 -8.24
C SER A 90 -16.87 29.35 -9.73
N HIS A 91 -16.12 28.55 -10.47
CA HIS A 91 -15.97 28.69 -11.90
C HIS A 91 -16.29 27.38 -12.57
N GLY A 92 -16.40 27.42 -13.90
CA GLY A 92 -16.85 26.28 -14.70
C GLY A 92 -18.37 26.18 -14.76
N PRO A 93 -18.92 25.15 -15.45
CA PRO A 93 -20.35 25.14 -15.75
C PRO A 93 -21.24 24.65 -14.59
N ARG A 94 -22.48 25.13 -14.54
CA ARG A 94 -23.47 24.62 -13.61
C ARG A 94 -23.92 23.25 -14.10
N VAL A 95 -24.11 22.31 -13.18
CA VAL A 95 -24.48 20.94 -13.59
C VAL A 95 -25.94 20.63 -13.26
N LEU A 96 -26.71 20.25 -14.26
CA LEU A 96 -28.12 19.87 -14.06
C LEU A 96 -28.26 18.43 -14.43
N TYR A 97 -29.17 17.73 -13.78
CA TYR A 97 -29.35 16.32 -14.09
C TYR A 97 -30.75 15.83 -13.90
N THR A 98 -31.07 14.77 -14.61
CA THR A 98 -32.40 14.18 -14.61
C THR A 98 -32.25 12.75 -14.16
N VAL A 99 -33.09 12.34 -13.23
CA VAL A 99 -33.10 10.99 -12.68
C VAL A 99 -34.05 10.06 -13.43
N LEU A 100 -33.50 9.01 -14.01
CA LEU A 100 -34.28 7.98 -14.63
C LEU A 100 -34.15 6.76 -13.76
N GLU A 101 -35.27 6.38 -13.16
CA GLU A 101 -35.31 5.27 -12.22
C GLU A 101 -35.85 4.03 -12.98
N CYS A 102 -34.97 3.08 -13.26
CA CYS A 102 -35.35 1.82 -13.88
C CYS A 102 -36.32 1.06 -13.03
N GLN A 103 -37.11 0.21 -13.65
CA GLN A 103 -38.14 -0.52 -12.92
C GLN A 103 -38.37 -1.86 -13.57
N PRO A 104 -38.21 -2.96 -12.84
CA PRO A 104 -37.79 -2.98 -11.45
C PRO A 104 -36.30 -2.69 -11.19
N LEU A 105 -36.02 -2.14 -10.02
CA LEU A 105 -34.67 -1.93 -9.55
C LEU A 105 -34.08 -3.25 -9.10
N LEU A 106 -32.78 -3.43 -9.29
CA LEU A 106 -32.14 -4.71 -9.02
C LEU A 106 -30.95 -4.68 -8.08
N ASP A 107 -30.84 -5.68 -7.22
CA ASP A 107 -29.56 -6.06 -6.62
C ASP A 107 -28.68 -6.54 -7.77
N SER A 108 -27.44 -6.06 -7.81
CA SER A 108 -26.59 -6.29 -8.98
C SER A 108 -26.23 -7.76 -9.17
N SER A 109 -26.50 -8.57 -8.16
CA SER A 109 -26.29 -10.02 -8.28
C SER A 109 -27.30 -10.69 -9.21
N ASP A 110 -28.44 -10.05 -9.43
CA ASP A 110 -29.40 -10.53 -10.41
C ASP A 110 -29.19 -9.99 -11.82
N MET A 111 -28.13 -9.23 -12.08
CA MET A 111 -27.96 -8.60 -13.39
C MET A 111 -27.23 -9.48 -14.39
N THR A 112 -27.58 -9.30 -15.66
CA THR A 112 -27.09 -10.13 -16.75
C THR A 112 -26.79 -9.23 -17.94
N ILE A 113 -26.33 -9.84 -19.02
CA ILE A 113 -26.07 -9.17 -20.26
C ILE A 113 -27.26 -8.38 -20.73
N ASP A 114 -28.46 -8.95 -20.60
CA ASP A 114 -29.65 -8.27 -21.07
C ASP A 114 -29.91 -6.96 -20.33
N ASP A 115 -29.67 -6.96 -19.04
CA ASP A 115 -29.79 -5.74 -18.26
C ASP A 115 -28.78 -4.67 -18.71
N TRP A 116 -27.56 -5.09 -19.00
CA TRP A 116 -26.57 -4.14 -19.44
C TRP A 116 -26.87 -3.62 -20.84
N ILE A 117 -27.45 -4.46 -21.69
CA ILE A 117 -27.90 -4.02 -23.01
C ILE A 117 -28.99 -2.99 -22.85
N ARG A 118 -29.93 -3.22 -21.94
CA ARG A 118 -30.99 -2.26 -21.71
C ARG A 118 -30.40 -0.90 -21.35
N ILE A 119 -29.33 -0.90 -20.57
CA ILE A 119 -28.75 0.36 -20.11
C ILE A 119 -28.09 1.08 -21.24
N ALA A 120 -27.32 0.32 -22.03
CA ALA A 120 -26.68 0.87 -23.21
C ALA A 120 -27.71 1.51 -24.15
N LYS A 121 -28.86 0.87 -24.30
CA LYS A 121 -29.94 1.37 -25.12
C LYS A 121 -30.57 2.63 -24.58
N ILE A 122 -30.66 2.75 -23.26
CA ILE A 122 -31.08 4.00 -22.65
C ILE A 122 -30.11 5.12 -23.05
N ILE A 123 -28.81 4.82 -23.01
CA ILE A 123 -27.80 5.83 -23.28
C ILE A 123 -27.89 6.19 -24.75
N GLU A 124 -28.14 5.20 -25.57
CA GLU A 124 -28.30 5.43 -27.01
C GLU A 124 -29.50 6.31 -27.28
N ARG A 125 -30.66 5.97 -26.72
CA ARG A 125 -31.88 6.74 -26.95
C ARG A 125 -31.69 8.22 -26.65
N HIS A 126 -30.99 8.54 -25.57
CA HIS A 126 -30.91 9.92 -25.10
C HIS A 126 -29.57 10.55 -25.34
N TYR A 127 -28.75 9.94 -26.19
CA TYR A 127 -27.35 10.37 -26.35
C TYR A 127 -27.18 11.83 -26.71
N GLU A 128 -28.12 12.36 -27.48
CA GLU A 128 -27.98 13.69 -28.05
C GLU A 128 -28.46 14.75 -27.08
N GLN A 129 -29.37 14.40 -26.17
CA GLN A 129 -29.93 15.36 -25.23
C GLN A 129 -29.04 15.65 -24.02
N TYR A 130 -27.98 14.88 -23.81
CA TYR A 130 -27.21 14.97 -22.56
C TYR A 130 -25.72 14.97 -22.79
N GLN A 131 -24.96 15.67 -21.95
CA GLN A 131 -23.52 15.80 -22.11
C GLN A 131 -22.73 14.69 -21.42
N GLY A 132 -23.42 13.93 -20.58
CA GLY A 132 -22.80 12.80 -19.87
C GLY A 132 -23.80 11.97 -19.07
N PHE A 133 -23.32 10.85 -18.52
CA PHE A 133 -24.19 9.86 -17.86
C PHE A 133 -23.59 9.30 -16.59
N VAL A 134 -24.45 9.08 -15.60
CA VAL A 134 -24.06 8.42 -14.39
C VAL A 134 -25.00 7.25 -14.16
N VAL A 135 -24.42 6.08 -13.87
CA VAL A 135 -25.20 4.89 -13.64
C VAL A 135 -25.00 4.40 -12.22
N ILE A 136 -26.04 4.47 -11.41
CA ILE A 136 -26.04 3.87 -10.08
C ILE A 136 -26.33 2.38 -10.19
N HIS A 137 -25.45 1.62 -9.56
CA HIS A 137 -25.33 0.18 -9.80
C HIS A 137 -24.84 -0.48 -8.52
N GLY A 138 -25.26 -1.72 -8.31
CA GLY A 138 -24.70 -2.50 -7.20
C GLY A 138 -23.24 -2.88 -7.43
N THR A 139 -22.54 -3.16 -6.35
CA THR A 139 -21.12 -3.46 -6.41
C THR A 139 -20.88 -4.87 -6.84
N ASP A 140 -21.76 -5.78 -6.43
CA ASP A 140 -21.56 -7.20 -6.68
C ASP A 140 -21.12 -7.54 -8.12
N THR A 141 -21.73 -6.94 -9.14
CA THR A 141 -21.35 -7.17 -10.54
C THR A 141 -21.02 -5.89 -11.31
N MET A 142 -20.77 -4.81 -10.58
CA MET A 142 -20.28 -3.56 -11.12
C MET A 142 -19.17 -3.70 -12.15
N ALA A 143 -18.13 -4.48 -11.85
CA ALA A 143 -17.00 -4.61 -12.76
C ALA A 143 -17.41 -5.27 -14.07
N SER A 144 -18.25 -6.28 -13.99
CA SER A 144 -18.81 -6.91 -15.21
C SER A 144 -19.63 -5.93 -16.02
N GLY A 145 -20.51 -5.21 -15.36
CA GLY A 145 -21.30 -4.19 -16.01
C GLY A 145 -20.48 -3.08 -16.66
N ALA A 146 -19.48 -2.57 -15.96
CA ALA A 146 -18.62 -1.52 -16.54
C ALA A 146 -17.93 -2.05 -17.78
N SER A 147 -17.37 -3.24 -17.69
CA SER A 147 -16.68 -3.82 -18.85
C SER A 147 -17.63 -4.04 -20.03
N MET A 148 -18.81 -4.57 -19.76
CA MET A 148 -19.78 -4.81 -20.82
C MET A 148 -20.13 -3.51 -21.53
N LEU A 149 -20.49 -2.47 -20.77
CA LEU A 149 -20.86 -1.20 -21.40
C LEU A 149 -19.71 -0.60 -22.17
N SER A 150 -18.50 -0.73 -21.63
CA SER A 150 -17.31 -0.31 -22.33
C SER A 150 -17.28 -0.83 -23.77
N PHE A 151 -17.56 -2.11 -23.96
CA PHE A 151 -17.60 -2.69 -25.31
C PHE A 151 -18.82 -2.35 -26.16
N MET A 152 -19.99 -2.35 -25.53
CA MET A 152 -21.21 -2.08 -26.25
C MET A 152 -21.23 -0.67 -26.82
N LEU A 153 -20.63 0.28 -26.12
CA LEU A 153 -20.69 1.67 -26.54
C LEU A 153 -19.50 2.09 -27.40
N GLU A 154 -19.47 1.60 -28.64
CA GLU A 154 -18.40 1.92 -29.61
C GLU A 154 -18.35 3.40 -30.07
N ASN A 155 -17.15 3.97 -30.04
CA ASN A 155 -16.88 5.34 -30.39
C ASN A 155 -17.47 6.34 -29.42
N LEU A 156 -17.72 5.90 -28.20
CA LEU A 156 -18.29 6.77 -27.18
C LEU A 156 -17.52 8.09 -27.09
N HIS A 157 -18.27 9.18 -26.99
CA HIS A 157 -17.69 10.54 -26.96
C HIS A 157 -17.85 11.27 -25.63
N LYS A 158 -18.67 10.71 -24.73
CA LYS A 158 -19.10 11.37 -23.51
C LYS A 158 -18.85 10.46 -22.33
N PRO A 159 -18.79 11.03 -21.12
CA PRO A 159 -18.54 10.21 -19.96
C PRO A 159 -19.75 9.42 -19.52
N VAL A 160 -19.50 8.16 -19.16
CA VAL A 160 -20.48 7.27 -18.55
C VAL A 160 -19.83 6.80 -17.27
N ILE A 161 -20.32 7.27 -16.14
CA ILE A 161 -19.68 7.00 -14.87
C ILE A 161 -20.54 6.11 -14.04
N LEU A 162 -20.07 4.89 -13.80
CA LEU A 162 -20.74 4.02 -12.85
C LEU A 162 -20.31 4.34 -11.44
N THR A 163 -21.24 4.20 -10.52
CA THR A 163 -20.91 4.38 -9.12
C THR A 163 -21.86 3.51 -8.27
N GLY A 164 -21.47 3.30 -7.02
CA GLY A 164 -22.29 2.53 -6.09
C GLY A 164 -21.87 2.82 -4.67
N ALA A 165 -22.30 1.98 -3.72
CA ALA A 165 -21.92 2.18 -2.34
C ALA A 165 -22.02 0.89 -1.56
N GLN A 166 -21.28 0.83 -0.46
CA GLN A 166 -21.36 -0.27 0.49
C GLN A 166 -22.46 -0.09 1.54
N VAL A 167 -22.93 1.15 1.71
CA VAL A 167 -23.92 1.49 2.73
C VAL A 167 -24.98 2.38 2.09
N PRO A 168 -26.27 2.10 2.32
CA PRO A 168 -27.28 2.89 1.63
C PRO A 168 -27.27 4.38 1.97
N ILE A 169 -27.69 5.19 1.02
CA ILE A 169 -27.71 6.62 1.21
C ILE A 169 -28.66 7.06 2.32
N ARG A 170 -29.68 6.25 2.60
CA ARG A 170 -30.64 6.56 3.67
C ARG A 170 -30.09 6.30 5.05
N VAL A 171 -29.01 5.54 5.15
CA VAL A 171 -28.35 5.28 6.43
C VAL A 171 -27.40 6.46 6.68
N LEU A 172 -27.39 7.01 7.88
CA LEU A 172 -26.69 8.27 8.13
C LEU A 172 -25.20 8.21 7.81
N TRP A 173 -24.50 7.24 8.38
CA TRP A 173 -23.07 7.13 8.06
C TRP A 173 -22.86 6.27 6.83
N ASN A 174 -22.59 6.90 5.71
CA ASN A 174 -22.46 6.15 4.46
C ASN A 174 -21.40 6.68 3.52
N ASP A 175 -21.10 5.88 2.49
CA ASP A 175 -20.20 6.28 1.39
C ASP A 175 -21.00 6.70 0.17
N ALA A 176 -22.32 6.58 0.25
CA ALA A 176 -23.19 6.86 -0.88
C ALA A 176 -23.20 8.32 -1.28
N ARG A 177 -23.33 9.22 -0.32
CA ARG A 177 -23.44 10.65 -0.67
C ARG A 177 -22.25 11.07 -1.51
N GLU A 178 -21.02 10.84 -1.03
CA GLU A 178 -19.86 11.37 -1.72
C GLU A 178 -19.55 10.62 -3.00
N ASN A 179 -19.89 9.34 -3.07
CA ASN A 179 -19.73 8.60 -4.32
C ASN A 179 -20.66 9.12 -5.40
N LEU A 180 -21.92 9.40 -5.06
CA LEU A 180 -22.84 9.90 -6.07
C LEU A 180 -22.47 11.28 -6.53
N LEU A 181 -22.16 12.16 -5.58
CA LEU A 181 -21.76 13.53 -5.93
C LEU A 181 -20.54 13.55 -6.82
N GLY A 182 -19.55 12.71 -6.51
CA GLY A 182 -18.31 12.72 -7.28
C GLY A 182 -18.56 12.28 -8.70
N ALA A 183 -19.40 11.27 -8.86
CA ALA A 183 -19.73 10.81 -10.19
C ALA A 183 -20.39 11.92 -11.00
N LEU A 184 -21.33 12.60 -10.40
CA LEU A 184 -22.01 13.69 -11.11
C LEU A 184 -21.03 14.80 -11.45
N LEU A 185 -20.16 15.16 -10.53
CA LEU A 185 -19.19 16.20 -10.83
C LEU A 185 -18.15 15.83 -11.86
N VAL A 186 -17.78 14.57 -11.96
CA VAL A 186 -16.85 14.17 -13.00
C VAL A 186 -17.54 14.23 -14.36
N ALA A 187 -18.68 13.58 -14.48
CA ALA A 187 -19.43 13.56 -15.74
C ALA A 187 -19.78 14.97 -16.17
N GLY A 188 -20.08 15.80 -15.19
CA GLY A 188 -20.53 17.14 -15.46
C GLY A 188 -19.44 18.08 -15.88
N GLN A 189 -18.20 17.80 -15.54
CA GLN A 189 -17.16 18.81 -15.69
C GLN A 189 -15.98 18.42 -16.55
N TYR A 190 -15.85 17.14 -16.87
CA TYR A 190 -14.69 16.70 -17.62
C TYR A 190 -15.14 15.83 -18.76
N ILE A 191 -14.41 15.91 -19.86
CA ILE A 191 -14.74 15.15 -21.05
C ILE A 191 -13.80 13.96 -21.11
N ILE A 192 -14.24 12.90 -20.45
CA ILE A 192 -13.56 11.62 -20.40
C ILE A 192 -14.50 10.64 -21.09
N PRO A 193 -14.21 10.31 -22.33
CA PRO A 193 -15.11 9.53 -23.17
C PRO A 193 -15.01 8.03 -22.93
N GLU A 194 -15.26 7.60 -21.70
CA GLU A 194 -15.03 6.22 -21.32
C GLU A 194 -16.07 5.80 -20.32
N VAL A 195 -16.33 4.51 -20.27
CA VAL A 195 -17.10 3.96 -19.19
C VAL A 195 -16.11 3.86 -18.02
N CYS A 196 -16.43 4.57 -16.95
CA CYS A 196 -15.58 4.62 -15.77
C CYS A 196 -16.33 4.14 -14.53
N LEU A 197 -15.57 3.92 -13.45
CA LEU A 197 -16.15 3.67 -12.14
C LEU A 197 -15.59 4.70 -11.19
N PHE A 198 -16.47 5.42 -10.52
CA PHE A 198 -16.07 6.36 -9.51
C PHE A 198 -16.48 5.82 -8.15
N MET A 199 -15.49 5.56 -7.31
CA MET A 199 -15.70 5.21 -5.91
C MET A 199 -14.54 5.64 -5.02
N ASN A 200 -14.89 6.21 -3.88
CA ASN A 200 -13.90 6.50 -2.85
C ASN A 200 -12.81 7.43 -3.38
N SER A 201 -13.25 8.53 -4.01
CA SER A 201 -12.35 9.57 -4.53
C SER A 201 -11.40 9.14 -5.65
N GLN A 202 -11.72 8.04 -6.31
CA GLN A 202 -10.94 7.58 -7.44
C GLN A 202 -11.84 7.35 -8.64
N LEU A 203 -11.35 7.71 -9.82
CA LEU A 203 -11.98 7.36 -11.07
C LEU A 203 -11.15 6.29 -11.72
N PHE A 204 -11.77 5.14 -11.98
CA PHE A 204 -11.07 4.04 -12.67
C PHE A 204 -11.62 3.79 -14.05
N ARG A 205 -10.77 3.29 -14.94
CA ARG A 205 -11.25 2.82 -16.21
C ARG A 205 -12.12 1.60 -15.94
N GLY A 206 -13.35 1.63 -16.44
CA GLY A 206 -14.31 0.59 -16.13
C GLY A 206 -13.85 -0.82 -16.45
N ASN A 207 -13.27 -1.00 -17.63
CA ASN A 207 -12.87 -2.33 -18.04
C ASN A 207 -11.55 -2.77 -17.41
N ARG A 208 -11.05 -2.01 -16.43
CA ARG A 208 -9.79 -2.32 -15.74
C ARG A 208 -9.98 -2.67 -14.25
N VAL A 209 -11.21 -2.61 -13.74
CA VAL A 209 -11.46 -2.77 -12.30
C VAL A 209 -11.98 -4.14 -11.95
N THR A 210 -11.82 -4.46 -10.68
CA THR A 210 -12.37 -5.67 -10.09
C THR A 210 -12.59 -5.40 -8.59
N MET A 211 -13.48 -6.16 -7.96
CA MET A 211 -13.88 -5.88 -6.59
C MET A 211 -12.96 -6.65 -5.69
N VAL A 212 -12.32 -5.96 -4.75
CA VAL A 212 -11.33 -6.60 -3.88
C VAL A 212 -11.72 -6.66 -2.43
N ASP A 213 -12.72 -5.90 -2.00
CA ASP A 213 -13.08 -5.84 -0.59
C ASP A 213 -14.58 -5.77 -0.47
N SER A 214 -15.15 -6.72 0.28
CA SER A 214 -16.57 -6.85 0.35
C SER A 214 -17.18 -5.98 1.43
N GLN A 215 -16.38 -5.39 2.32
CA GLN A 215 -16.94 -4.52 3.36
C GLN A 215 -16.42 -3.09 3.34
N LYS A 216 -15.16 -2.91 3.01
CA LYS A 216 -14.55 -1.59 3.12
C LYS A 216 -15.00 -0.65 2.00
N PHE A 217 -14.91 0.65 2.23
CA PHE A 217 -15.28 1.63 1.22
C PHE A 217 -14.33 1.62 0.03
N GLU A 218 -13.07 1.28 0.25
CA GLU A 218 -12.14 1.03 -0.85
C GLU A 218 -12.40 -0.38 -1.42
N ALA A 219 -13.50 -0.51 -2.16
CA ALA A 219 -13.98 -1.82 -2.54
C ALA A 219 -13.36 -2.32 -3.82
N PHE A 220 -12.94 -1.41 -4.67
CA PHE A 220 -12.42 -1.74 -5.99
C PHE A 220 -10.99 -1.33 -6.15
N CYS A 221 -10.32 -2.06 -7.02
CA CYS A 221 -8.92 -1.90 -7.37
C CYS A 221 -8.84 -1.94 -8.90
N SER A 222 -7.90 -1.20 -9.45
CA SER A 222 -7.53 -1.27 -10.85
C SER A 222 -6.10 -1.84 -10.87
N PRO A 223 -5.97 -3.15 -10.84
CA PRO A 223 -4.67 -3.71 -10.54
C PRO A 223 -3.56 -3.42 -11.53
N ASN A 224 -3.89 -3.27 -12.81
CA ASN A 224 -2.89 -3.17 -13.88
C ASN A 224 -2.91 -1.83 -14.62
N LEU A 225 -3.54 -0.82 -14.03
CA LEU A 225 -3.56 0.50 -14.63
C LEU A 225 -3.83 1.51 -13.54
N SER A 226 -3.12 2.64 -13.57
CA SER A 226 -3.46 3.73 -12.68
C SER A 226 -4.88 4.12 -12.87
N PRO A 227 -5.43 4.77 -11.85
CA PRO A 227 -6.71 5.43 -12.01
C PRO A 227 -6.63 6.50 -13.07
N LEU A 228 -7.74 6.77 -13.74
CA LEU A 228 -7.82 7.88 -14.67
C LEU A 228 -7.82 9.19 -13.91
N ALA A 229 -8.31 9.19 -12.67
CA ALA A 229 -8.35 10.41 -11.90
C ALA A 229 -8.47 10.18 -10.41
N THR A 230 -8.06 11.22 -9.68
CA THR A 230 -8.06 11.21 -8.23
C THR A 230 -8.55 12.56 -7.76
N VAL A 231 -9.36 12.55 -6.72
CA VAL A 231 -9.91 13.77 -6.17
C VAL A 231 -9.33 13.99 -4.78
N GLY A 232 -8.81 15.18 -4.55
CA GLY A 232 -8.27 15.52 -3.26
C GLY A 232 -8.49 16.97 -3.10
N ALA A 233 -7.50 17.66 -2.57
CA ALA A 233 -7.47 19.13 -2.55
C ALA A 233 -7.70 19.70 -3.94
N ASP A 234 -7.21 19.01 -4.96
CA ASP A 234 -7.47 19.34 -6.34
C ASP A 234 -7.73 18.05 -7.09
N VAL A 235 -8.09 18.17 -8.36
CA VAL A 235 -8.44 17.00 -9.14
C VAL A 235 -7.33 16.67 -10.11
N THR A 236 -6.75 15.50 -9.98
CA THR A 236 -5.67 15.12 -10.86
C THR A 236 -6.16 14.09 -11.88
N ILE A 237 -6.04 14.40 -13.16
CA ILE A 237 -6.44 13.51 -14.21
C ILE A 237 -5.22 13.04 -15.00
N ALA A 238 -5.20 11.79 -15.38
CA ALA A 238 -4.09 11.23 -16.15
C ALA A 238 -4.47 11.28 -17.61
N TRP A 239 -4.38 12.48 -18.16
CA TRP A 239 -4.75 12.75 -19.55
C TRP A 239 -3.97 11.92 -20.57
N ASP A 240 -2.75 11.56 -20.22
CA ASP A 240 -1.92 10.63 -21.01
C ASP A 240 -2.55 9.25 -21.17
N LEU A 241 -3.44 8.88 -20.27
CA LEU A 241 -4.13 7.58 -20.33
C LEU A 241 -5.53 7.71 -20.89
N VAL A 242 -6.18 8.84 -20.68
CA VAL A 242 -7.55 8.97 -21.13
C VAL A 242 -7.63 8.88 -22.64
N ARG A 243 -8.64 8.18 -23.14
CA ARG A 243 -8.78 7.95 -24.57
C ARG A 243 -9.28 9.18 -25.32
N LYS A 244 -8.96 9.23 -26.60
CA LYS A 244 -9.24 10.41 -27.44
C LYS A 244 -10.63 10.31 -28.06
N VAL A 245 -11.34 11.43 -28.06
CA VAL A 245 -12.66 11.55 -28.67
C VAL A 245 -12.55 11.43 -30.18
N LYS A 246 -13.31 10.52 -30.78
CA LYS A 246 -13.29 10.34 -32.22
C LYS A 246 -14.53 11.00 -32.82
N TRP A 247 -14.42 12.32 -33.00
CA TRP A 247 -15.53 13.20 -33.36
C TRP A 247 -16.20 12.89 -34.68
N LYS A 248 -15.43 12.34 -35.59
CA LYS A 248 -15.88 11.99 -36.92
C LYS A 248 -16.85 10.83 -36.87
N ASP A 249 -16.51 9.83 -36.06
CA ASP A 249 -17.22 8.56 -36.01
C ASP A 249 -18.46 8.63 -35.11
N PRO A 250 -19.60 8.10 -35.57
CA PRO A 250 -20.79 8.13 -34.71
C PRO A 250 -20.82 6.99 -33.69
N LEU A 251 -21.64 7.14 -32.67
CA LEU A 251 -21.83 6.11 -31.68
C LEU A 251 -22.50 4.90 -32.28
N VAL A 252 -21.87 3.74 -32.14
CA VAL A 252 -22.48 2.47 -32.56
C VAL A 252 -22.67 1.58 -31.33
N VAL A 253 -23.91 1.29 -31.00
CA VAL A 253 -24.23 0.49 -29.84
C VAL A 253 -24.41 -0.95 -30.25
N HIS A 254 -23.68 -1.85 -29.60
CA HIS A 254 -23.76 -3.25 -29.94
C HIS A 254 -24.76 -3.99 -29.05
N SER A 255 -25.99 -4.20 -29.53
CA SER A 255 -26.93 -5.12 -28.90
C SER A 255 -26.63 -6.57 -29.20
N ASN A 256 -25.81 -6.77 -30.22
CA ASN A 256 -25.40 -8.08 -30.68
C ASN A 256 -24.25 -8.59 -29.85
N MET A 257 -24.52 -8.90 -28.59
CA MET A 257 -23.51 -9.45 -27.69
C MET A 257 -23.83 -10.92 -27.51
N GLU A 258 -22.85 -11.78 -27.69
CA GLU A 258 -23.05 -13.22 -27.61
C GLU A 258 -23.32 -13.62 -26.18
N HIS A 259 -24.44 -14.30 -25.95
CA HIS A 259 -24.83 -14.75 -24.60
C HIS A 259 -24.12 -16.02 -24.19
N ASP A 260 -23.90 -16.95 -25.11
CA ASP A 260 -23.27 -18.24 -24.75
C ASP A 260 -21.75 -18.15 -24.57
N VAL A 261 -21.35 -17.42 -23.54
CA VAL A 261 -19.98 -17.36 -23.11
C VAL A 261 -19.97 -17.67 -21.63
N ALA A 262 -18.85 -18.19 -21.13
CA ALA A 262 -18.75 -18.56 -19.76
C ALA A 262 -17.37 -18.32 -19.21
N LEU A 263 -17.26 -18.49 -17.91
CA LEU A 263 -16.01 -18.39 -17.20
C LEU A 263 -15.80 -19.67 -16.40
N LEU A 264 -14.60 -20.22 -16.47
CA LEU A 264 -14.30 -21.48 -15.79
C LEU A 264 -12.99 -21.35 -15.05
N ARG A 265 -13.02 -21.52 -13.74
CA ARG A 265 -11.83 -21.41 -12.96
C ARG A 265 -11.25 -22.76 -12.67
N LEU A 266 -10.02 -22.96 -13.09
CA LEU A 266 -9.29 -24.17 -12.78
C LEU A 266 -8.99 -24.27 -11.29
N TYR A 267 -8.94 -25.51 -10.80
CA TYR A 267 -8.53 -25.80 -9.43
C TYR A 267 -7.70 -27.10 -9.55
N PRO A 268 -6.82 -27.36 -8.56
CA PRO A 268 -5.91 -28.52 -8.75
C PRO A 268 -6.64 -29.83 -8.86
N GLY A 269 -6.23 -30.63 -9.81
CA GLY A 269 -6.88 -31.91 -10.01
C GLY A 269 -8.20 -31.88 -10.75
N ILE A 270 -8.62 -30.71 -11.23
CA ILE A 270 -9.89 -30.63 -11.94
C ILE A 270 -9.95 -31.74 -13.02
N PRO A 271 -10.97 -32.61 -12.97
CA PRO A 271 -11.01 -33.74 -13.90
C PRO A 271 -11.48 -33.37 -15.30
N ALA A 272 -10.94 -34.09 -16.26
CA ALA A 272 -11.28 -33.89 -17.67
C ALA A 272 -12.78 -34.05 -17.95
N SER A 273 -13.43 -34.98 -17.26
CA SER A 273 -14.84 -35.22 -17.53
C SER A 273 -15.71 -34.01 -17.12
N LEU A 274 -15.27 -33.28 -16.10
CA LEU A 274 -16.00 -32.12 -15.67
C LEU A 274 -15.80 -30.97 -16.66
N VAL A 275 -14.59 -30.83 -17.17
CA VAL A 275 -14.33 -29.84 -18.20
C VAL A 275 -15.11 -30.18 -19.48
N ARG A 276 -15.10 -31.45 -19.90
CA ARG A 276 -15.88 -31.90 -21.06
C ARG A 276 -17.32 -31.39 -20.94
N ALA A 277 -17.93 -31.63 -19.79
CA ALA A 277 -19.32 -31.23 -19.57
C ALA A 277 -19.52 -29.71 -19.66
N PHE A 278 -18.55 -28.97 -19.13
CA PHE A 278 -18.64 -27.55 -19.06
C PHE A 278 -18.61 -26.94 -20.43
N LEU A 279 -17.83 -27.52 -21.32
CA LEU A 279 -17.63 -26.96 -22.65
C LEU A 279 -18.54 -27.55 -23.72
N GLN A 280 -19.65 -28.16 -23.33
CA GLN A 280 -20.54 -28.75 -24.32
C GLN A 280 -21.25 -27.66 -25.10
N PRO A 281 -21.69 -27.96 -26.33
CA PRO A 281 -22.55 -27.01 -27.02
C PRO A 281 -23.78 -26.75 -26.17
N PRO A 282 -24.34 -25.54 -26.20
CA PRO A 282 -24.07 -24.53 -27.22
C PRO A 282 -23.01 -23.46 -26.88
N LEU A 283 -22.13 -23.73 -25.93
CA LEU A 283 -21.15 -22.73 -25.55
C LEU A 283 -20.25 -22.34 -26.73
N LYS A 284 -20.03 -21.04 -26.92
CA LYS A 284 -19.21 -20.52 -28.02
C LYS A 284 -17.85 -20.00 -27.55
N GLY A 285 -17.80 -19.52 -26.32
CA GLY A 285 -16.59 -18.91 -25.78
C GLY A 285 -16.43 -19.15 -24.30
N VAL A 286 -15.18 -19.27 -23.85
CA VAL A 286 -14.92 -19.42 -22.43
C VAL A 286 -13.66 -18.72 -21.97
N VAL A 287 -13.72 -18.12 -20.79
CA VAL A 287 -12.53 -17.59 -20.16
C VAL A 287 -12.06 -18.64 -19.17
N LEU A 288 -10.85 -19.13 -19.38
CA LEU A 288 -10.24 -20.05 -18.43
C LEU A 288 -9.38 -19.25 -17.48
N GLU A 289 -9.71 -19.24 -16.20
CA GLU A 289 -8.88 -18.61 -15.22
C GLU A 289 -7.85 -19.63 -14.72
N THR A 290 -6.59 -19.39 -15.04
CA THR A 290 -5.51 -20.36 -14.88
C THR A 290 -4.56 -19.96 -13.75
N PHE A 291 -3.58 -20.78 -13.47
CA PHE A 291 -2.69 -20.53 -12.35
C PHE A 291 -1.54 -19.65 -12.77
N GLY A 292 -1.09 -18.81 -11.85
CA GLY A 292 0.16 -18.05 -12.05
C GLY A 292 0.24 -17.28 -13.34
N SER A 293 1.35 -17.47 -14.06
CA SER A 293 1.59 -16.76 -15.33
C SER A 293 0.76 -17.31 -16.48
N GLY A 294 -0.18 -18.21 -16.21
CA GLY A 294 -1.14 -18.63 -17.21
C GLY A 294 -1.06 -20.12 -17.49
N ASN A 295 -1.05 -20.93 -16.44
CA ASN A 295 -0.73 -22.34 -16.56
C ASN A 295 -1.83 -23.22 -16.01
N GLY A 296 -1.84 -24.47 -16.47
CA GLY A 296 -2.73 -25.47 -15.96
C GLY A 296 -2.12 -26.85 -15.97
N PRO A 297 -2.89 -27.85 -15.56
CA PRO A 297 -2.38 -29.22 -15.62
C PRO A 297 -2.10 -29.66 -17.06
N SER A 298 -1.00 -30.37 -17.23
CA SER A 298 -0.61 -30.86 -18.55
C SER A 298 -1.12 -32.28 -18.79
N LYS A 299 -1.88 -32.83 -17.87
CA LYS A 299 -2.40 -34.20 -18.07
C LYS A 299 -3.17 -34.28 -19.42
N PRO A 300 -2.84 -35.28 -20.24
CA PRO A 300 -3.35 -35.36 -21.60
C PRO A 300 -4.87 -35.39 -21.74
N ASP A 301 -5.58 -36.06 -20.85
CA ASP A 301 -7.03 -36.17 -21.03
C ASP A 301 -7.68 -34.79 -20.94
N LEU A 302 -7.09 -33.92 -20.14
CA LEU A 302 -7.57 -32.56 -20.03
C LEU A 302 -7.26 -31.81 -21.30
N LEU A 303 -6.03 -31.93 -21.76
CA LEU A 303 -5.65 -31.20 -22.97
C LEU A 303 -6.49 -31.66 -24.16
N GLN A 304 -6.77 -32.97 -24.21
CA GLN A 304 -7.63 -33.54 -25.24
C GLN A 304 -8.98 -32.87 -25.29
N GLU A 305 -9.57 -32.58 -24.13
CA GLU A 305 -10.87 -31.88 -24.14
C GLU A 305 -10.80 -30.45 -24.65
N LEU A 306 -9.71 -29.75 -24.37
CA LEU A 306 -9.58 -28.37 -24.85
C LEU A 306 -9.44 -28.42 -26.33
N ARG A 307 -8.64 -29.36 -26.80
CA ARG A 307 -8.47 -29.59 -28.23
C ARG A 307 -9.80 -30.01 -28.90
N ALA A 308 -10.57 -30.89 -28.27
CA ALA A 308 -11.85 -31.30 -28.86
C ALA A 308 -12.78 -30.10 -28.97
N ALA A 309 -12.73 -29.22 -27.96
CA ALA A 309 -13.61 -28.06 -27.93
C ALA A 309 -13.25 -27.11 -29.07
N ALA A 310 -11.94 -26.91 -29.28
CA ALA A 310 -11.46 -26.11 -30.40
C ALA A 310 -11.98 -26.62 -31.76
N GLN A 311 -12.00 -27.94 -31.96
CA GLN A 311 -12.49 -28.52 -33.22
C GLN A 311 -13.97 -28.25 -33.38
N ARG A 312 -14.72 -28.23 -32.28
CA ARG A 312 -16.12 -27.83 -32.33
C ARG A 312 -16.28 -26.33 -32.61
N GLY A 313 -15.19 -25.58 -32.59
CA GLY A 313 -15.22 -24.15 -32.93
C GLY A 313 -15.30 -23.20 -31.74
N LEU A 314 -15.11 -23.73 -30.54
CA LEU A 314 -15.09 -22.90 -29.33
C LEU A 314 -13.85 -22.02 -29.24
N ILE A 315 -14.02 -20.79 -28.76
CA ILE A 315 -12.87 -19.94 -28.50
C ILE A 315 -12.60 -19.80 -27.02
N MET A 316 -11.32 -19.86 -26.65
CA MET A 316 -10.90 -19.87 -25.26
C MET A 316 -9.92 -18.72 -25.01
N VAL A 317 -10.13 -17.99 -23.93
CA VAL A 317 -9.21 -16.93 -23.53
C VAL A 317 -8.56 -17.29 -22.23
N ASN A 318 -7.23 -17.20 -22.18
CA ASN A 318 -6.51 -17.56 -20.98
C ASN A 318 -6.25 -16.34 -20.13
N CYS A 319 -6.87 -16.28 -18.94
CA CYS A 319 -6.63 -15.23 -17.94
C CYS A 319 -6.05 -15.83 -16.70
N SER A 320 -5.23 -15.07 -15.99
CA SER A 320 -4.65 -15.52 -14.75
C SER A 320 -5.61 -15.30 -13.58
N GLN A 321 -5.63 -16.27 -12.66
CA GLN A 321 -6.33 -16.10 -11.39
C GLN A 321 -5.74 -14.97 -10.56
N CYS A 322 -4.43 -14.72 -10.68
CA CYS A 322 -3.77 -13.62 -9.98
C CYS A 322 -4.37 -12.28 -10.29
N LEU A 323 -4.39 -11.43 -9.28
CA LEU A 323 -4.96 -10.10 -9.38
C LEU A 323 -4.07 -9.21 -10.25
N ARG A 324 -2.76 -9.22 -9.98
CA ARG A 324 -1.77 -8.38 -10.65
C ARG A 324 -0.85 -9.20 -11.56
N GLY A 325 -0.41 -8.56 -12.64
CA GLY A 325 0.50 -9.16 -13.61
C GLY A 325 -0.17 -9.59 -14.89
N SER A 326 0.55 -10.38 -15.68
CA SER A 326 0.15 -10.75 -17.04
C SER A 326 0.32 -12.23 -17.30
N VAL A 327 -0.51 -12.75 -18.19
CA VAL A 327 -0.34 -14.11 -18.68
C VAL A 327 0.79 -14.11 -19.69
N THR A 328 1.73 -15.02 -19.54
CA THR A 328 2.91 -15.06 -20.40
C THR A 328 3.29 -16.50 -20.63
N PRO A 329 3.76 -16.83 -21.83
CA PRO A 329 4.33 -18.17 -21.99
C PRO A 329 5.68 -18.35 -21.25
N GLY A 330 6.19 -19.58 -21.23
CA GLY A 330 7.46 -19.87 -20.57
C GLY A 330 7.56 -21.26 -19.95
N TYR A 331 6.41 -21.87 -19.65
CA TYR A 331 6.38 -23.15 -18.95
C TYR A 331 5.81 -24.21 -19.85
N ALA A 332 6.16 -25.46 -19.58
CA ALA A 332 5.57 -26.57 -20.29
C ALA A 332 4.10 -26.72 -19.93
N THR A 333 3.67 -26.05 -18.87
CA THR A 333 2.28 -26.06 -18.45
C THR A 333 1.50 -24.86 -18.94
N SER A 334 2.14 -23.98 -19.70
CA SER A 334 1.44 -22.82 -20.23
C SER A 334 0.32 -23.28 -21.13
N LEU A 335 -0.88 -22.73 -20.95
CA LEU A 335 -2.01 -23.04 -21.81
C LEU A 335 -1.99 -22.20 -23.07
N ALA A 336 -1.55 -22.81 -24.15
CA ALA A 336 -1.51 -22.17 -25.47
C ALA A 336 -1.86 -23.25 -26.50
N GLY A 337 -2.29 -22.83 -27.68
CA GLY A 337 -2.72 -23.77 -28.73
C GLY A 337 -3.90 -23.35 -29.55
N ALA A 338 -4.43 -24.31 -30.29
CA ALA A 338 -5.57 -24.07 -31.16
C ALA A 338 -6.65 -23.31 -30.40
N ASN A 339 -7.06 -22.17 -30.95
CA ASN A 339 -8.23 -21.41 -30.44
C ASN A 339 -8.07 -20.91 -29.00
N ILE A 340 -6.84 -20.87 -28.49
CA ILE A 340 -6.55 -20.26 -27.20
C ILE A 340 -5.81 -18.95 -27.39
N VAL A 341 -6.45 -17.86 -27.00
CA VAL A 341 -5.86 -16.54 -27.09
C VAL A 341 -5.42 -16.11 -25.71
N SER A 342 -4.20 -15.60 -25.57
CA SER A 342 -3.76 -15.06 -24.29
C SER A 342 -4.53 -13.77 -23.94
N GLY A 343 -4.99 -13.67 -22.69
CA GLY A 343 -5.64 -12.45 -22.20
C GLY A 343 -4.67 -11.44 -21.61
N LEU A 344 -3.38 -11.77 -21.62
CA LEU A 344 -2.36 -10.86 -21.11
C LEU A 344 -2.73 -10.32 -19.73
N ASP A 345 -2.85 -9.01 -19.54
CA ASP A 345 -3.15 -8.46 -18.21
C ASP A 345 -4.62 -8.10 -18.02
N MET A 346 -5.52 -8.72 -18.77
CA MET A 346 -6.95 -8.36 -18.63
C MET A 346 -7.52 -8.90 -17.35
N THR A 347 -8.39 -8.11 -16.75
CA THR A 347 -9.30 -8.64 -15.75
C THR A 347 -10.20 -9.70 -16.40
N SER A 348 -10.71 -10.62 -15.60
CA SER A 348 -11.63 -11.64 -16.10
C SER A 348 -12.98 -11.07 -16.49
N GLU A 349 -13.40 -9.99 -15.85
CA GLU A 349 -14.66 -9.30 -16.19
C GLU A 349 -14.55 -8.71 -17.58
N ALA A 350 -13.41 -8.08 -17.85
CA ALA A 350 -13.12 -7.57 -19.18
C ALA A 350 -12.92 -8.65 -20.24
N ALA A 351 -12.28 -9.77 -19.91
CA ALA A 351 -12.11 -10.80 -20.91
C ALA A 351 -13.47 -11.39 -21.30
N LEU A 352 -14.32 -11.60 -20.34
CA LEU A 352 -15.63 -12.15 -20.63
C LEU A 352 -16.45 -11.20 -21.52
N ALA A 353 -16.37 -9.91 -21.26
CA ALA A 353 -17.16 -8.97 -22.02
C ALA A 353 -16.59 -8.88 -23.41
N LYS A 354 -15.28 -8.87 -23.52
CA LYS A 354 -14.66 -8.78 -24.84
C LYS A 354 -14.99 -10.01 -25.63
N LEU A 355 -15.05 -11.14 -24.96
CA LEU A 355 -15.40 -12.37 -25.63
C LEU A 355 -16.84 -12.26 -26.15
N SER A 356 -17.73 -11.72 -25.31
CA SER A 356 -19.13 -11.54 -25.71
C SER A 356 -19.26 -10.60 -26.93
N TYR A 357 -18.43 -9.55 -26.97
CA TYR A 357 -18.47 -8.56 -28.02
C TYR A 357 -17.96 -9.12 -29.34
N VAL A 358 -16.76 -9.68 -29.32
CA VAL A 358 -16.14 -10.19 -30.52
C VAL A 358 -16.96 -11.32 -31.15
N LEU A 359 -17.50 -12.22 -30.34
CA LEU A 359 -18.29 -13.34 -30.87
C LEU A 359 -19.63 -12.88 -31.41
N GLY A 360 -20.06 -11.68 -31.01
CA GLY A 360 -21.36 -11.16 -31.45
C GLY A 360 -21.29 -10.45 -32.78
N LEU A 361 -20.07 -10.13 -33.22
CA LEU A 361 -19.87 -9.46 -34.52
C LEU A 361 -20.23 -10.43 -35.66
N PRO A 362 -20.92 -9.91 -36.71
CA PRO A 362 -21.39 -10.80 -37.74
C PRO A 362 -20.32 -11.09 -38.77
N GLU A 363 -20.40 -12.30 -39.33
CA GLU A 363 -19.63 -12.71 -40.52
C GLU A 363 -18.13 -12.49 -40.41
N LEU A 364 -17.51 -13.04 -39.37
CA LEU A 364 -16.06 -13.06 -39.29
C LEU A 364 -15.60 -14.48 -39.15
N SER A 365 -14.42 -14.75 -39.69
CA SER A 365 -13.78 -16.02 -39.51
C SER A 365 -13.28 -16.18 -38.08
N LEU A 366 -13.08 -17.41 -37.67
CA LEU A 366 -12.49 -17.70 -36.39
C LEU A 366 -11.14 -17.00 -36.20
N GLU A 367 -10.35 -16.92 -37.27
CA GLU A 367 -9.00 -16.32 -37.19
C GLU A 367 -9.12 -14.85 -36.87
N ARG A 368 -10.07 -14.22 -37.52
CA ARG A 368 -10.27 -12.83 -37.37
C ARG A 368 -10.70 -12.54 -35.96
N ARG A 369 -11.63 -13.35 -35.47
CA ARG A 369 -12.14 -13.20 -34.12
C ARG A 369 -11.02 -13.30 -33.09
N GLN A 370 -10.15 -14.27 -33.25
CA GLN A 370 -8.98 -14.42 -32.39
C GLN A 370 -8.04 -13.21 -32.45
N GLU A 371 -7.86 -12.63 -33.63
CA GLU A 371 -7.02 -11.44 -33.80
C GLU A 371 -7.59 -10.23 -33.06
N LEU A 372 -8.91 -10.08 -33.10
CA LEU A 372 -9.59 -9.01 -32.40
C LEU A 372 -9.48 -9.16 -30.89
N LEU A 373 -9.56 -10.40 -30.41
CA LEU A 373 -9.36 -10.68 -28.99
C LEU A 373 -7.96 -10.34 -28.52
N ALA A 374 -6.95 -10.60 -29.33
CA ALA A 374 -5.59 -10.23 -28.99
C ALA A 374 -5.24 -8.73 -29.14
N LYS A 375 -6.21 -7.87 -29.45
CA LYS A 375 -5.97 -6.43 -29.61
C LYS A 375 -6.61 -5.66 -28.50
N ASP A 376 -5.99 -4.55 -28.14
CA ASP A 376 -6.55 -3.65 -27.15
C ASP A 376 -7.69 -2.85 -27.81
N LEU A 377 -8.96 -3.17 -27.51
CA LEU A 377 -10.07 -2.51 -28.21
C LEU A 377 -10.67 -1.38 -27.45
N ARG A 378 -10.59 -1.37 -26.12
CA ARG A 378 -11.14 -0.25 -25.37
C ARG A 378 -10.26 0.25 -24.22
N GLY A 379 -8.96 -0.07 -24.24
CA GLY A 379 -8.05 0.31 -23.15
C GLY A 379 -8.00 -0.70 -22.02
N GLU A 380 -8.49 -1.92 -22.28
CA GLU A 380 -8.61 -2.95 -21.28
C GLU A 380 -7.40 -3.82 -21.17
N MET A 381 -6.50 -3.72 -22.13
CA MET A 381 -5.39 -4.70 -22.26
C MET A 381 -4.13 -3.97 -22.62
N THR A 382 -3.03 -4.32 -21.98
CA THR A 382 -1.74 -3.73 -22.34
C THR A 382 -0.91 -4.75 -23.08
N LEU A 383 -0.50 -4.39 -24.30
CA LEU A 383 0.31 -5.26 -25.14
C LEU A 383 1.80 -5.12 -24.75
N PRO A 384 2.61 -6.16 -24.96
CA PRO A 384 4.00 -6.06 -24.48
C PRO A 384 4.93 -5.18 -25.33
N SER B 30 -32.55 8.01 25.43
CA SER B 30 -31.09 7.81 25.67
C SER B 30 -30.31 8.77 24.77
N GLU B 31 -29.95 9.93 25.33
CA GLU B 31 -29.22 10.99 24.60
C GLU B 31 -27.77 11.14 25.11
N ARG B 32 -26.88 11.58 24.22
CA ARG B 32 -25.49 11.92 24.56
C ARG B 32 -25.17 13.32 24.00
N HIS B 33 -24.45 14.11 24.79
CA HIS B 33 -24.23 15.53 24.54
C HIS B 33 -22.75 15.79 24.28
N LEU B 34 -22.45 16.44 23.16
CA LEU B 34 -21.08 16.78 22.80
C LEU B 34 -20.86 18.26 22.62
N LEU B 35 -19.62 18.70 22.87
CA LEU B 35 -19.22 20.06 22.57
C LEU B 35 -18.33 20.05 21.34
N LEU B 36 -18.74 20.82 20.36
CA LEU B 36 -17.98 21.01 19.15
C LEU B 36 -17.24 22.35 19.18
N ILE B 37 -15.92 22.24 19.33
CA ILE B 37 -15.03 23.39 19.44
C ILE B 37 -14.39 23.68 18.07
N TYR B 38 -14.71 24.85 17.54
CA TYR B 38 -14.30 25.21 16.22
C TYR B 38 -13.19 26.24 16.36
N THR B 39 -11.94 25.79 16.12
CA THR B 39 -10.74 26.61 16.29
C THR B 39 -10.28 27.31 15.03
N GLY B 40 -10.78 26.83 13.89
CA GLY B 40 -10.36 27.34 12.59
C GLY B 40 -10.06 26.20 11.65
N GLY B 41 -9.11 26.41 10.75
CA GLY B 41 -8.69 25.37 9.79
C GLY B 41 -9.49 25.36 8.52
N THR B 42 -8.92 24.77 7.47
CA THR B 42 -9.52 24.75 6.15
C THR B 42 -10.97 24.24 6.12
N LEU B 43 -11.34 23.38 7.06
CA LEU B 43 -12.68 22.86 7.09
C LEU B 43 -13.73 23.96 7.04
N GLY B 44 -13.43 25.08 7.68
CA GLY B 44 -14.36 26.20 7.71
C GLY B 44 -13.93 27.48 7.01
N MET B 45 -12.96 27.41 6.10
CA MET B 45 -12.40 28.63 5.51
C MET B 45 -13.23 29.17 4.37
N GLN B 46 -12.94 30.42 4.03
CA GLN B 46 -13.58 31.12 2.93
C GLN B 46 -12.54 31.85 2.10
N SER B 47 -12.85 32.15 0.85
CA SER B 47 -11.97 32.95 -0.01
C SER B 47 -12.03 34.45 0.25
N LYS B 48 -10.89 35.11 0.21
CA LYS B 48 -10.84 36.53 0.36
C LYS B 48 -9.47 37.00 -0.12
N GLY B 49 -9.47 37.83 -1.17
CA GLY B 49 -8.25 38.30 -1.80
C GLY B 49 -7.58 37.18 -2.56
N GLY B 50 -8.37 36.21 -3.02
CA GLY B 50 -7.84 35.04 -3.70
C GLY B 50 -7.06 34.00 -2.88
N VAL B 51 -7.11 34.12 -1.54
CA VAL B 51 -6.53 33.11 -0.64
C VAL B 51 -7.59 32.64 0.36
N LEU B 52 -7.39 31.45 0.92
CA LEU B 52 -8.28 30.96 1.95
C LEU B 52 -7.89 31.56 3.29
N VAL B 53 -8.90 32.01 4.02
CA VAL B 53 -8.77 32.49 5.40
C VAL B 53 -9.92 31.91 6.28
N PRO B 54 -9.75 31.94 7.60
CA PRO B 54 -10.76 31.40 8.52
C PRO B 54 -12.13 32.06 8.35
N GLY B 55 -13.19 31.24 8.38
CA GLY B 55 -14.55 31.72 8.13
C GLY B 55 -15.48 31.48 9.31
N PRO B 56 -16.13 32.55 9.80
CA PRO B 56 -17.06 32.39 10.92
C PRO B 56 -18.45 31.96 10.47
N GLY B 57 -19.30 31.64 11.43
CA GLY B 57 -20.71 31.36 11.19
C GLY B 57 -21.02 29.89 10.95
N LEU B 58 -20.30 29.00 11.63
CA LEU B 58 -20.40 27.57 11.36
C LEU B 58 -21.76 27.00 11.74
N VAL B 59 -22.19 27.28 12.96
CA VAL B 59 -23.52 26.85 13.42
C VAL B 59 -24.65 27.27 12.46
N THR B 60 -24.57 28.47 11.91
CA THR B 60 -25.57 28.95 10.94
C THR B 60 -25.64 28.05 9.73
N LEU B 61 -24.47 27.64 9.23
CA LEU B 61 -24.43 26.73 8.11
C LEU B 61 -24.99 25.36 8.48
N LEU B 62 -24.53 24.82 9.60
CA LEU B 62 -24.85 23.44 9.96
C LEU B 62 -26.36 23.21 10.14
N ARG B 63 -27.07 24.22 10.63
CA ARG B 63 -28.54 24.18 10.77
C ARG B 63 -29.24 23.81 9.50
N THR B 64 -28.73 24.31 8.37
CA THR B 64 -29.36 24.13 7.07
C THR B 64 -29.07 22.77 6.43
N LEU B 65 -28.22 21.97 7.06
CA LEU B 65 -27.84 20.68 6.52
C LEU B 65 -28.49 19.54 7.29
N PRO B 66 -29.42 18.81 6.64
CA PRO B 66 -30.12 17.69 7.27
C PRO B 66 -29.23 16.63 7.89
N MET B 67 -28.09 16.31 7.25
CA MET B 67 -27.15 15.33 7.83
C MET B 67 -26.51 15.81 9.14
N PHE B 68 -26.50 17.12 9.39
CA PHE B 68 -25.94 17.67 10.61
C PHE B 68 -26.97 18.18 11.63
N HIS B 69 -28.22 18.35 11.20
CA HIS B 69 -29.24 18.85 12.11
C HIS B 69 -30.65 18.39 11.73
N ASP B 70 -31.27 17.62 12.61
CA ASP B 70 -32.61 17.10 12.38
C ASP B 70 -33.66 18.10 12.88
N LYS B 71 -34.10 19.00 11.99
CA LYS B 71 -35.09 20.04 12.29
C LYS B 71 -36.41 19.51 12.87
N GLU B 72 -36.94 18.45 12.26
CA GLU B 72 -38.17 17.84 12.73
C GLU B 72 -38.07 17.47 14.21
N PHE B 73 -37.05 16.71 14.56
CA PHE B 73 -36.81 16.27 15.94
C PHE B 73 -36.58 17.43 16.91
N ALA B 74 -35.89 18.45 16.44
CA ALA B 74 -35.58 19.59 17.29
C ALA B 74 -36.86 20.31 17.74
N GLN B 75 -37.76 20.55 16.80
CA GLN B 75 -39.04 21.21 17.12
C GLN B 75 -39.93 20.28 17.96
N ALA B 76 -39.96 18.99 17.60
CA ALA B 76 -40.65 17.96 18.40
C ALA B 76 -40.20 17.89 19.88
N GLN B 77 -39.00 18.35 20.20
CA GLN B 77 -38.53 18.44 21.59
C GLN B 77 -38.29 19.87 22.00
N GLY B 78 -38.82 20.80 21.21
CA GLY B 78 -38.53 22.23 21.34
C GLY B 78 -37.16 22.51 21.94
N LEU B 79 -36.10 22.11 21.23
CA LEU B 79 -34.73 22.30 21.73
C LEU B 79 -34.24 23.75 21.65
N PRO B 80 -33.24 24.10 22.46
CA PRO B 80 -32.62 25.43 22.40
C PRO B 80 -32.02 25.79 21.03
N ASP B 81 -31.81 27.08 20.79
CA ASP B 81 -31.22 27.56 19.52
C ASP B 81 -29.71 27.31 19.36
N HIS B 82 -29.01 27.01 20.45
CA HIS B 82 -27.55 26.79 20.39
C HIS B 82 -27.20 25.32 20.10
N ALA B 83 -28.21 24.44 20.15
CA ALA B 83 -27.99 23.00 20.21
C ALA B 83 -28.50 22.25 18.98
N LEU B 84 -27.60 21.57 18.28
CA LEU B 84 -27.98 20.81 17.11
C LEU B 84 -28.13 19.34 17.45
N ALA B 85 -28.76 18.61 16.54
CA ALA B 85 -29.17 17.24 16.78
C ALA B 85 -28.95 16.40 15.53
N LEU B 86 -28.12 15.38 15.63
CA LEU B 86 -27.92 14.50 14.49
C LEU B 86 -29.14 13.62 14.26
N PRO B 87 -29.45 13.32 13.00
CA PRO B 87 -30.41 12.27 12.72
C PRO B 87 -30.08 10.98 13.42
N PRO B 88 -31.03 10.05 13.44
CA PRO B 88 -30.79 8.77 14.06
C PRO B 88 -29.74 8.00 13.28
N ALA B 89 -28.75 7.50 14.00
CA ALA B 89 -27.85 6.46 13.51
C ALA B 89 -28.55 5.11 13.68
N SER B 90 -27.93 4.07 13.13
CA SER B 90 -28.47 2.70 13.15
C SER B 90 -28.99 2.26 14.52
N HIS B 91 -28.13 2.36 15.52
CA HIS B 91 -28.44 1.94 16.89
C HIS B 91 -28.05 2.98 17.91
N GLY B 92 -28.38 2.70 19.17
CA GLY B 92 -27.80 3.42 20.29
C GLY B 92 -28.42 4.77 20.54
N PRO B 93 -27.63 5.66 21.18
CA PRO B 93 -28.17 6.92 21.67
C PRO B 93 -28.27 7.99 20.58
N ARG B 94 -29.20 8.90 20.73
CA ARG B 94 -29.28 10.07 19.89
C ARG B 94 -28.17 11.04 20.27
N VAL B 95 -27.55 11.70 19.30
CA VAL B 95 -26.40 12.58 19.59
C VAL B 95 -26.77 14.03 19.42
N LEU B 96 -26.59 14.81 20.49
CA LEU B 96 -26.83 16.25 20.42
C LEU B 96 -25.51 16.94 20.63
N TYR B 97 -25.36 18.13 20.04
CA TYR B 97 -24.11 18.84 20.24
C TYR B 97 -24.26 20.33 20.18
N THR B 98 -23.31 21.00 20.81
CA THR B 98 -23.30 22.45 20.90
C THR B 98 -22.02 22.95 20.28
N VAL B 99 -22.16 23.97 19.43
CA VAL B 99 -21.02 24.59 18.75
C VAL B 99 -20.44 25.77 19.52
N LEU B 100 -19.16 25.66 19.88
CA LEU B 100 -18.43 26.75 20.45
C LEU B 100 -17.41 27.21 19.42
N GLU B 101 -17.62 28.43 18.95
CA GLU B 101 -16.78 29.00 17.91
C GLU B 101 -15.75 29.93 18.58
N CYS B 102 -14.50 29.49 18.62
CA CYS B 102 -13.39 30.29 19.14
C CYS B 102 -13.23 31.54 18.36
N GLN B 103 -12.66 32.54 19.01
CA GLN B 103 -12.51 33.82 18.38
C GLN B 103 -11.24 34.42 18.94
N PRO B 104 -10.25 34.70 18.08
CA PRO B 104 -10.35 34.58 16.62
C PRO B 104 -10.10 33.16 16.15
N LEU B 105 -10.67 32.83 15.02
CA LEU B 105 -10.41 31.55 14.37
C LEU B 105 -9.04 31.59 13.69
N LEU B 106 -8.32 30.47 13.69
CA LEU B 106 -6.96 30.43 13.16
C LEU B 106 -6.68 29.40 12.07
N ASP B 107 -5.90 29.79 11.08
CA ASP B 107 -5.14 28.83 10.28
C ASP B 107 -4.17 28.11 11.24
N SER B 108 -4.12 26.78 11.19
CA SER B 108 -3.37 26.02 12.18
C SER B 108 -1.86 26.28 12.14
N SER B 109 -1.38 26.90 11.08
CA SER B 109 0.03 27.29 11.02
C SER B 109 0.39 28.41 12.01
N ASP B 110 -0.61 29.18 12.44
CA ASP B 110 -0.41 30.23 13.45
C ASP B 110 -0.64 29.73 14.86
N MET B 111 -0.87 28.44 15.06
CA MET B 111 -1.15 27.94 16.39
C MET B 111 0.12 27.59 17.16
N THR B 112 0.03 27.76 18.47
CA THR B 112 1.13 27.57 19.38
C THR B 112 0.64 26.84 20.62
N ILE B 113 1.55 26.57 21.52
CA ILE B 113 1.25 25.97 22.78
C ILE B 113 0.13 26.69 23.50
N ASP B 114 0.14 28.02 23.50
CA ASP B 114 -0.87 28.77 24.23
C ASP B 114 -2.26 28.51 23.70
N ASP B 115 -2.38 28.39 22.40
CA ASP B 115 -3.68 28.09 21.79
C ASP B 115 -4.18 26.70 22.23
N TRP B 116 -3.25 25.74 22.29
CA TRP B 116 -3.63 24.41 22.70
C TRP B 116 -3.96 24.35 24.17
N ILE B 117 -3.26 25.14 24.97
CA ILE B 117 -3.63 25.28 26.39
C ILE B 117 -5.06 25.89 26.54
N ARG B 118 -5.37 26.90 25.74
CA ARG B 118 -6.71 27.48 25.78
C ARG B 118 -7.78 26.41 25.49
N ILE B 119 -7.48 25.50 24.57
CA ILE B 119 -8.44 24.49 24.19
C ILE B 119 -8.63 23.51 25.32
N ALA B 120 -7.51 23.08 25.89
CA ALA B 120 -7.56 22.17 27.02
C ALA B 120 -8.38 22.78 28.15
N LYS B 121 -8.23 24.07 28.38
CA LYS B 121 -8.98 24.76 29.40
C LYS B 121 -10.49 24.81 29.08
N ILE B 122 -10.85 24.94 27.81
CA ILE B 122 -12.25 24.89 27.40
C ILE B 122 -12.81 23.53 27.77
N ILE B 123 -12.05 22.48 27.52
CA ILE B 123 -12.50 21.12 27.81
C ILE B 123 -12.60 20.93 29.31
N GLU B 124 -11.67 21.53 30.04
CA GLU B 124 -11.72 21.50 31.50
C GLU B 124 -12.96 22.20 32.03
N ARG B 125 -13.19 23.42 31.58
CA ARG B 125 -14.33 24.20 32.06
C ARG B 125 -15.63 23.44 31.92
N HIS B 126 -15.83 22.74 30.80
CA HIS B 126 -17.12 22.15 30.50
C HIS B 126 -17.11 20.66 30.63
N TYR B 127 -16.11 20.10 31.30
CA TYR B 127 -15.90 18.64 31.34
C TYR B 127 -17.08 17.86 31.87
N GLU B 128 -17.82 18.44 32.81
CA GLU B 128 -18.89 17.73 33.51
C GLU B 128 -20.19 17.79 32.72
N GLN B 129 -20.38 18.82 31.91
CA GLN B 129 -21.63 19.01 31.16
C GLN B 129 -21.76 18.16 29.89
N TYR B 130 -20.68 17.51 29.47
CA TYR B 130 -20.66 16.88 28.15
C TYR B 130 -20.03 15.52 28.18
N GLN B 131 -20.50 14.62 27.30
CA GLN B 131 -20.01 13.23 27.29
C GLN B 131 -18.80 13.03 26.39
N GLY B 132 -18.49 14.04 25.58
CA GLY B 132 -17.34 14.01 24.69
C GLY B 132 -17.14 15.31 23.92
N PHE B 133 -16.04 15.35 23.16
CA PHE B 133 -15.57 16.58 22.49
C PHE B 133 -15.04 16.36 21.09
N VAL B 134 -15.34 17.30 20.20
CA VAL B 134 -14.77 17.31 18.88
C VAL B 134 -14.13 18.66 18.65
N VAL B 135 -12.89 18.64 18.18
CA VAL B 135 -12.19 19.87 17.90
C VAL B 135 -11.91 19.99 16.41
N ILE B 136 -12.52 20.97 15.77
CA ILE B 136 -12.19 21.30 14.38
C ILE B 136 -10.94 22.18 14.32
N HIS B 137 -10.01 21.74 13.48
CA HIS B 137 -8.63 22.19 13.54
C HIS B 137 -8.03 22.08 12.15
N GLY B 138 -7.08 22.95 11.85
CA GLY B 138 -6.34 22.86 10.60
C GLY B 138 -5.39 21.68 10.58
N THR B 139 -5.02 21.25 9.38
CA THR B 139 -4.19 20.07 9.21
C THR B 139 -2.74 20.41 9.42
N ASP B 140 -2.33 21.62 9.02
CA ASP B 140 -0.92 22.02 9.10
C ASP B 140 -0.20 21.65 10.40
N THR B 141 -0.84 21.88 11.55
CA THR B 141 -0.25 21.52 12.87
C THR B 141 -1.15 20.62 13.71
N MET B 142 -2.14 20.01 13.08
CA MET B 142 -3.00 19.02 13.72
C MET B 142 -2.26 17.99 14.57
N ALA B 143 -1.21 17.39 14.04
CA ALA B 143 -0.47 16.34 14.78
C ALA B 143 0.19 16.89 16.03
N SER B 144 0.77 18.07 15.93
CA SER B 144 1.32 18.73 17.10
C SER B 144 0.20 19.01 18.13
N GLY B 145 -0.92 19.56 17.67
CA GLY B 145 -2.04 19.85 18.57
C GLY B 145 -2.61 18.61 19.26
N ALA B 146 -2.81 17.54 18.50
CA ALA B 146 -3.29 16.31 19.10
C ALA B 146 -2.33 15.82 20.15
N SER B 147 -1.04 15.79 19.83
CA SER B 147 -0.04 15.33 20.81
C SER B 147 -0.01 16.21 22.06
N MET B 148 -0.06 17.52 21.89
CA MET B 148 -0.04 18.41 23.01
C MET B 148 -1.23 18.19 23.92
N LEU B 149 -2.43 18.18 23.36
CA LEU B 149 -3.63 17.92 24.17
C LEU B 149 -3.58 16.56 24.87
N SER B 150 -3.10 15.54 24.17
CA SER B 150 -2.86 14.24 24.78
C SER B 150 -2.14 14.35 26.14
N PHE B 151 -1.05 15.13 26.20
CA PHE B 151 -0.31 15.32 27.45
C PHE B 151 -0.98 16.26 28.47
N MET B 152 -1.57 17.35 28.01
CA MET B 152 -2.15 18.32 28.91
C MET B 152 -3.34 17.74 29.64
N LEU B 153 -4.10 16.86 29.00
CA LEU B 153 -5.30 16.29 29.60
C LEU B 153 -5.03 14.97 30.35
N GLU B 154 -4.36 15.07 31.49
CA GLU B 154 -4.04 13.91 32.33
C GLU B 154 -5.29 13.21 32.96
N ASN B 155 -5.30 11.88 32.85
CA ASN B 155 -6.40 11.05 33.32
C ASN B 155 -7.73 11.21 32.56
N LEU B 156 -7.64 11.68 31.33
CA LEU B 156 -8.82 11.92 30.54
C LEU B 156 -9.73 10.70 30.51
N HIS B 157 -11.03 10.94 30.66
CA HIS B 157 -12.04 9.85 30.74
C HIS B 157 -13.00 9.80 29.55
N LYS B 158 -12.97 10.82 28.70
CA LYS B 158 -13.94 11.00 27.63
C LYS B 158 -13.22 11.21 26.30
N PRO B 159 -13.90 10.95 25.17
CA PRO B 159 -13.28 11.18 23.87
C PRO B 159 -13.15 12.66 23.49
N VAL B 160 -11.96 12.98 22.97
CA VAL B 160 -11.64 14.29 22.39
C VAL B 160 -11.15 14.00 20.99
N ILE B 161 -11.98 14.31 20.00
CA ILE B 161 -11.69 13.89 18.62
C ILE B 161 -11.37 15.11 17.79
N LEU B 162 -10.12 15.20 17.35
CA LEU B 162 -9.75 16.25 16.42
C LEU B 162 -10.09 15.81 15.00
N THR B 163 -10.51 16.78 14.19
CA THR B 163 -10.77 16.50 12.81
C THR B 163 -10.50 17.77 12.00
N GLY B 164 -10.36 17.61 10.69
CA GLY B 164 -10.15 18.73 9.80
C GLY B 164 -10.49 18.33 8.39
N ALA B 165 -10.04 19.13 7.42
CA ALA B 165 -10.28 18.82 6.03
C ALA B 165 -9.25 19.50 5.12
N GLN B 166 -9.09 18.92 3.91
CA GLN B 166 -8.27 19.51 2.85
C GLN B 166 -9.05 20.51 2.00
N VAL B 167 -10.38 20.46 2.06
CA VAL B 167 -11.23 21.32 1.26
C VAL B 167 -12.34 21.86 2.14
N PRO B 168 -12.63 23.16 2.06
CA PRO B 168 -13.66 23.70 2.95
C PRO B 168 -15.05 23.12 2.79
N ILE B 169 -15.81 23.12 3.85
CA ILE B 169 -17.15 22.57 3.84
C ILE B 169 -18.11 23.36 2.95
N ARG B 170 -17.83 24.64 2.75
CA ARG B 170 -18.63 25.46 1.84
C ARG B 170 -18.38 25.19 0.36
N VAL B 171 -17.29 24.52 0.04
CA VAL B 171 -17.01 24.12 -1.32
C VAL B 171 -17.73 22.80 -1.56
N LEU B 172 -18.43 22.68 -2.69
CA LEU B 172 -19.30 21.53 -2.89
C LEU B 172 -18.58 20.18 -2.77
N TRP B 173 -17.51 20.01 -3.53
CA TRP B 173 -16.79 18.75 -3.56
C TRP B 173 -15.74 18.76 -2.44
N ASN B 174 -16.05 18.17 -1.30
CA ASN B 174 -15.15 18.23 -0.16
C ASN B 174 -15.08 16.97 0.68
N ASP B 175 -14.09 16.94 1.57
CA ASP B 175 -13.93 15.89 2.58
C ASP B 175 -14.47 16.34 3.93
N ALA B 176 -14.86 17.60 4.02
CA ALA B 176 -15.27 18.19 5.27
C ALA B 176 -16.54 17.57 5.84
N ARG B 177 -17.55 17.39 5.01
CA ARG B 177 -18.82 16.88 5.52
C ARG B 177 -18.62 15.56 6.24
N GLU B 178 -18.01 14.59 5.58
CA GLU B 178 -17.90 13.27 6.19
C GLU B 178 -16.87 13.20 7.34
N ASN B 179 -15.81 13.99 7.28
CA ASN B 179 -14.91 14.05 8.42
C ASN B 179 -15.58 14.60 9.68
N LEU B 180 -16.36 15.67 9.54
CA LEU B 180 -17.03 16.22 10.72
C LEU B 180 -18.07 15.27 11.29
N LEU B 181 -18.89 14.71 10.41
CA LEU B 181 -19.92 13.77 10.85
C LEU B 181 -19.31 12.58 11.57
N GLY B 182 -18.24 12.04 11.04
CA GLY B 182 -17.62 10.87 11.66
C GLY B 182 -17.08 11.19 13.03
N ALA B 183 -16.43 12.33 13.17
CA ALA B 183 -15.92 12.72 14.48
C ALA B 183 -17.05 12.80 15.50
N LEU B 184 -18.16 13.43 15.13
CA LEU B 184 -19.31 13.55 16.03
C LEU B 184 -19.88 12.17 16.36
N LEU B 185 -20.02 11.30 15.37
CA LEU B 185 -20.50 9.97 15.66
C LEU B 185 -19.59 9.15 16.53
N VAL B 186 -18.27 9.33 16.43
CA VAL B 186 -17.36 8.56 17.28
C VAL B 186 -17.45 9.04 18.72
N ALA B 187 -17.30 10.35 18.90
CA ALA B 187 -17.39 10.94 20.23
C ALA B 187 -18.74 10.64 20.86
N GLY B 188 -19.76 10.63 20.02
CA GLY B 188 -21.12 10.47 20.50
C GLY B 188 -21.49 9.06 20.86
N GLN B 189 -20.79 8.09 20.34
CA GLN B 189 -21.25 6.72 20.49
C GLN B 189 -20.31 5.78 21.19
N TYR B 190 -19.05 6.16 21.35
CA TYR B 190 -18.07 5.26 21.91
C TYR B 190 -17.29 5.97 22.99
N ILE B 191 -16.90 5.20 24.01
CA ILE B 191 -16.11 5.73 25.10
C ILE B 191 -14.65 5.32 24.85
N ILE B 192 -13.98 6.19 24.12
CA ILE B 192 -12.56 6.12 23.87
C ILE B 192 -11.94 7.33 24.56
N PRO B 193 -11.31 7.11 25.71
CA PRO B 193 -10.79 8.19 26.54
C PRO B 193 -9.43 8.68 26.09
N GLU B 194 -9.35 9.17 24.86
CA GLU B 194 -8.08 9.57 24.29
C GLU B 194 -8.28 10.74 23.40
N VAL B 195 -7.22 11.49 23.19
CA VAL B 195 -7.18 12.51 22.18
C VAL B 195 -6.90 11.78 20.89
N CYS B 196 -7.85 11.86 19.95
CA CYS B 196 -7.78 11.13 18.69
C CYS B 196 -7.84 12.07 17.54
N LEU B 197 -7.49 11.56 16.36
CA LEU B 197 -7.74 12.25 15.11
C LEU B 197 -8.61 11.38 14.24
N PHE B 198 -9.72 11.95 13.77
CA PHE B 198 -10.57 11.27 12.82
C PHE B 198 -10.49 11.95 11.47
N MET B 199 -10.02 11.19 10.49
CA MET B 199 -10.01 11.62 9.10
C MET B 199 -10.10 10.47 8.12
N ASN B 200 -10.95 10.64 7.12
CA ASN B 200 -11.03 9.70 6.01
C ASN B 200 -11.37 8.28 6.50
N SER B 201 -12.42 8.20 7.31
CA SER B 201 -12.92 6.91 7.88
C SER B 201 -11.99 6.18 8.84
N GLN B 202 -10.98 6.86 9.38
CA GLN B 202 -10.06 6.24 10.30
C GLN B 202 -9.99 7.06 11.56
N LEU B 203 -9.92 6.39 12.70
CA LEU B 203 -9.64 7.02 13.97
C LEU B 203 -8.22 6.66 14.38
N PHE B 204 -7.37 7.66 14.60
CA PHE B 204 -5.99 7.42 15.02
C PHE B 204 -5.76 7.91 16.43
N ARG B 205 -4.83 7.28 17.14
CA ARG B 205 -4.37 7.85 18.41
C ARG B 205 -3.64 9.16 18.10
N GLY B 206 -4.06 10.24 18.74
CA GLY B 206 -3.57 11.57 18.42
C GLY B 206 -2.06 11.72 18.52
N ASN B 207 -1.45 11.15 19.55
CA ASN B 207 -0.02 11.29 19.73
C ASN B 207 0.80 10.33 18.89
N ARG B 208 0.14 9.64 17.95
CA ARG B 208 0.80 8.66 17.08
C ARG B 208 0.79 9.08 15.62
N VAL B 209 0.17 10.20 15.28
CA VAL B 209 -0.03 10.58 13.87
C VAL B 209 0.95 11.63 13.40
N THR B 210 1.10 11.70 12.08
CA THR B 210 1.87 12.73 11.42
C THR B 210 1.29 12.93 10.01
N MET B 211 1.50 14.09 9.41
CA MET B 211 0.87 14.44 8.16
C MET B 211 1.77 13.98 7.06
N VAL B 212 1.25 13.18 6.15
CA VAL B 212 2.05 12.60 5.07
C VAL B 212 1.73 13.07 3.67
N ASP B 213 0.59 13.72 3.48
CA ASP B 213 0.15 14.13 2.15
C ASP B 213 -0.51 15.47 2.23
N SER B 214 -0.02 16.42 1.45
CA SER B 214 -0.47 17.79 1.55
C SER B 214 -1.68 18.07 0.69
N GLN B 215 -2.05 17.16 -0.22
CA GLN B 215 -3.22 17.38 -1.09
C GLN B 215 -4.30 16.34 -0.97
N LYS B 216 -3.93 15.08 -0.81
CA LYS B 216 -4.91 13.99 -0.81
C LYS B 216 -5.74 13.96 0.48
N PHE B 217 -6.93 13.36 0.43
CA PHE B 217 -7.79 13.26 1.59
C PHE B 217 -7.22 12.31 2.65
N GLU B 218 -6.45 11.32 2.23
CA GLU B 218 -5.71 10.48 3.17
C GLU B 218 -4.43 11.24 3.55
N ALA B 219 -4.61 12.26 4.38
CA ALA B 219 -3.54 13.19 4.68
C ALA B 219 -2.63 12.75 5.82
N PHE B 220 -3.17 11.94 6.73
CA PHE B 220 -2.43 11.50 7.92
C PHE B 220 -2.20 9.99 7.94
N CYS B 221 -1.14 9.62 8.64
CA CYS B 221 -0.69 8.26 8.81
C CYS B 221 -0.37 8.11 10.30
N SER B 222 -0.56 6.90 10.83
CA SER B 222 -0.11 6.50 12.15
C SER B 222 0.95 5.43 11.92
N PRO B 223 2.19 5.84 11.72
CA PRO B 223 3.17 4.90 11.18
C PRO B 223 3.54 3.71 12.05
N ASN B 224 3.48 3.87 13.37
CA ASN B 224 3.93 2.81 14.29
C ASN B 224 2.82 2.27 15.20
N LEU B 225 1.57 2.46 14.81
CA LEU B 225 0.47 1.90 15.56
C LEU B 225 -0.73 1.80 14.65
N SER B 226 -1.45 0.69 14.75
CA SER B 226 -2.73 0.61 14.06
C SER B 226 -3.64 1.76 14.46
N PRO B 227 -4.60 2.07 13.60
CA PRO B 227 -5.68 2.96 13.99
C PRO B 227 -6.44 2.37 15.17
N LEU B 228 -6.99 3.24 15.99
CA LEU B 228 -7.86 2.78 17.05
C LEU B 228 -9.21 2.29 16.48
N ALA B 229 -9.60 2.81 15.32
CA ALA B 229 -10.86 2.42 14.72
C ALA B 229 -10.94 2.71 13.25
N THR B 230 -11.85 1.99 12.61
CA THR B 230 -12.10 2.08 11.19
C THR B 230 -13.59 2.05 11.00
N VAL B 231 -14.07 2.87 10.09
CA VAL B 231 -15.49 2.92 9.76
C VAL B 231 -15.72 2.39 8.34
N GLY B 232 -16.67 1.48 8.21
CA GLY B 232 -17.04 0.94 6.90
C GLY B 232 -18.51 0.66 7.00
N ALA B 233 -18.93 -0.45 6.41
CA ALA B 233 -20.28 -0.95 6.61
C ALA B 233 -20.63 -1.06 8.10
N ASP B 234 -19.63 -1.41 8.91
CA ASP B 234 -19.74 -1.44 10.36
C ASP B 234 -18.46 -0.84 10.95
N VAL B 235 -18.43 -0.66 12.26
CA VAL B 235 -17.36 0.04 12.89
C VAL B 235 -16.46 -0.93 13.64
N THR B 236 -15.18 -0.98 13.29
CA THR B 236 -14.26 -1.86 13.98
C THR B 236 -13.36 -1.07 14.90
N ILE B 237 -13.37 -1.40 16.18
CA ILE B 237 -12.52 -0.74 17.14
C ILE B 237 -11.51 -1.72 17.69
N ALA B 238 -10.27 -1.26 17.88
CA ALA B 238 -9.21 -2.09 18.46
C ALA B 238 -9.16 -1.85 19.97
N TRP B 239 -10.13 -2.44 20.66
CA TRP B 239 -10.28 -2.29 22.12
C TRP B 239 -9.06 -2.75 22.92
N ASP B 240 -8.33 -3.74 22.41
CA ASP B 240 -7.11 -4.15 23.09
C ASP B 240 -5.99 -3.08 23.00
N LEU B 241 -6.14 -2.03 22.17
CA LEU B 241 -5.20 -0.88 22.16
C LEU B 241 -5.75 0.32 22.92
N VAL B 242 -7.06 0.49 22.93
CA VAL B 242 -7.64 1.68 23.54
C VAL B 242 -7.30 1.68 25.01
N ARG B 243 -6.97 2.85 25.52
CA ARG B 243 -6.60 2.99 26.92
C ARG B 243 -7.78 2.90 27.88
N LYS B 244 -7.47 2.53 29.13
CA LYS B 244 -8.48 2.23 30.14
C LYS B 244 -8.82 3.49 30.91
N VAL B 245 -10.12 3.68 31.14
CA VAL B 245 -10.66 4.78 31.92
C VAL B 245 -10.23 4.64 33.39
N LYS B 246 -9.60 5.65 33.95
CA LYS B 246 -9.19 5.62 35.36
C LYS B 246 -10.16 6.44 36.19
N TRP B 247 -11.30 5.81 36.50
CA TRP B 247 -12.49 6.46 37.08
C TRP B 247 -12.23 7.09 38.48
N LYS B 248 -11.24 6.55 39.21
CA LYS B 248 -10.87 7.04 40.55
C LYS B 248 -10.23 8.40 40.44
N ASP B 249 -9.33 8.54 39.46
CA ASP B 249 -8.46 9.70 39.34
C ASP B 249 -9.18 10.85 38.62
N PRO B 250 -9.09 12.07 39.15
CA PRO B 250 -9.74 13.18 38.47
C PRO B 250 -8.91 13.72 37.31
N LEU B 251 -9.56 14.46 36.43
CA LEU B 251 -8.88 15.14 35.33
C LEU B 251 -7.95 16.22 35.85
N VAL B 252 -6.67 16.13 35.49
CA VAL B 252 -5.69 17.17 35.82
C VAL B 252 -5.17 17.80 34.54
N VAL B 253 -5.46 19.07 34.35
CA VAL B 253 -5.07 19.78 33.16
C VAL B 253 -3.78 20.53 33.38
N HIS B 254 -2.79 20.30 32.54
CA HIS B 254 -1.47 20.91 32.72
C HIS B 254 -1.31 22.17 31.91
N SER B 255 -1.51 23.32 32.52
CA SER B 255 -1.18 24.62 31.92
C SER B 255 0.28 24.93 31.98
N ASN B 256 0.98 24.22 32.83
CA ASN B 256 2.40 24.38 33.03
C ASN B 256 3.19 23.60 31.97
N MET B 257 3.16 24.05 30.73
CA MET B 257 3.89 23.37 29.65
C MET B 257 5.07 24.27 29.29
N GLU B 258 6.26 23.70 29.22
CA GLU B 258 7.46 24.49 28.96
C GLU B 258 7.45 24.98 27.55
N HIS B 259 7.57 26.30 27.37
CA HIS B 259 7.59 26.91 26.04
C HIS B 259 8.97 26.80 25.35
N ASP B 260 10.08 26.91 26.09
CA ASP B 260 11.43 26.88 25.49
C ASP B 260 11.90 25.49 25.12
N VAL B 261 11.22 24.89 24.15
CA VAL B 261 11.63 23.62 23.57
C VAL B 261 11.66 23.80 22.09
N ALA B 262 12.47 23.01 21.40
CA ALA B 262 12.62 23.15 19.96
C ALA B 262 12.82 21.81 19.29
N LEU B 263 12.80 21.86 17.97
CA LEU B 263 13.07 20.72 17.16
C LEU B 263 14.18 21.10 16.19
N LEU B 264 15.17 20.22 16.04
CA LEU B 264 16.30 20.49 15.15
C LEU B 264 16.54 19.28 14.30
N ARG B 265 16.46 19.45 12.99
CA ARG B 265 16.71 18.37 12.08
C ARG B 265 18.15 18.41 11.57
N LEU B 266 18.86 17.32 11.78
CA LEU B 266 20.19 17.18 11.23
C LEU B 266 20.16 17.03 9.72
N TYR B 267 21.22 17.50 9.08
CA TYR B 267 21.42 17.32 7.66
C TYR B 267 22.92 17.09 7.48
N PRO B 268 23.33 16.47 6.36
CA PRO B 268 24.75 16.10 6.28
C PRO B 268 25.66 17.32 6.32
N GLY B 269 26.72 17.22 7.08
CA GLY B 269 27.68 18.28 7.18
C GLY B 269 27.26 19.42 8.08
N ILE B 270 26.11 19.31 8.75
CA ILE B 270 25.65 20.40 9.61
C ILE B 270 26.79 20.84 10.53
N PRO B 271 27.16 22.12 10.49
CA PRO B 271 28.33 22.56 11.24
C PRO B 271 28.06 22.74 12.73
N ALA B 272 29.09 22.48 13.53
CA ALA B 272 29.03 22.64 14.97
C ALA B 272 28.64 24.05 15.39
N SER B 273 29.12 25.06 14.68
CA SER B 273 28.85 26.43 15.09
C SER B 273 27.35 26.76 14.97
N LEU B 274 26.68 26.14 14.02
CA LEU B 274 25.24 26.37 13.83
C LEU B 274 24.46 25.66 14.93
N VAL B 275 24.90 24.47 15.29
CA VAL B 275 24.29 23.78 16.40
C VAL B 275 24.50 24.55 17.70
N ARG B 276 25.74 25.00 17.94
CA ARG B 276 26.05 25.82 19.12
C ARG B 276 25.01 26.95 19.24
N ALA B 277 24.80 27.68 18.16
CA ALA B 277 23.87 28.79 18.18
C ALA B 277 22.43 28.37 18.49
N PHE B 278 22.05 27.22 17.97
CA PHE B 278 20.69 26.74 18.09
C PHE B 278 20.38 26.39 19.51
N LEU B 279 21.37 25.85 20.19
CA LEU B 279 21.17 25.35 21.55
C LEU B 279 21.51 26.35 22.65
N GLN B 280 21.56 27.65 22.32
CA GLN B 280 21.93 28.64 23.34
C GLN B 280 20.81 28.81 24.31
N PRO B 281 21.12 29.27 25.54
CA PRO B 281 20.05 29.61 26.46
C PRO B 281 19.20 30.67 25.80
N PRO B 282 17.90 30.69 26.04
CA PRO B 282 17.25 29.99 27.13
C PRO B 282 16.64 28.60 26.79
N LEU B 283 17.06 27.96 25.72
CA LEU B 283 16.46 26.69 25.36
C LEU B 283 16.67 25.64 26.47
N LYS B 284 15.61 24.90 26.81
CA LYS B 284 15.66 23.90 27.87
C LYS B 284 15.62 22.47 27.31
N GLY B 285 14.97 22.30 26.16
CA GLY B 285 14.82 20.98 25.58
C GLY B 285 14.82 21.01 24.07
N VAL B 286 15.31 19.93 23.46
CA VAL B 286 15.32 19.83 22.03
C VAL B 286 15.10 18.41 21.54
N VAL B 287 14.37 18.28 20.45
CA VAL B 287 14.26 17.03 19.75
C VAL B 287 15.19 17.06 18.57
N LEU B 288 16.16 16.16 18.55
CA LEU B 288 17.04 16.03 17.43
C LEU B 288 16.50 14.98 16.51
N GLU B 289 16.14 15.36 15.29
CA GLU B 289 15.72 14.39 14.30
C GLU B 289 16.96 13.89 13.56
N THR B 290 17.28 12.61 13.73
CA THR B 290 18.56 12.03 13.32
C THR B 290 18.38 11.07 12.15
N PHE B 291 19.47 10.52 11.64
CA PHE B 291 19.41 9.68 10.44
C PHE B 291 19.12 8.25 10.82
N GLY B 292 18.37 7.56 9.99
CA GLY B 292 18.21 6.11 10.11
C GLY B 292 17.76 5.62 11.47
N SER B 293 18.48 4.62 12.00
CA SER B 293 18.19 4.05 13.31
C SER B 293 18.55 4.97 14.49
N GLY B 294 18.95 6.20 14.21
CA GLY B 294 19.12 7.20 15.26
C GLY B 294 20.54 7.72 15.32
N ASN B 295 21.10 8.09 14.17
CA ASN B 295 22.54 8.33 14.08
C ASN B 295 22.83 9.73 13.57
N GLY B 296 24.03 10.22 13.88
CA GLY B 296 24.50 11.49 13.38
C GLY B 296 25.99 11.50 13.14
N PRO B 297 26.51 12.62 12.66
CA PRO B 297 27.96 12.73 12.44
C PRO B 297 28.73 12.58 13.75
N SER B 298 29.84 11.86 13.67
CA SER B 298 30.66 11.60 14.85
C SER B 298 31.79 12.61 14.95
N LYS B 299 31.80 13.62 14.09
CA LYS B 299 32.86 14.63 14.19
C LYS B 299 32.87 15.24 15.60
N PRO B 300 34.04 15.29 16.25
CA PRO B 300 34.18 15.74 17.63
C PRO B 300 33.67 17.13 17.98
N ASP B 301 33.84 18.11 17.09
CA ASP B 301 33.36 19.46 17.43
C ASP B 301 31.83 19.50 17.59
N LEU B 302 31.12 18.66 16.83
CA LEU B 302 29.70 18.54 16.98
C LEU B 302 29.35 17.86 18.29
N LEU B 303 30.01 16.73 18.58
CA LEU B 303 29.72 16.01 19.80
C LEU B 303 30.02 16.88 21.02
N GLN B 304 31.09 17.67 20.93
CA GLN B 304 31.45 18.58 21.97
C GLN B 304 30.35 19.59 22.28
N GLU B 305 29.67 20.10 21.27
CA GLU B 305 28.56 21.01 21.53
C GLU B 305 27.38 20.33 22.23
N LEU B 306 27.11 19.08 21.89
CA LEU B 306 25.99 18.41 22.51
C LEU B 306 26.35 18.24 23.97
N ARG B 307 27.59 17.86 24.21
CA ARG B 307 28.09 17.70 25.54
C ARG B 307 28.08 19.03 26.29
N ALA B 308 28.48 20.10 25.63
CA ALA B 308 28.45 21.41 26.31
C ALA B 308 27.02 21.80 26.69
N ALA B 309 26.06 21.48 25.84
CA ALA B 309 24.68 21.82 26.09
C ALA B 309 24.16 21.05 27.29
N ALA B 310 24.49 19.77 27.36
CA ALA B 310 24.15 18.93 28.50
C ALA B 310 24.64 19.51 29.83
N GLN B 311 25.89 20.02 29.85
CA GLN B 311 26.42 20.63 31.07
C GLN B 311 25.63 21.87 31.44
N ARG B 312 25.15 22.63 30.46
CA ARG B 312 24.27 23.75 30.75
C ARG B 312 22.89 23.29 31.23
N GLY B 313 22.61 21.99 31.17
CA GLY B 313 21.37 21.44 31.67
C GLY B 313 20.27 21.19 30.65
N LEU B 314 20.62 21.27 29.38
CA LEU B 314 19.67 21.02 28.32
C LEU B 314 19.33 19.53 28.22
N ILE B 315 18.08 19.23 27.94
CA ILE B 315 17.72 17.84 27.65
C ILE B 315 17.44 17.63 26.17
N MET B 316 17.91 16.50 25.66
CA MET B 316 17.83 16.18 24.23
C MET B 316 17.12 14.87 24.03
N VAL B 317 16.16 14.83 23.11
CA VAL B 317 15.53 13.58 22.73
C VAL B 317 15.89 13.20 21.31
N ASN B 318 16.31 11.97 21.10
CA ASN B 318 16.73 11.50 19.79
C ASN B 318 15.58 10.80 19.08
N CYS B 319 15.07 11.40 17.99
CA CYS B 319 14.06 10.79 17.13
C CYS B 319 14.60 10.59 15.76
N SER B 320 14.10 9.59 15.06
CA SER B 320 14.52 9.34 13.70
C SER B 320 13.78 10.19 12.72
N GLN B 321 14.48 10.65 11.70
CA GLN B 321 13.82 11.31 10.56
C GLN B 321 12.92 10.35 9.79
N CYS B 322 13.22 9.05 9.79
CA CYS B 322 12.37 8.07 9.14
C CYS B 322 10.95 8.10 9.67
N LEU B 323 10.02 7.84 8.78
CA LEU B 323 8.61 7.78 9.13
C LEU B 323 8.29 6.56 10.00
N ARG B 324 8.75 5.38 9.57
CA ARG B 324 8.49 4.10 10.24
C ARG B 324 9.73 3.55 10.92
N GLY B 325 9.52 2.83 12.01
CA GLY B 325 10.60 2.20 12.77
C GLY B 325 10.95 2.91 14.09
N SER B 326 12.05 2.47 14.69
CA SER B 326 12.46 2.89 15.99
C SER B 326 13.92 3.34 16.02
N VAL B 327 14.22 4.26 16.91
CA VAL B 327 15.60 4.59 17.22
C VAL B 327 16.19 3.46 18.06
N THR B 328 17.34 2.95 17.65
CA THR B 328 17.99 1.85 18.38
C THR B 328 19.51 2.04 18.34
N PRO B 329 20.22 1.60 19.40
CA PRO B 329 21.69 1.63 19.31
C PRO B 329 22.21 0.51 18.41
N GLY B 330 23.51 0.54 18.14
CA GLY B 330 24.15 -0.44 17.24
C GLY B 330 25.31 0.06 16.41
N TYR B 331 25.37 1.37 16.13
CA TYR B 331 26.42 1.96 15.29
C TYR B 331 27.33 2.84 16.13
N ALA B 332 28.54 3.05 15.64
CA ALA B 332 29.45 4.03 16.27
C ALA B 332 28.95 5.46 16.12
N THR B 333 27.99 5.67 15.23
CA THR B 333 27.39 6.96 15.00
C THR B 333 26.08 7.15 15.77
N SER B 334 25.65 6.16 16.53
CA SER B 334 24.43 6.29 17.30
C SER B 334 24.56 7.43 18.29
N LEU B 335 23.56 8.30 18.34
CA LEU B 335 23.55 9.41 19.29
C LEU B 335 23.03 8.96 20.65
N ALA B 336 23.95 8.75 21.59
CA ALA B 336 23.61 8.43 22.96
C ALA B 336 24.61 9.13 23.89
N GLY B 337 24.25 9.30 25.17
CA GLY B 337 25.11 10.00 26.13
C GLY B 337 24.41 10.87 27.16
N ALA B 338 25.20 11.71 27.81
CA ALA B 338 24.70 12.64 28.81
C ALA B 338 23.48 13.38 28.28
N ASN B 339 22.39 13.28 29.02
CA ASN B 339 21.18 14.08 28.76
C ASN B 339 20.54 13.80 27.39
N ILE B 340 20.90 12.69 26.74
CA ILE B 340 20.22 12.25 25.52
C ILE B 340 19.35 11.03 25.78
N VAL B 341 18.05 11.20 25.64
CA VAL B 341 17.10 10.14 25.86
C VAL B 341 16.65 9.66 24.51
N SER B 342 16.62 8.35 24.29
CA SER B 342 16.09 7.80 23.06
C SER B 342 14.57 7.98 22.98
N GLY B 343 14.09 8.41 21.81
CA GLY B 343 12.65 8.57 21.57
C GLY B 343 12.02 7.32 20.97
N LEU B 344 12.82 6.28 20.80
CA LEU B 344 12.31 5.01 20.31
C LEU B 344 11.44 5.22 19.08
N ASP B 345 10.18 4.81 19.09
CA ASP B 345 9.34 4.94 17.89
C ASP B 345 8.42 6.17 17.90
N MET B 346 8.74 7.20 18.66
CA MET B 346 7.86 8.33 18.77
C MET B 346 7.89 9.15 17.53
N THR B 347 6.72 9.67 17.15
CA THR B 347 6.69 10.77 16.20
C THR B 347 7.42 11.96 16.80
N SER B 348 7.91 12.85 15.96
CA SER B 348 8.54 14.07 16.45
C SER B 348 7.56 15.05 17.09
N GLU B 349 6.30 15.04 16.64
CA GLU B 349 5.25 15.90 17.23
C GLU B 349 4.97 15.48 18.67
N ALA B 350 4.89 14.16 18.86
CA ALA B 350 4.77 13.61 20.20
C ALA B 350 6.02 13.83 21.08
N ALA B 351 7.22 13.69 20.53
CA ALA B 351 8.41 13.87 21.35
C ALA B 351 8.47 15.35 21.82
N LEU B 352 8.15 16.28 20.95
CA LEU B 352 8.18 17.67 21.32
C LEU B 352 7.15 17.97 22.40
N ALA B 353 5.97 17.38 22.30
CA ALA B 353 4.92 17.66 23.30
C ALA B 353 5.29 17.02 24.63
N LYS B 354 5.86 15.81 24.57
CA LYS B 354 6.29 15.15 25.78
C LYS B 354 7.42 15.91 26.44
N LEU B 355 8.28 16.49 25.64
CA LEU B 355 9.36 17.28 26.18
C LEU B 355 8.79 18.53 26.86
N SER B 356 7.80 19.16 26.24
CA SER B 356 7.16 20.31 26.84
C SER B 356 6.47 20.00 28.17
N TYR B 357 5.85 18.81 28.24
CA TYR B 357 5.12 18.38 29.43
C TYR B 357 6.07 18.08 30.60
N VAL B 358 7.05 17.23 30.34
CA VAL B 358 7.98 16.83 31.37
C VAL B 358 8.77 17.98 31.93
N LEU B 359 9.22 18.88 31.07
CA LEU B 359 9.99 20.07 31.52
C LEU B 359 9.15 21.08 32.25
N GLY B 360 7.82 20.98 32.13
CA GLY B 360 6.92 21.93 32.80
C GLY B 360 6.53 21.50 34.19
N LEU B 361 6.78 20.23 34.52
CA LEU B 361 6.48 19.72 35.85
C LEU B 361 7.39 20.45 36.83
N PRO B 362 6.83 20.84 37.98
CA PRO B 362 7.64 21.56 38.94
C PRO B 362 8.55 20.67 39.79
N GLU B 363 9.70 21.23 40.18
CA GLU B 363 10.60 20.67 41.17
C GLU B 363 10.99 19.23 40.92
N LEU B 364 11.53 18.94 39.75
CA LEU B 364 12.14 17.65 39.50
C LEU B 364 13.59 17.86 39.09
N SER B 365 14.45 16.90 39.44
CA SER B 365 15.81 16.89 38.97
C SER B 365 15.83 16.55 37.48
N LEU B 366 16.92 16.92 36.83
CA LEU B 366 17.19 16.47 35.47
C LEU B 366 17.12 14.95 35.27
N GLU B 367 17.60 14.18 36.23
CA GLU B 367 17.60 12.73 36.11
C GLU B 367 16.17 12.19 36.13
N ARG B 368 15.32 12.78 36.95
CA ARG B 368 13.94 12.37 37.05
C ARG B 368 13.23 12.67 35.75
N ARG B 369 13.48 13.86 35.25
CA ARG B 369 12.88 14.30 33.99
C ARG B 369 13.24 13.37 32.82
N GLN B 370 14.50 12.95 32.75
CA GLN B 370 14.93 11.96 31.78
C GLN B 370 14.25 10.58 31.91
N GLU B 371 14.03 10.14 33.15
CA GLU B 371 13.34 8.89 33.41
C GLU B 371 11.87 8.94 32.93
N LEU B 372 11.23 10.08 33.11
CA LEU B 372 9.86 10.26 32.63
C LEU B 372 9.75 10.28 31.10
N LEU B 373 10.74 10.89 30.45
CA LEU B 373 10.79 10.90 29.00
C LEU B 373 10.91 9.48 28.44
N ALA B 374 11.68 8.64 29.11
CA ALA B 374 11.87 7.26 28.66
C ALA B 374 10.68 6.33 28.97
N LYS B 375 9.59 6.87 29.50
CA LYS B 375 8.40 6.06 29.82
C LYS B 375 7.24 6.38 28.88
N ASP B 376 6.42 5.38 28.57
CA ASP B 376 5.23 5.58 27.79
C ASP B 376 4.16 6.23 28.64
N LEU B 377 3.93 7.52 28.47
CA LEU B 377 3.04 8.24 29.37
C LEU B 377 1.62 8.36 28.86
N ARG B 378 1.41 8.35 27.54
CA ARG B 378 0.05 8.44 26.99
C ARG B 378 -0.25 7.51 25.83
N GLY B 379 0.53 6.46 25.66
CA GLY B 379 0.37 5.54 24.52
C GLY B 379 1.09 6.00 23.26
N GLU B 380 2.02 6.93 23.42
CA GLU B 380 2.76 7.51 22.32
C GLU B 380 4.03 6.77 21.96
N MET B 381 4.46 5.85 22.83
CA MET B 381 5.79 5.23 22.69
C MET B 381 5.68 3.75 22.98
N THR B 382 6.29 2.92 22.17
CA THR B 382 6.33 1.50 22.44
C THR B 382 7.71 1.12 22.95
N LEU B 383 7.77 0.53 24.15
CA LEU B 383 9.00 0.10 24.75
C LEU B 383 9.42 -1.24 24.18
N PRO B 384 10.74 -1.42 24.02
CA PRO B 384 11.20 -2.66 23.44
C PRO B 384 11.09 -3.79 24.48
N THR B 385 11.46 -5.01 24.10
CA THR B 385 11.61 -6.09 25.05
C THR B 385 12.83 -6.89 24.58
N GLU C 31 31.16 -7.85 -24.04
CA GLU C 31 31.47 -7.50 -22.61
C GLU C 31 31.18 -6.04 -22.25
N ARG C 32 30.77 -5.83 -21.00
CA ARG C 32 30.53 -4.50 -20.44
C ARG C 32 31.28 -4.43 -19.11
N HIS C 33 31.93 -3.28 -18.90
CA HIS C 33 32.86 -3.11 -17.79
C HIS C 33 32.36 -2.06 -16.82
N LEU C 34 32.28 -2.41 -15.53
CA LEU C 34 31.78 -1.50 -14.50
C LEU C 34 32.83 -1.24 -13.43
N LEU C 35 32.75 -0.06 -12.82
CA LEU C 35 33.54 0.24 -11.65
C LEU C 35 32.64 0.21 -10.41
N LEU C 36 33.01 -0.62 -9.46
CA LEU C 36 32.34 -0.72 -8.19
C LEU C 36 33.12 0.07 -7.12
N ILE C 37 32.55 1.19 -6.72
CA ILE C 37 33.13 2.08 -5.74
C ILE C 37 32.51 1.79 -4.37
N TYR C 38 33.35 1.34 -3.46
CA TYR C 38 32.91 0.94 -2.14
C TYR C 38 33.31 2.04 -1.16
N THR C 39 32.33 2.83 -0.71
CA THR C 39 32.55 3.99 0.16
C THR C 39 32.37 3.66 1.62
N GLY C 40 31.72 2.54 1.91
CA GLY C 40 31.42 2.19 3.29
C GLY C 40 29.98 1.74 3.41
N GLY C 41 29.38 1.98 4.58
CA GLY C 41 27.97 1.64 4.81
C GLY C 41 27.77 0.24 5.33
N THR C 42 26.62 0.01 5.93
CA THR C 42 26.30 -1.25 6.59
C THR C 42 26.51 -2.48 5.70
N LEU C 43 26.39 -2.31 4.39
CA LEU C 43 26.53 -3.43 3.47
C LEU C 43 27.82 -4.17 3.70
N GLY C 44 28.87 -3.43 4.07
CA GLY C 44 30.17 -4.01 4.33
C GLY C 44 30.72 -3.90 5.74
N MET C 45 29.87 -3.65 6.73
CA MET C 45 30.35 -3.45 8.09
C MET C 45 30.66 -4.73 8.84
N GLN C 46 31.40 -4.56 9.94
CA GLN C 46 31.77 -5.66 10.86
C GLN C 46 31.57 -5.22 12.30
N SER C 47 31.43 -6.16 13.22
CA SER C 47 31.30 -5.86 14.65
C SER C 47 32.63 -5.60 15.32
N LYS C 48 32.65 -4.63 16.22
CA LYS C 48 33.84 -4.33 17.00
C LYS C 48 33.46 -3.45 18.17
N GLY C 49 33.70 -3.95 19.37
CA GLY C 49 33.29 -3.27 20.59
C GLY C 49 31.77 -3.31 20.73
N GLY C 50 31.15 -4.34 20.16
CA GLY C 50 29.69 -4.48 20.18
C GLY C 50 28.89 -3.51 19.32
N VAL C 51 29.55 -2.76 18.45
CA VAL C 51 28.86 -1.90 17.47
C VAL C 51 29.35 -2.20 16.06
N LEU C 52 28.54 -1.86 15.06
CA LEU C 52 28.96 -2.02 13.67
C LEU C 52 29.83 -0.84 13.26
N VAL C 53 30.93 -1.16 12.58
CA VAL C 53 31.82 -0.19 11.98
C VAL C 53 32.21 -0.65 10.57
N PRO C 54 32.75 0.29 9.74
CA PRO C 54 33.14 -0.06 8.37
C PRO C 54 34.18 -1.17 8.26
N GLY C 55 33.97 -2.10 7.33
CA GLY C 55 34.82 -3.29 7.19
C GLY C 55 35.52 -3.40 5.83
N PRO C 56 36.86 -3.51 5.85
CA PRO C 56 37.58 -3.60 4.59
C PRO C 56 37.64 -5.01 4.05
N GLY C 57 38.14 -5.15 2.81
CA GLY C 57 38.44 -6.45 2.22
C GLY C 57 37.29 -7.02 1.39
N LEU C 58 36.57 -6.14 0.71
CA LEU C 58 35.38 -6.54 0.01
C LEU C 58 35.68 -7.47 -1.15
N VAL C 59 36.61 -7.06 -2.01
CA VAL C 59 37.01 -7.87 -3.16
C VAL C 59 37.41 -9.29 -2.74
N THR C 60 38.12 -9.42 -1.61
CA THR C 60 38.52 -10.72 -1.10
C THR C 60 37.31 -11.61 -0.83
N LEU C 61 36.28 -11.04 -0.22
CA LEU C 61 35.04 -11.78 0.03
C LEU C 61 34.31 -12.15 -1.28
N LEU C 62 34.17 -11.17 -2.16
CA LEU C 62 33.40 -11.36 -3.38
C LEU C 62 33.93 -12.47 -4.29
N ARG C 63 35.27 -12.62 -4.33
CA ARG C 63 35.93 -13.72 -5.08
C ARG C 63 35.39 -15.09 -4.73
N THR C 64 35.10 -15.30 -3.46
CA THR C 64 34.69 -16.59 -2.96
C THR C 64 33.20 -16.89 -3.20
N LEU C 65 32.44 -15.93 -3.72
CA LEU C 65 31.00 -16.11 -3.94
C LEU C 65 30.70 -16.30 -5.42
N PRO C 66 30.22 -17.50 -5.81
CA PRO C 66 29.91 -17.83 -7.21
C PRO C 66 28.94 -16.86 -7.89
N MET C 67 27.94 -16.39 -7.16
CA MET C 67 27.02 -15.40 -7.73
C MET C 67 27.72 -14.08 -8.10
N PHE C 68 28.86 -13.76 -7.48
CA PHE C 68 29.57 -12.50 -7.73
C PHE C 68 30.85 -12.66 -8.53
N HIS C 69 31.33 -13.88 -8.70
CA HIS C 69 32.54 -14.10 -9.47
C HIS C 69 32.61 -15.51 -10.07
N ASP C 70 32.65 -15.56 -11.40
CA ASP C 70 32.79 -16.80 -12.13
C ASP C 70 34.27 -17.18 -12.32
N LYS C 71 34.81 -17.95 -11.38
CA LYS C 71 36.21 -18.43 -11.41
C LYS C 71 36.63 -19.18 -12.69
N GLU C 72 35.79 -20.11 -13.12
CA GLU C 72 36.06 -20.87 -14.33
C GLU C 72 36.32 -19.94 -15.52
N PHE C 73 35.39 -19.02 -15.77
CA PHE C 73 35.51 -18.05 -16.86
C PHE C 73 36.73 -17.13 -16.73
N ALA C 74 37.06 -16.74 -15.51
CA ALA C 74 38.17 -15.83 -15.26
C ALA C 74 39.50 -16.47 -15.69
N GLN C 75 39.71 -17.72 -15.28
CA GLN C 75 40.94 -18.42 -15.65
C GLN C 75 40.94 -18.72 -17.16
N ALA C 76 39.79 -19.12 -17.70
CA ALA C 76 39.61 -19.33 -19.15
C ALA C 76 39.99 -18.10 -20.01
N GLN C 77 39.95 -16.90 -19.44
CA GLN C 77 40.36 -15.68 -20.13
C GLN C 77 41.56 -15.08 -19.44
N GLY C 78 42.19 -15.85 -18.57
CA GLY C 78 43.26 -15.37 -17.70
C GLY C 78 43.12 -13.90 -17.36
N LEU C 79 42.04 -13.54 -16.67
CA LEU C 79 41.78 -12.15 -16.30
C LEU C 79 42.69 -11.66 -15.16
N PRO C 80 42.88 -10.34 -15.06
CA PRO C 80 43.64 -9.72 -13.96
C PRO C 80 43.08 -10.03 -12.57
N ASP C 81 43.90 -9.85 -11.53
CA ASP C 81 43.50 -10.11 -10.13
C ASP C 81 42.55 -9.05 -9.53
N HIS C 82 42.47 -7.88 -10.16
CA HIS C 82 41.62 -6.80 -9.65
C HIS C 82 40.17 -6.88 -10.18
N ALA C 83 39.95 -7.76 -11.15
CA ALA C 83 38.73 -7.73 -11.95
C ALA C 83 37.87 -8.97 -11.76
N LEU C 84 36.64 -8.78 -11.31
CA LEU C 84 35.70 -9.87 -11.15
C LEU C 84 34.76 -9.97 -12.35
N ALA C 85 34.07 -11.09 -12.42
CA ALA C 85 33.24 -11.43 -13.56
C ALA C 85 31.94 -12.10 -13.10
N LEU C 86 30.80 -11.49 -13.41
CA LEU C 86 29.53 -12.12 -13.08
C LEU C 86 29.29 -13.32 -13.96
N PRO C 87 28.65 -14.35 -13.42
CA PRO C 87 28.13 -15.41 -14.27
C PRO C 87 27.28 -14.85 -15.42
N PRO C 88 27.02 -15.69 -16.44
CA PRO C 88 26.12 -15.28 -17.50
C PRO C 88 24.71 -15.01 -16.97
N ALA C 89 24.19 -13.84 -17.31
CA ALA C 89 22.76 -13.59 -17.19
C ALA C 89 22.04 -14.19 -18.41
N SER C 90 20.70 -14.19 -18.33
CA SER C 90 19.82 -14.79 -19.34
C SER C 90 20.20 -14.43 -20.78
N HIS C 91 20.28 -13.12 -21.04
CA HIS C 91 20.55 -12.59 -22.38
C HIS C 91 21.62 -11.49 -22.29
N GLY C 92 22.14 -11.09 -23.45
CA GLY C 92 22.99 -9.91 -23.55
C GLY C 92 24.44 -10.10 -23.17
N PRO C 93 25.07 -9.00 -22.74
CA PRO C 93 26.52 -8.99 -22.56
C PRO C 93 26.97 -9.59 -21.22
N ARG C 94 28.19 -10.12 -21.20
CA ARG C 94 28.83 -10.53 -19.97
C ARG C 94 29.25 -9.29 -19.18
N VAL C 95 29.11 -9.31 -17.85
CA VAL C 95 29.43 -8.13 -17.06
C VAL C 95 30.69 -8.35 -16.25
N LEU C 96 31.66 -7.47 -16.44
CA LEU C 96 32.88 -7.53 -15.66
C LEU C 96 32.95 -6.28 -14.82
N TYR C 97 33.59 -6.36 -13.65
CA TYR C 97 33.71 -5.17 -12.82
C TYR C 97 34.96 -5.14 -11.99
N THR C 98 35.35 -3.93 -11.62
CA THR C 98 36.53 -3.71 -10.82
C THR C 98 36.12 -3.00 -9.53
N VAL C 99 36.60 -3.52 -8.40
CA VAL C 99 36.32 -2.97 -7.09
C VAL C 99 37.34 -1.92 -6.65
N LEU C 100 36.87 -0.72 -6.44
CA LEU C 100 37.68 0.33 -5.90
C LEU C 100 37.17 0.55 -4.50
N GLU C 101 38.00 0.23 -3.52
CA GLU C 101 37.68 0.38 -2.13
C GLU C 101 38.28 1.68 -1.59
N CYS C 102 37.43 2.66 -1.34
CA CYS C 102 37.85 3.94 -0.74
C CYS C 102 38.45 3.73 0.62
N GLN C 103 39.30 4.65 1.03
CA GLN C 103 40.01 4.48 2.30
C GLN C 103 40.31 5.84 2.93
N PRO C 104 39.87 6.08 4.17
CA PRO C 104 39.02 5.17 4.95
C PRO C 104 37.54 5.03 4.48
N LEU C 105 36.98 3.89 4.78
CA LEU C 105 35.57 3.62 4.57
C LEU C 105 34.73 4.32 5.63
N LEU C 106 33.52 4.76 5.27
CA LEU C 106 32.71 5.57 6.19
C LEU C 106 31.30 5.06 6.46
N ASP C 107 30.86 5.18 7.70
CA ASP C 107 29.42 5.20 8.02
C ASP C 107 28.85 6.45 7.37
N SER C 108 27.74 6.31 6.64
CA SER C 108 27.24 7.39 5.81
C SER C 108 26.79 8.60 6.62
N SER C 109 26.65 8.44 7.92
CA SER C 109 26.32 9.57 8.80
C SER C 109 27.46 10.57 8.89
N ASP C 110 28.69 10.12 8.62
CA ASP C 110 29.86 11.00 8.62
C ASP C 110 30.13 11.63 7.25
N MET C 111 29.28 11.40 6.27
CA MET C 111 29.58 11.90 4.93
C MET C 111 29.04 13.31 4.69
N THR C 112 29.75 14.03 3.83
CA THR C 112 29.53 15.44 3.59
C THR C 112 29.70 15.69 2.12
N ILE C 113 29.50 16.95 1.73
CA ILE C 113 29.67 17.39 0.36
C ILE C 113 31.03 17.01 -0.21
N ASP C 114 32.08 17.13 0.58
CA ASP C 114 33.43 16.82 0.11
C ASP C 114 33.59 15.35 -0.25
N ASP C 115 33.00 14.47 0.55
CA ASP C 115 33.02 13.04 0.24
C ASP C 115 32.30 12.76 -1.08
N TRP C 116 31.18 13.41 -1.31
CA TRP C 116 30.44 13.20 -2.53
C TRP C 116 31.17 13.77 -3.74
N ILE C 117 31.88 14.89 -3.53
CA ILE C 117 32.72 15.47 -4.57
C ILE C 117 33.85 14.49 -4.91
N ARG C 118 34.46 13.89 -3.91
CA ARG C 118 35.51 12.89 -4.15
C ARG C 118 34.99 11.75 -5.03
N ILE C 119 33.73 11.35 -4.81
CA ILE C 119 33.16 10.24 -5.56
C ILE C 119 32.92 10.65 -6.99
N ALA C 120 32.34 11.83 -7.17
CA ALA C 120 32.12 12.35 -8.49
C ALA C 120 33.43 12.39 -9.28
N LYS C 121 34.49 12.78 -8.61
CA LYS C 121 35.81 12.89 -9.24
C LYS C 121 36.40 11.54 -9.62
N ILE C 122 36.14 10.53 -8.81
CA ILE C 122 36.49 9.17 -9.17
C ILE C 122 35.77 8.81 -10.48
N ILE C 123 34.49 9.15 -10.59
CA ILE C 123 33.71 8.79 -11.77
C ILE C 123 34.24 9.56 -12.97
N GLU C 124 34.63 10.82 -12.74
CA GLU C 124 35.18 11.66 -13.81
C GLU C 124 36.50 11.09 -14.30
N ARG C 125 37.40 10.78 -13.36
CA ARG C 125 38.69 10.22 -13.72
C ARG C 125 38.59 8.99 -14.63
N HIS C 126 37.66 8.09 -14.34
CA HIS C 126 37.58 6.84 -15.03
C HIS C 126 36.42 6.75 -15.97
N TYR C 127 35.81 7.88 -16.33
CA TYR C 127 34.57 7.89 -17.13
C TYR C 127 34.65 7.17 -18.47
N GLU C 128 35.82 7.21 -19.10
CA GLU C 128 35.99 6.69 -20.44
C GLU C 128 36.27 5.19 -20.43
N GLN C 129 36.87 4.69 -19.36
CA GLN C 129 37.24 3.28 -19.25
C GLN C 129 36.09 2.33 -18.90
N TYR C 130 34.93 2.84 -18.51
CA TYR C 130 33.86 2.01 -17.95
C TYR C 130 32.52 2.36 -18.51
N GLN C 131 31.64 1.38 -18.65
CA GLN C 131 30.31 1.60 -19.23
C GLN C 131 29.25 1.98 -18.20
N GLY C 132 29.60 1.85 -16.93
CA GLY C 132 28.70 2.21 -15.84
C GLY C 132 29.35 2.09 -14.47
N PHE C 133 28.61 2.52 -13.44
CA PHE C 133 29.14 2.64 -12.08
C PHE C 133 28.16 2.18 -11.02
N VAL C 134 28.67 1.54 -9.99
CA VAL C 134 27.89 1.22 -8.82
C VAL C 134 28.61 1.76 -7.58
N VAL C 135 27.86 2.44 -6.72
CA VAL C 135 28.43 3.01 -5.51
C VAL C 135 27.78 2.39 -4.29
N ILE C 136 28.55 1.63 -3.53
CA ILE C 136 28.12 1.12 -2.25
C ILE C 136 28.27 2.20 -1.18
N HIS C 137 27.18 2.40 -0.46
CA HIS C 137 26.96 3.58 0.36
C HIS C 137 26.06 3.20 1.53
N GLY C 138 26.25 3.86 2.65
CA GLY C 138 25.33 3.71 3.76
C GLY C 138 23.96 4.29 3.49
N THR C 139 22.96 3.83 4.23
CA THR C 139 21.57 4.27 4.03
C THR C 139 21.32 5.63 4.67
N ASP C 140 21.96 5.87 5.80
CA ASP C 140 21.69 7.07 6.59
C ASP C 140 21.65 8.35 5.76
N THR C 141 22.58 8.54 4.85
CA THR C 141 22.58 9.73 4.00
C THR C 141 22.57 9.44 2.49
N MET C 142 22.24 8.21 2.14
CA MET C 142 22.09 7.79 0.78
C MET C 142 21.33 8.77 -0.09
N ALA C 143 20.18 9.23 0.38
CA ALA C 143 19.33 10.12 -0.44
C ALA C 143 19.99 11.46 -0.71
N SER C 144 20.66 12.01 0.29
CA SER C 144 21.47 13.23 0.09
C SER C 144 22.60 12.99 -0.91
N GLY C 145 23.33 11.87 -0.75
CA GLY C 145 24.39 11.52 -1.70
C GLY C 145 23.92 11.31 -3.14
N ALA C 146 22.83 10.56 -3.32
CA ALA C 146 22.28 10.37 -4.65
C ALA C 146 21.91 11.71 -5.26
N SER C 147 21.20 12.54 -4.52
CA SER C 147 20.80 13.85 -5.06
C SER C 147 22.04 14.71 -5.41
N MET C 148 23.04 14.72 -4.55
CA MET C 148 24.23 15.53 -4.81
C MET C 148 24.92 15.07 -6.08
N LEU C 149 25.18 13.78 -6.20
CA LEU C 149 25.82 13.28 -7.41
C LEU C 149 24.98 13.55 -8.66
N SER C 150 23.68 13.39 -8.57
CA SER C 150 22.79 13.77 -9.64
C SER C 150 23.12 15.17 -10.21
N PHE C 151 23.30 16.16 -9.35
CA PHE C 151 23.65 17.52 -9.81
C PHE C 151 25.09 17.71 -10.25
N MET C 152 26.02 17.11 -9.53
CA MET C 152 27.44 17.28 -9.87
C MET C 152 27.77 16.70 -11.22
N LEU C 153 27.10 15.62 -11.61
CA LEU C 153 27.40 14.92 -12.85
C LEU C 153 26.53 15.41 -14.01
N GLU C 154 26.79 16.63 -14.47
CA GLU C 154 26.08 17.23 -15.60
C GLU C 154 26.30 16.52 -16.95
N ASN C 155 25.19 16.27 -17.65
CA ASN C 155 25.14 15.58 -18.94
C ASN C 155 25.54 14.12 -18.87
N LEU C 156 25.41 13.53 -17.70
CA LEU C 156 25.77 12.15 -17.51
C LEU C 156 25.14 11.25 -18.58
N HIS C 157 25.95 10.33 -19.10
CA HIS C 157 25.52 9.47 -20.21
C HIS C 157 25.40 7.99 -19.83
N LYS C 158 25.87 7.64 -18.63
CA LYS C 158 26.00 6.26 -18.18
C LYS C 158 25.32 6.10 -16.83
N PRO C 159 24.93 4.87 -16.49
CA PRO C 159 24.34 4.63 -15.20
C PRO C 159 25.34 4.71 -14.03
N VAL C 160 24.87 5.36 -12.97
CA VAL C 160 25.55 5.41 -11.69
C VAL C 160 24.53 4.93 -10.67
N ILE C 161 24.73 3.75 -10.14
CA ILE C 161 23.71 3.12 -9.30
C ILE C 161 24.21 3.05 -7.90
N LEU C 162 23.56 3.78 -6.99
CA LEU C 162 23.84 3.64 -5.57
C LEU C 162 23.08 2.47 -5.00
N THR C 163 23.70 1.76 -4.08
CA THR C 163 23.01 0.72 -3.36
C THR C 163 23.57 0.61 -1.95
N GLY C 164 22.83 -0.05 -1.07
CA GLY C 164 23.25 -0.26 0.31
C GLY C 164 22.48 -1.42 0.91
N ALA C 165 22.54 -1.56 2.22
CA ALA C 165 21.81 -2.62 2.89
C ALA C 165 21.55 -2.28 4.34
N GLN C 166 20.53 -2.91 4.90
CA GLN C 166 20.19 -2.82 6.33
C GLN C 166 20.97 -3.82 7.18
N VAL C 167 21.52 -4.84 6.54
CA VAL C 167 22.22 -5.91 7.23
C VAL C 167 23.51 -6.19 6.46
N PRO C 168 24.66 -6.30 7.16
CA PRO C 168 25.92 -6.53 6.43
C PRO C 168 25.97 -7.83 5.60
N ILE C 169 26.74 -7.78 4.53
CA ILE C 169 26.88 -8.93 3.65
C ILE C 169 27.54 -10.13 4.32
N ARG C 170 28.34 -9.88 5.34
CA ARG C 170 28.97 -10.97 6.08
C ARG C 170 28.05 -11.67 7.06
N VAL C 171 26.91 -11.07 7.36
CA VAL C 171 25.89 -11.71 8.19
C VAL C 171 25.06 -12.58 7.27
N LEU C 172 24.80 -13.82 7.67
CA LEU C 172 24.21 -14.77 6.73
C LEU C 172 22.86 -14.31 6.16
N TRP C 173 21.93 -13.94 7.04
CA TRP C 173 20.63 -13.53 6.60
C TRP C 173 20.61 -12.02 6.31
N ASN C 174 20.73 -11.65 5.04
CA ASN C 174 20.88 -10.25 4.69
C ASN C 174 20.17 -9.84 3.40
N ASP C 175 20.06 -8.53 3.21
CA ASP C 175 19.57 -7.92 1.97
C ASP C 175 20.74 -7.43 1.09
N ALA C 176 21.97 -7.54 1.59
CA ALA C 176 23.16 -7.08 0.89
C ALA C 176 23.44 -7.82 -0.42
N ARG C 177 23.39 -9.14 -0.39
CA ARG C 177 23.75 -9.91 -1.57
C ARG C 177 22.89 -9.45 -2.73
N GLU C 178 21.57 -9.48 -2.57
CA GLU C 178 20.71 -9.21 -3.74
C GLU C 178 20.69 -7.74 -4.14
N ASN C 179 20.86 -6.84 -3.19
CA ASN C 179 21.00 -5.43 -3.54
C ASN C 179 22.24 -5.15 -4.37
N LEU C 180 23.37 -5.74 -4.01
CA LEU C 180 24.60 -5.50 -4.77
C LEU C 180 24.53 -6.12 -6.15
N LEU C 181 24.09 -7.37 -6.24
CA LEU C 181 23.94 -7.99 -7.53
C LEU C 181 23.03 -7.20 -8.45
N GLY C 182 21.89 -6.75 -7.95
CA GLY C 182 20.90 -6.05 -8.79
C GLY C 182 21.49 -4.77 -9.32
N ALA C 183 22.22 -4.06 -8.48
CA ALA C 183 22.88 -2.82 -8.94
C ALA C 183 23.84 -3.10 -10.08
N LEU C 184 24.66 -4.14 -9.94
CA LEU C 184 25.61 -4.49 -10.99
C LEU C 184 24.87 -4.87 -12.23
N LEU C 185 23.83 -5.67 -12.11
CA LEU C 185 23.10 -6.09 -13.31
C LEU C 185 22.38 -4.95 -14.00
N VAL C 186 21.91 -3.97 -13.26
CA VAL C 186 21.25 -2.82 -13.91
C VAL C 186 22.28 -1.97 -14.65
N ALA C 187 23.34 -1.59 -13.96
CA ALA C 187 24.40 -0.82 -14.57
C ALA C 187 24.99 -1.55 -15.76
N GLY C 188 25.10 -2.86 -15.62
CA GLY C 188 25.75 -3.66 -16.62
C GLY C 188 24.94 -3.90 -17.87
N GLN C 189 23.63 -3.77 -17.79
CA GLN C 189 22.79 -4.22 -18.89
C GLN C 189 21.88 -3.18 -19.49
N TYR C 190 21.70 -2.05 -18.84
CA TYR C 190 20.76 -1.06 -19.32
C TYR C 190 21.43 0.29 -19.32
N ILE C 191 21.06 1.09 -20.31
CA ILE C 191 21.61 2.42 -20.44
C ILE C 191 20.58 3.40 -19.89
N ILE C 192 20.70 3.61 -18.57
CA ILE C 192 19.89 4.56 -17.82
C ILE C 192 20.87 5.63 -17.30
N PRO C 193 20.85 6.81 -17.92
CA PRO C 193 21.90 7.80 -17.70
C PRO C 193 21.57 8.71 -16.52
N GLU C 194 21.43 8.11 -15.35
CA GLU C 194 20.97 8.82 -14.18
C GLU C 194 21.66 8.25 -12.98
N VAL C 195 21.74 9.08 -11.95
CA VAL C 195 22.13 8.63 -10.63
C VAL C 195 20.87 8.01 -10.05
N CYS C 196 20.95 6.72 -9.76
CA CYS C 196 19.81 5.95 -9.27
C CYS C 196 20.11 5.34 -7.93
N LEU C 197 19.06 4.85 -7.27
CA LEU C 197 19.21 4.00 -6.10
C LEU C 197 18.52 2.66 -6.35
N PHE C 198 19.26 1.57 -6.18
CA PHE C 198 18.71 0.26 -6.31
C PHE C 198 18.66 -0.39 -4.96
N MET C 199 17.44 -0.67 -4.50
CA MET C 199 17.20 -1.44 -3.29
C MET C 199 15.91 -2.24 -3.34
N ASN C 200 16.01 -3.50 -2.92
CA ASN C 200 14.83 -4.33 -2.68
C ASN C 200 14.02 -4.49 -3.96
N SER C 201 14.73 -4.87 -5.03
CA SER C 201 14.13 -5.09 -6.35
C SER C 201 13.50 -3.86 -7.03
N GLN C 202 13.85 -2.66 -6.60
CA GLN C 202 13.36 -1.42 -7.20
C GLN C 202 14.53 -0.52 -7.59
N LEU C 203 14.43 0.12 -8.75
CA LEU C 203 15.35 1.15 -9.13
C LEU C 203 14.62 2.49 -9.02
N PHE C 204 15.16 3.42 -8.23
CA PHE C 204 14.57 4.74 -8.10
C PHE C 204 15.45 5.81 -8.68
N ARG C 205 14.83 6.89 -9.15
CA ARG C 205 15.59 8.05 -9.51
C ARG C 205 16.23 8.58 -8.24
N GLY C 206 17.54 8.76 -8.25
CA GLY C 206 18.27 9.16 -7.03
C GLY C 206 17.80 10.45 -6.37
N ASN C 207 17.53 11.47 -7.16
CA ASN C 207 17.11 12.74 -6.59
C ASN C 207 15.62 12.77 -6.23
N ARG C 208 14.96 11.62 -6.27
CA ARG C 208 13.52 11.50 -5.94
C ARG C 208 13.25 10.68 -4.68
N VAL C 209 14.29 10.14 -4.05
CA VAL C 209 14.10 9.22 -2.92
C VAL C 209 14.33 9.86 -1.59
N THR C 210 13.79 9.22 -0.57
CA THR C 210 14.04 9.58 0.81
C THR C 210 13.85 8.32 1.65
N MET C 211 14.45 8.28 2.85
CA MET C 211 14.46 7.05 3.65
C MET C 211 13.25 7.07 4.54
N VAL C 212 12.46 6.00 4.47
CA VAL C 212 11.17 5.94 5.23
C VAL C 212 11.11 4.89 6.30
N ASP C 213 12.03 3.94 6.31
CA ASP C 213 11.98 2.87 7.29
C ASP C 213 13.37 2.54 7.74
N SER C 214 13.59 2.61 9.05
CA SER C 214 14.93 2.45 9.59
C SER C 214 15.28 1.00 9.86
N GLN C 215 14.32 0.08 9.78
CA GLN C 215 14.62 -1.34 10.02
C GLN C 215 14.30 -2.27 8.86
N LYS C 216 13.21 -2.01 8.14
CA LYS C 216 12.76 -2.90 7.09
C LYS C 216 13.63 -2.80 5.83
N PHE C 217 13.66 -3.87 5.04
CA PHE C 217 14.42 -3.89 3.81
C PHE C 217 13.86 -2.90 2.78
N GLU C 218 12.54 -2.64 2.83
CA GLU C 218 11.98 -1.61 2.01
C GLU C 218 12.22 -0.27 2.71
N ALA C 219 13.46 0.19 2.65
CA ALA C 219 13.88 1.32 3.44
C ALA C 219 13.62 2.66 2.80
N PHE C 220 13.57 2.68 1.48
CA PHE C 220 13.39 3.92 0.74
C PHE C 220 12.08 3.95 -0.03
N CYS C 221 11.63 5.18 -0.29
CA CYS C 221 10.41 5.47 -1.01
C CYS C 221 10.76 6.59 -2.00
N SER C 222 10.08 6.57 -3.15
CA SER C 222 10.12 7.67 -4.12
C SER C 222 8.71 8.24 -4.13
N PRO C 223 8.42 9.16 -3.23
CA PRO C 223 7.04 9.53 -2.98
C PRO C 223 6.28 10.16 -4.14
N ASN C 224 6.97 10.90 -4.99
CA ASN C 224 6.33 11.69 -6.04
C ASN C 224 6.70 11.25 -7.46
N LEU C 225 7.21 10.04 -7.60
CA LEU C 225 7.57 9.54 -8.92
C LEU C 225 7.65 8.05 -8.86
N SER C 226 7.09 7.37 -9.85
CA SER C 226 7.28 5.96 -9.94
C SER C 226 8.74 5.61 -9.96
N PRO C 227 9.06 4.37 -9.60
CA PRO C 227 10.39 3.85 -9.83
C PRO C 227 10.71 3.87 -11.29
N LEU C 228 11.99 4.01 -11.60
CA LEU C 228 12.43 3.86 -12.99
C LEU C 228 12.36 2.41 -13.42
N ALA C 229 12.48 1.48 -12.48
CA ALA C 229 12.45 0.06 -12.84
C ALA C 229 12.12 -0.85 -11.67
N THR C 230 11.67 -2.04 -12.02
CA THR C 230 11.26 -3.05 -11.07
C THR C 230 11.77 -4.37 -11.58
N VAL C 231 12.25 -5.20 -10.68
CA VAL C 231 12.76 -6.52 -11.03
C VAL C 231 11.85 -7.58 -10.45
N GLY C 232 11.46 -8.54 -11.29
CA GLY C 232 10.64 -9.65 -10.85
C GLY C 232 11.02 -10.79 -11.73
N ALA C 233 10.02 -11.56 -12.16
CA ALA C 233 10.21 -12.61 -13.17
C ALA C 233 10.88 -12.04 -14.42
N ASP C 234 10.57 -10.79 -14.73
CA ASP C 234 11.23 -10.02 -15.80
C ASP C 234 11.49 -8.61 -15.30
N VAL C 235 12.16 -7.81 -16.12
CA VAL C 235 12.55 -6.50 -15.68
C VAL C 235 11.70 -5.47 -16.37
N THR C 236 10.97 -4.67 -15.62
CA THR C 236 10.16 -3.66 -16.21
C THR C 236 10.78 -2.29 -16.02
N ILE C 237 11.04 -1.58 -17.12
CA ILE C 237 11.60 -0.25 -17.05
C ILE C 237 10.63 0.78 -17.58
N ALA C 238 10.57 1.93 -16.92
CA ALA C 238 9.65 3.00 -17.32
C ALA C 238 10.40 3.97 -18.22
N TRP C 239 10.55 3.55 -19.48
CA TRP C 239 11.33 4.29 -20.47
C TRP C 239 10.77 5.68 -20.76
N ASP C 240 9.46 5.83 -20.62
CA ASP C 240 8.79 7.12 -20.69
C ASP C 240 9.29 8.13 -19.64
N LEU C 241 9.89 7.66 -18.55
CA LEU C 241 10.42 8.54 -17.51
C LEU C 241 11.92 8.68 -17.59
N VAL C 242 12.61 7.65 -18.06
CA VAL C 242 14.08 7.69 -18.06
C VAL C 242 14.54 8.81 -18.95
N ARG C 243 15.57 9.52 -18.50
CA ARG C 243 16.08 10.67 -19.22
C ARG C 243 16.89 10.27 -20.45
N LYS C 244 16.93 11.19 -21.41
CA LYS C 244 17.56 10.94 -22.71
C LYS C 244 19.03 11.28 -22.64
N VAL C 245 19.85 10.42 -23.24
CA VAL C 245 21.31 10.60 -23.35
C VAL C 245 21.59 11.78 -24.24
N LYS C 246 22.36 12.74 -23.76
CA LYS C 246 22.69 13.90 -24.56
C LYS C 246 24.09 13.72 -25.13
N TRP C 247 24.13 12.96 -26.23
CA TRP C 247 25.34 12.43 -26.85
C TRP C 247 26.26 13.54 -27.41
N LYS C 248 25.68 14.69 -27.74
CA LYS C 248 26.44 15.86 -28.20
C LYS C 248 27.26 16.49 -27.07
N ASP C 249 26.66 16.61 -25.90
CA ASP C 249 27.21 17.37 -24.78
C ASP C 249 28.18 16.51 -23.93
N PRO C 250 29.33 17.06 -23.56
CA PRO C 250 30.27 16.25 -22.76
C PRO C 250 29.89 16.27 -21.29
N LEU C 251 30.44 15.33 -20.53
CA LEU C 251 30.30 15.33 -19.08
C LEU C 251 30.99 16.53 -18.45
N VAL C 252 30.23 17.32 -17.70
CA VAL C 252 30.80 18.39 -16.90
C VAL C 252 30.59 18.09 -15.40
N VAL C 253 31.67 17.89 -14.65
CA VAL C 253 31.57 17.59 -13.24
C VAL C 253 31.72 18.88 -12.43
N HIS C 254 30.78 19.14 -11.55
CA HIS C 254 30.81 20.34 -10.75
C HIS C 254 31.43 20.10 -9.37
N SER C 255 32.70 20.42 -9.21
CA SER C 255 33.35 20.49 -7.87
C SER C 255 32.97 21.75 -7.11
N ASN C 256 32.46 22.72 -7.84
CA ASN C 256 32.09 24.03 -7.28
C ASN C 256 30.70 23.96 -6.68
N MET C 257 30.56 23.25 -5.57
CA MET C 257 29.27 23.12 -4.90
C MET C 257 29.35 23.94 -3.65
N GLU C 258 28.35 24.79 -3.44
CA GLU C 258 28.37 25.71 -2.31
C GLU C 258 28.19 24.93 -1.02
N HIS C 259 29.12 25.08 -0.10
CA HIS C 259 29.05 24.42 1.20
C HIS C 259 28.09 25.11 2.18
N ASP C 260 28.01 26.44 2.19
CA ASP C 260 27.17 27.16 3.15
C ASP C 260 25.69 27.17 2.77
N VAL C 261 25.09 25.98 2.82
CA VAL C 261 23.65 25.83 2.67
C VAL C 261 23.18 24.99 3.85
N ALA C 262 21.92 25.15 4.22
CA ALA C 262 21.38 24.44 5.36
C ALA C 262 19.93 24.06 5.13
N LEU C 263 19.44 23.30 6.08
CA LEU C 263 18.05 22.91 6.11
C LEU C 263 17.48 23.30 7.47
N LEU C 264 16.30 23.90 7.46
CA LEU C 264 15.66 24.31 8.70
C LEU C 264 14.22 23.86 8.72
N ARG C 265 13.84 23.06 9.70
CA ARG C 265 12.48 22.59 9.81
C ARG C 265 11.67 23.42 10.79
N LEU C 266 10.58 24.00 10.30
CA LEU C 266 9.68 24.75 11.16
C LEU C 266 8.92 23.83 12.11
N TYR C 267 8.61 24.35 13.28
CA TYR C 267 7.83 23.64 14.27
C TYR C 267 6.92 24.73 14.88
N PRO C 268 5.78 24.34 15.47
CA PRO C 268 4.83 25.39 15.90
C PRO C 268 5.44 26.26 16.96
N GLY C 269 5.24 27.56 16.80
CA GLY C 269 5.76 28.51 17.77
C GLY C 269 7.22 28.80 17.64
N ILE C 270 7.90 28.29 16.62
CA ILE C 270 9.31 28.59 16.45
C ILE C 270 9.55 30.09 16.52
N PRO C 271 10.39 30.52 17.47
CA PRO C 271 10.57 31.95 17.67
C PRO C 271 11.45 32.62 16.62
N ALA C 272 11.15 33.88 16.35
CA ALA C 272 11.90 34.70 15.41
C ALA C 272 13.37 34.82 15.77
N SER C 273 13.69 34.92 17.06
CA SER C 273 15.07 35.09 17.44
C SER C 273 15.93 33.85 17.11
N LEU C 274 15.31 32.68 17.13
CA LEU C 274 16.04 31.44 16.80
C LEU C 274 16.26 31.35 15.28
N VAL C 275 15.25 31.75 14.51
CA VAL C 275 15.41 31.85 13.07
C VAL C 275 16.47 32.90 12.69
N ARG C 276 16.42 34.07 13.32
CA ARG C 276 17.46 35.09 13.12
C ARG C 276 18.86 34.46 13.25
N ALA C 277 19.08 33.76 14.35
CA ALA C 277 20.38 33.16 14.60
C ALA C 277 20.78 32.15 13.53
N PHE C 278 19.79 31.39 13.06
CA PHE C 278 20.04 30.30 12.13
C PHE C 278 20.51 30.84 10.80
N LEU C 279 19.93 31.96 10.41
CA LEU C 279 20.18 32.50 9.09
C LEU C 279 21.32 33.53 9.05
N GLN C 280 22.18 33.55 10.07
CA GLN C 280 23.26 34.54 10.09
C GLN C 280 24.30 34.21 9.06
N PRO C 281 25.05 35.22 8.59
CA PRO C 281 26.19 34.92 7.71
C PRO C 281 27.12 33.99 8.44
N PRO C 282 27.81 33.10 7.73
CA PRO C 282 27.96 33.12 6.27
C PRO C 282 26.96 32.26 5.44
N LEU C 283 25.82 31.88 6.00
CA LEU C 283 24.87 31.08 5.24
C LEU C 283 24.42 31.79 3.95
N LYS C 284 24.41 31.04 2.83
CA LYS C 284 24.00 31.57 1.51
C LYS C 284 22.64 31.05 1.05
N GLY C 285 22.28 29.86 1.51
CA GLY C 285 21.02 29.24 1.09
C GLY C 285 20.42 28.36 2.16
N VAL C 286 19.10 28.28 2.15
CA VAL C 286 18.42 27.42 3.10
C VAL C 286 17.16 26.80 2.52
N VAL C 287 16.93 25.55 2.91
CA VAL C 287 15.67 24.92 2.63
C VAL C 287 14.82 25.00 3.87
N LEU C 288 13.66 25.64 3.75
CA LEU C 288 12.72 25.70 4.85
C LEU C 288 11.73 24.60 4.66
N GLU C 289 11.69 23.65 5.57
CA GLU C 289 10.66 22.63 5.54
C GLU C 289 9.43 23.15 6.29
N THR C 290 8.34 23.35 5.56
CA THR C 290 7.14 24.05 6.05
C THR C 290 5.96 23.10 6.24
N PHE C 291 4.84 23.61 6.72
CA PHE C 291 3.70 22.75 7.03
C PHE C 291 2.82 22.57 5.81
N GLY C 292 2.24 21.40 5.68
CA GLY C 292 1.21 21.14 4.68
C GLY C 292 1.60 21.52 3.28
N SER C 293 0.72 22.28 2.63
CA SER C 293 0.93 22.73 1.24
C SER C 293 1.99 23.82 1.12
N GLY C 294 2.68 24.15 2.21
CA GLY C 294 3.84 25.03 2.13
C GLY C 294 3.65 26.26 2.97
N ASN C 295 3.25 26.09 4.21
CA ASN C 295 2.82 27.21 5.03
C ASN C 295 3.61 27.30 6.33
N GLY C 296 3.61 28.50 6.91
CA GLY C 296 4.23 28.73 8.18
C GLY C 296 3.49 29.80 8.97
N PRO C 297 3.99 30.13 10.16
CA PRO C 297 3.36 31.15 10.97
C PRO C 297 3.44 32.50 10.27
N SER C 298 2.37 33.26 10.35
CA SER C 298 2.32 34.57 9.75
C SER C 298 2.70 35.68 10.73
N LYS C 299 3.14 35.33 11.93
CA LYS C 299 3.53 36.36 12.90
C LYS C 299 4.62 37.26 12.30
N PRO C 300 4.43 38.58 12.37
CA PRO C 300 5.29 39.55 11.70
C PRO C 300 6.77 39.52 12.06
N ASP C 301 7.11 39.27 13.31
CA ASP C 301 8.54 39.23 13.67
C ASP C 301 9.29 38.09 12.95
N LEU C 302 8.61 36.98 12.68
CA LEU C 302 9.18 35.89 11.90
C LEU C 302 9.33 36.25 10.44
N LEU C 303 8.27 36.82 9.86
CA LEU C 303 8.35 37.24 8.47
C LEU C 303 9.44 38.30 8.27
N GLN C 304 9.57 39.20 9.24
CA GLN C 304 10.60 40.22 9.21
C GLN C 304 12.00 39.60 9.07
N GLU C 305 12.26 38.51 9.79
CA GLU C 305 13.58 37.88 9.68
C GLU C 305 13.84 37.22 8.32
N LEU C 306 12.81 36.67 7.70
CA LEU C 306 12.98 36.08 6.39
C LEU C 306 13.30 37.20 5.44
N ARG C 307 12.58 38.29 5.58
CA ARG C 307 12.80 39.47 4.75
C ARG C 307 14.23 40.03 4.98
N ALA C 308 14.66 40.09 6.23
CA ALA C 308 16.01 40.62 6.52
C ALA C 308 17.08 39.74 5.86
N ALA C 309 16.83 38.44 5.85
CA ALA C 309 17.79 37.50 5.28
C ALA C 309 17.88 37.68 3.79
N ALA C 310 16.73 37.87 3.16
CA ALA C 310 16.67 38.19 1.73
C ALA C 310 17.50 39.43 1.35
N GLN C 311 17.40 40.49 2.15
CA GLN C 311 18.20 41.68 1.91
C GLN C 311 19.70 41.40 2.03
N ARG C 312 20.10 40.53 2.94
CA ARG C 312 21.49 40.12 3.00
C ARG C 312 21.88 39.26 1.78
N GLY C 313 20.91 38.86 0.96
CA GLY C 313 21.19 38.10 -0.24
C GLY C 313 21.02 36.60 -0.12
N LEU C 314 20.42 36.15 0.99
CA LEU C 314 20.17 34.72 1.20
C LEU C 314 19.07 34.20 0.28
N ILE C 315 19.24 32.99 -0.23
CA ILE C 315 18.16 32.37 -1.00
C ILE C 315 17.48 31.27 -0.21
N MET C 316 16.16 31.23 -0.30
CA MET C 316 15.35 30.31 0.48
C MET C 316 14.52 29.45 -0.44
N VAL C 317 14.47 28.15 -0.21
CA VAL C 317 13.59 27.27 -0.94
C VAL C 317 12.54 26.71 0.01
N ASN C 318 11.28 26.78 -0.38
CA ASN C 318 10.19 26.25 0.42
C ASN C 318 9.86 24.82 0.02
N CYS C 319 10.11 23.86 0.91
CA CYS C 319 9.68 22.48 0.76
C CYS C 319 8.71 22.09 1.83
N SER C 320 7.83 21.15 1.53
CA SER C 320 6.86 20.67 2.52
C SER C 320 7.48 19.59 3.39
N GLN C 321 7.14 19.63 4.67
CA GLN C 321 7.45 18.53 5.57
C GLN C 321 6.78 17.23 5.15
N CYS C 322 5.61 17.31 4.52
CA CYS C 322 4.89 16.12 4.08
C CYS C 322 5.71 15.31 3.13
N LEU C 323 5.52 14.01 3.20
CA LEU C 323 6.26 13.08 2.37
C LEU C 323 5.77 13.18 0.93
N ARG C 324 4.45 13.17 0.74
CA ARG C 324 3.82 13.20 -0.57
C ARG C 324 3.15 14.54 -0.84
N GLY C 325 3.09 14.92 -2.12
CA GLY C 325 2.42 16.13 -2.58
C GLY C 325 3.38 17.26 -2.95
N SER C 326 2.81 18.44 -3.15
CA SER C 326 3.52 19.57 -3.67
C SER C 326 3.26 20.79 -2.82
N VAL C 327 4.24 21.68 -2.78
CA VAL C 327 4.04 23.01 -2.24
C VAL C 327 3.23 23.82 -3.24
N THR C 328 2.19 24.47 -2.77
CA THR C 328 1.31 25.27 -3.64
C THR C 328 0.81 26.48 -2.89
N PRO C 329 0.58 27.61 -3.57
CA PRO C 329 -0.03 28.75 -2.87
C PRO C 329 -1.51 28.49 -2.65
N GLY C 330 -2.16 29.36 -1.89
CA GLY C 330 -3.59 29.23 -1.60
C GLY C 330 -4.04 29.76 -0.25
N TYR C 331 -3.11 29.87 0.69
CA TYR C 331 -3.41 30.31 2.05
C TYR C 331 -2.74 31.62 2.36
N ALA C 332 -3.28 32.33 3.36
CA ALA C 332 -2.63 33.54 3.87
C ALA C 332 -1.35 33.22 4.62
N THR C 333 -1.16 31.95 4.96
CA THR C 333 0.04 31.48 5.60
C THR C 333 1.05 30.87 4.63
N SER C 334 0.75 30.88 3.34
CA SER C 334 1.71 30.38 2.37
C SER C 334 3.01 31.21 2.42
N LEU C 335 4.15 30.55 2.50
CA LEU C 335 5.45 31.21 2.44
C LEU C 335 5.92 31.53 1.02
N ALA C 336 5.76 32.79 0.63
CA ALA C 336 6.20 33.26 -0.66
C ALA C 336 6.74 34.68 -0.47
N GLY C 337 7.53 35.16 -1.43
CA GLY C 337 8.10 36.51 -1.32
C GLY C 337 9.54 36.64 -1.81
N ALA C 338 10.15 37.75 -1.45
CA ALA C 338 11.52 38.06 -1.86
C ALA C 338 12.42 36.86 -1.60
N ASN C 339 13.10 36.41 -2.65
CA ASN C 339 14.15 35.37 -2.53
C ASN C 339 13.63 34.01 -2.01
N ILE C 340 12.30 33.79 -2.05
CA ILE C 340 11.74 32.49 -1.73
C ILE C 340 11.24 31.82 -2.98
N VAL C 341 11.87 30.72 -3.32
CA VAL C 341 11.48 29.92 -4.46
C VAL C 341 10.70 28.72 -4.00
N SER C 342 9.56 28.43 -4.61
CA SER C 342 8.81 27.21 -4.29
C SER C 342 9.56 25.95 -4.76
N GLY C 343 9.63 24.93 -3.89
CA GLY C 343 10.27 23.67 -4.20
C GLY C 343 9.28 22.65 -4.76
N LEU C 344 8.03 23.06 -4.91
CA LEU C 344 7.03 22.20 -5.52
C LEU C 344 7.06 20.80 -4.89
N ASP C 345 7.29 19.74 -5.66
CA ASP C 345 7.24 18.40 -5.09
C ASP C 345 8.62 17.82 -4.79
N MET C 346 9.63 18.68 -4.57
CA MET C 346 10.98 18.14 -4.38
C MET C 346 11.11 17.55 -3.01
N THR C 347 11.84 16.46 -2.93
CA THR C 347 12.37 16.03 -1.66
C THR C 347 13.29 17.11 -1.10
N SER C 348 13.44 17.13 0.21
CA SER C 348 14.33 18.06 0.84
C SER C 348 15.80 17.76 0.55
N GLU C 349 16.14 16.49 0.35
CA GLU C 349 17.50 16.11 0.01
C GLU C 349 17.85 16.71 -1.35
N ALA C 350 16.93 16.59 -2.29
CA ALA C 350 17.10 17.18 -3.60
C ALA C 350 17.11 18.70 -3.58
N ALA C 351 16.26 19.32 -2.79
CA ALA C 351 16.26 20.78 -2.75
C ALA C 351 17.61 21.29 -2.21
N LEU C 352 18.14 20.64 -1.20
CA LEU C 352 19.41 21.05 -0.63
C LEU C 352 20.54 20.90 -1.62
N ALA C 353 20.54 19.81 -2.39
CA ALA C 353 21.61 19.58 -3.35
C ALA C 353 21.49 20.58 -4.51
N LYS C 354 20.27 20.84 -4.94
CA LYS C 354 20.06 21.80 -6.01
C LYS C 354 20.49 23.17 -5.56
N LEU C 355 20.25 23.47 -4.32
CA LEU C 355 20.62 24.75 -3.79
C LEU C 355 22.16 24.83 -3.80
N SER C 356 22.81 23.75 -3.39
CA SER C 356 24.28 23.72 -3.38
C SER C 356 24.88 23.91 -4.79
N TYR C 357 24.22 23.34 -5.78
CA TYR C 357 24.66 23.39 -7.15
C TYR C 357 24.51 24.77 -7.76
N VAL C 358 23.29 25.30 -7.68
CA VAL C 358 22.98 26.59 -8.25
C VAL C 358 23.81 27.71 -7.63
N LEU C 359 24.00 27.67 -6.31
CA LEU C 359 24.79 28.71 -5.65
C LEU C 359 26.28 28.58 -5.92
N GLY C 360 26.71 27.44 -6.40
CA GLY C 360 28.13 27.24 -6.68
C GLY C 360 28.53 27.71 -8.09
N LEU C 361 27.54 27.94 -8.95
CA LEU C 361 27.79 28.42 -10.30
C LEU C 361 28.36 29.84 -10.22
N PRO C 362 29.39 30.12 -11.02
CA PRO C 362 30.06 31.41 -10.90
C PRO C 362 29.30 32.49 -11.66
N GLU C 363 29.39 33.70 -11.12
CA GLU C 363 28.95 34.94 -11.80
C GLU C 363 27.52 34.94 -12.32
N LEU C 364 26.57 34.64 -11.47
CA LEU C 364 25.17 34.78 -11.85
C LEU C 364 24.49 35.71 -10.87
N SER C 365 23.52 36.44 -11.37
CA SER C 365 22.71 37.30 -10.56
C SER C 365 21.80 36.46 -9.69
N LEU C 366 21.35 37.06 -8.62
CA LEU C 366 20.37 36.43 -7.76
C LEU C 366 19.12 35.99 -8.53
N GLU C 367 18.69 36.78 -9.50
CA GLU C 367 17.45 36.51 -10.25
C GLU C 367 17.64 35.27 -11.12
N ARG C 368 18.83 35.15 -11.69
CA ARG C 368 19.16 34.04 -12.53
C ARG C 368 19.19 32.78 -11.70
N ARG C 369 19.80 32.87 -10.53
CA ARG C 369 19.91 31.74 -9.62
C ARG C 369 18.52 31.23 -9.23
N GLN C 370 17.62 32.16 -8.91
CA GLN C 370 16.25 31.80 -8.56
C GLN C 370 15.50 31.13 -9.71
N GLU C 371 15.74 31.61 -10.92
CA GLU C 371 15.16 31.06 -12.11
C GLU C 371 15.61 29.61 -12.34
N LEU C 372 16.88 29.33 -12.08
CA LEU C 372 17.41 27.97 -12.20
C LEU C 372 16.83 27.03 -11.14
N LEU C 373 16.63 27.54 -9.92
CA LEU C 373 16.02 26.75 -8.88
C LEU C 373 14.60 26.36 -9.23
N ALA C 374 13.86 27.26 -9.86
CA ALA C 374 12.48 26.96 -10.27
C ALA C 374 12.35 26.07 -11.51
N LYS C 375 13.46 25.56 -12.04
CA LYS C 375 13.44 24.69 -13.22
C LYS C 375 13.80 23.25 -12.85
N ASP C 376 13.22 22.30 -13.56
CA ASP C 376 13.55 20.91 -13.39
C ASP C 376 14.90 20.66 -14.06
N LEU C 377 15.97 20.53 -13.28
CA LEU C 377 17.30 20.40 -13.88
C LEU C 377 17.77 18.98 -14.03
N ARG C 378 17.33 18.05 -13.20
CA ARG C 378 17.76 16.65 -13.33
C ARG C 378 16.66 15.63 -13.15
N GLY C 379 15.40 16.03 -13.30
CA GLY C 379 14.27 15.13 -13.11
C GLY C 379 13.80 15.03 -11.68
N GLU C 380 14.21 16.01 -10.88
CA GLU C 380 13.92 16.02 -9.45
C GLU C 380 12.65 16.74 -9.11
N MET C 381 12.08 17.48 -10.05
CA MET C 381 10.95 18.37 -9.76
C MET C 381 9.93 18.27 -10.86
N THR C 382 8.66 18.20 -10.51
CA THR C 382 7.62 18.20 -11.53
C THR C 382 6.93 19.54 -11.55
N LEU C 383 6.91 20.19 -12.71
CA LEU C 383 6.28 21.49 -12.87
C LEU C 383 4.78 21.32 -13.13
N PRO C 384 3.96 22.33 -12.80
CA PRO C 384 2.49 22.15 -12.97
C PRO C 384 1.98 22.19 -14.41
N GLU D 31 22.98 -27.87 17.95
CA GLU D 31 22.54 -28.14 16.54
C GLU D 31 21.03 -28.40 16.38
N ARG D 32 20.47 -27.99 15.24
CA ARG D 32 19.09 -28.28 14.85
C ARG D 32 19.08 -28.86 13.44
N HIS D 33 18.27 -29.88 13.22
CA HIS D 33 18.29 -30.69 12.01
C HIS D 33 16.98 -30.51 11.24
N LEU D 34 17.08 -30.17 9.95
CA LEU D 34 15.91 -30.00 9.09
C LEU D 34 15.90 -30.94 7.90
N LEU D 35 14.71 -31.27 7.42
CA LEU D 35 14.55 -32.00 6.18
C LEU D 35 14.03 -31.06 5.13
N LEU D 36 14.78 -30.99 4.03
CA LEU D 36 14.41 -30.19 2.87
C LEU D 36 13.84 -31.09 1.78
N ILE D 37 12.54 -30.98 1.59
CA ILE D 37 11.80 -31.76 0.62
C ILE D 37 11.61 -30.96 -0.65
N TYR D 38 12.19 -31.46 -1.72
CA TYR D 38 12.18 -30.76 -2.98
C TYR D 38 11.18 -31.46 -3.90
N THR D 39 10.03 -30.83 -4.10
CA THR D 39 8.92 -31.40 -4.87
C THR D 39 8.92 -30.99 -6.35
N GLY D 40 9.66 -29.93 -6.64
CA GLY D 40 9.66 -29.34 -7.97
C GLY D 40 9.51 -27.83 -7.90
N GLY D 41 8.85 -27.25 -8.89
CA GLY D 41 8.59 -25.82 -8.92
C GLY D 41 9.72 -25.00 -9.53
N THR D 42 9.38 -23.79 -9.96
CA THR D 42 10.31 -22.94 -10.67
C THR D 42 11.64 -22.75 -9.94
N LEU D 43 11.63 -22.84 -8.63
CA LEU D 43 12.84 -22.59 -7.89
C LEU D 43 13.98 -23.44 -8.40
N GLY D 44 13.64 -24.66 -8.84
CA GLY D 44 14.66 -25.60 -9.33
C GLY D 44 14.56 -26.00 -10.79
N MET D 45 13.87 -25.22 -11.59
CA MET D 45 13.65 -25.60 -13.00
C MET D 45 14.82 -25.29 -13.89
N GLN D 46 14.80 -25.92 -15.07
CA GLN D 46 15.79 -25.73 -16.13
C GLN D 46 15.09 -25.48 -17.48
N SER D 47 15.79 -24.85 -18.43
CA SER D 47 15.28 -24.67 -19.80
C SER D 47 15.49 -25.89 -20.67
N LYS D 48 14.49 -26.20 -21.46
CA LYS D 48 14.55 -27.30 -22.39
C LYS D 48 13.44 -27.14 -23.40
N GLY D 49 13.83 -27.00 -24.66
CA GLY D 49 12.87 -26.74 -25.74
C GLY D 49 12.31 -25.34 -25.62
N GLY D 50 13.09 -24.43 -25.03
CA GLY D 50 12.65 -23.04 -24.83
C GLY D 50 11.59 -22.81 -23.75
N VAL D 51 11.27 -23.83 -22.95
CA VAL D 51 10.35 -23.69 -21.81
C VAL D 51 11.01 -24.19 -20.55
N LEU D 52 10.51 -23.74 -19.40
CA LEU D 52 11.02 -24.25 -18.12
C LEU D 52 10.33 -25.58 -17.76
N VAL D 53 11.14 -26.53 -17.29
CA VAL D 53 10.68 -27.81 -16.78
C VAL D 53 11.45 -28.13 -15.50
N PRO D 54 10.93 -29.08 -14.70
CA PRO D 54 11.59 -29.45 -13.43
C PRO D 54 13.02 -29.95 -13.61
N GLY D 55 13.91 -29.51 -12.73
CA GLY D 55 15.33 -29.83 -12.83
C GLY D 55 15.85 -30.59 -11.62
N PRO D 56 16.42 -31.78 -11.85
CA PRO D 56 16.99 -32.53 -10.74
C PRO D 56 18.39 -32.05 -10.35
N GLY D 57 18.90 -32.59 -9.25
CA GLY D 57 20.30 -32.41 -8.85
C GLY D 57 20.51 -31.23 -7.92
N LEU D 58 19.54 -31.00 -7.04
CA LEU D 58 19.56 -29.81 -6.21
C LEU D 58 20.73 -29.83 -5.22
N VAL D 59 20.84 -30.93 -4.49
CA VAL D 59 21.91 -31.09 -3.50
C VAL D 59 23.31 -30.84 -4.11
N THR D 60 23.52 -31.31 -5.34
CA THR D 60 24.78 -31.09 -6.05
C THR D 60 25.08 -29.60 -6.22
N LEU D 61 24.08 -28.82 -6.59
CA LEU D 61 24.22 -27.38 -6.70
C LEU D 61 24.49 -26.72 -5.35
N LEU D 62 23.67 -27.07 -4.37
CA LEU D 62 23.74 -26.40 -3.07
C LEU D 62 25.09 -26.54 -2.37
N ARG D 63 25.73 -27.69 -2.54
CA ARG D 63 27.10 -27.93 -2.04
C ARG D 63 28.11 -26.85 -2.44
N THR D 64 27.99 -26.37 -3.66
CA THR D 64 28.92 -25.41 -4.22
C THR D 64 28.68 -23.97 -3.76
N LEU D 65 27.61 -23.72 -3.03
CA LEU D 65 27.25 -22.38 -2.61
C LEU D 65 27.53 -22.16 -1.14
N PRO D 66 28.51 -21.32 -0.82
CA PRO D 66 28.89 -21.05 0.57
C PRO D 66 27.75 -20.61 1.47
N MET D 67 26.81 -19.81 0.97
CA MET D 67 25.64 -19.42 1.77
C MET D 67 24.74 -20.60 2.14
N PHE D 68 24.81 -21.70 1.40
CA PHE D 68 23.98 -22.88 1.67
C PHE D 68 24.74 -24.07 2.24
N HIS D 69 26.07 -24.03 2.19
CA HIS D 69 26.86 -25.14 2.75
C HIS D 69 28.26 -24.71 3.18
N ASP D 70 28.53 -24.86 4.47
CA ASP D 70 29.83 -24.52 5.05
C ASP D 70 30.80 -25.73 4.98
N LYS D 71 31.57 -25.81 3.89
CA LYS D 71 32.53 -26.91 3.65
C LYS D 71 33.55 -27.10 4.75
N GLU D 72 34.14 -26.00 5.21
CA GLU D 72 35.14 -26.07 6.27
C GLU D 72 34.58 -26.82 7.48
N PHE D 73 33.42 -26.37 7.96
CA PHE D 73 32.77 -26.98 9.13
C PHE D 73 32.39 -28.45 8.90
N ALA D 74 31.97 -28.77 7.69
CA ALA D 74 31.54 -30.12 7.39
C ALA D 74 32.69 -31.10 7.54
N GLN D 75 33.84 -30.76 6.97
CA GLN D 75 35.01 -31.62 7.08
C GLN D 75 35.53 -31.65 8.51
N ALA D 76 35.56 -30.49 9.17
CA ALA D 76 35.90 -30.40 10.59
C ALA D 76 35.06 -31.32 11.51
N GLN D 77 33.86 -31.71 11.07
CA GLN D 77 33.01 -32.64 11.83
C GLN D 77 32.82 -33.92 11.03
N GLY D 78 33.64 -34.09 9.99
CA GLY D 78 33.48 -35.18 9.02
C GLY D 78 32.04 -35.62 8.84
N LEU D 79 31.19 -34.71 8.38
CA LEU D 79 29.76 -35.01 8.23
C LEU D 79 29.50 -35.94 7.04
N PRO D 80 28.37 -36.64 7.07
CA PRO D 80 27.92 -37.46 5.94
C PRO D 80 27.78 -36.67 4.63
N ASP D 81 27.78 -37.37 3.50
CA ASP D 81 27.65 -36.75 2.18
C ASP D 81 26.23 -36.27 1.83
N HIS D 82 25.22 -36.73 2.57
CA HIS D 82 23.84 -36.34 2.29
C HIS D 82 23.42 -35.06 3.03
N ALA D 83 24.28 -34.59 3.95
CA ALA D 83 23.88 -33.57 4.92
C ALA D 83 24.63 -32.26 4.77
N LEU D 84 23.89 -31.18 4.52
CA LEU D 84 24.49 -29.87 4.38
C LEU D 84 24.39 -29.09 5.67
N ALA D 85 25.15 -28.00 5.73
CA ALA D 85 25.34 -27.21 6.95
C ALA D 85 25.38 -25.73 6.64
N LEU D 86 24.45 -24.99 7.19
CA LEU D 86 24.47 -23.53 6.99
C LEU D 86 25.62 -22.94 7.78
N PRO D 87 26.24 -21.90 7.24
CA PRO D 87 27.11 -21.07 8.05
C PRO D 87 26.47 -20.64 9.35
N PRO D 88 27.28 -20.14 10.27
CA PRO D 88 26.73 -19.59 11.50
C PRO D 88 25.85 -18.37 11.23
N ALA D 89 24.64 -18.40 11.78
CA ALA D 89 23.82 -17.20 11.94
C ALA D 89 24.30 -16.45 13.18
N SER D 90 23.77 -15.24 13.35
CA SER D 90 24.16 -14.33 14.44
C SER D 90 24.22 -15.00 15.82
N HIS D 91 23.10 -15.61 16.21
CA HIS D 91 22.94 -16.21 17.54
C HIS D 91 22.31 -17.60 17.39
N GLY D 92 22.31 -18.35 18.48
CA GLY D 92 21.55 -19.59 18.55
C GLY D 92 22.22 -20.80 17.94
N PRO D 93 21.40 -21.77 17.51
CA PRO D 93 21.92 -23.05 17.10
C PRO D 93 22.45 -23.06 15.66
N ARG D 94 23.40 -23.96 15.38
CA ARG D 94 23.84 -24.24 14.03
C ARG D 94 22.76 -25.04 13.32
N VAL D 95 22.50 -24.77 12.05
CA VAL D 95 21.41 -25.47 11.34
C VAL D 95 21.99 -26.45 10.31
N LEU D 96 21.61 -27.72 10.44
CA LEU D 96 22.00 -28.73 9.47
C LEU D 96 20.76 -29.20 8.75
N TYR D 97 20.90 -29.62 7.50
CA TYR D 97 19.73 -30.12 6.79
C TYR D 97 20.06 -31.19 5.78
N THR D 98 19.05 -31.99 5.47
CA THR D 98 19.18 -33.07 4.51
C THR D 98 18.18 -32.85 3.39
N VAL D 99 18.64 -33.00 2.16
CA VAL D 99 17.82 -32.84 0.97
C VAL D 99 17.19 -34.15 0.51
N LEU D 100 15.89 -34.17 0.49
CA LEU D 100 15.15 -35.28 -0.07
C LEU D 100 14.50 -34.79 -1.36
N GLU D 101 14.96 -35.34 -2.48
CA GLU D 101 14.50 -34.92 -3.79
C GLU D 101 13.44 -35.94 -4.27
N CYS D 102 12.18 -35.51 -4.29
CA CYS D 102 11.08 -36.30 -4.78
C CYS D 102 11.26 -36.66 -6.20
N GLN D 103 10.60 -37.76 -6.56
CA GLN D 103 10.62 -38.25 -7.90
C GLN D 103 9.19 -38.75 -8.27
N PRO D 104 8.65 -38.33 -9.40
CA PRO D 104 9.22 -37.31 -10.26
C PRO D 104 8.98 -35.92 -9.68
N LEU D 105 9.84 -34.99 -10.04
CA LEU D 105 9.66 -33.60 -9.68
C LEU D 105 8.54 -33.01 -10.53
N LEU D 106 7.75 -32.09 -9.96
CA LEU D 106 6.60 -31.55 -10.68
C LEU D 106 6.50 -30.03 -10.77
N ASP D 107 6.04 -29.55 -11.91
CA ASP D 107 5.46 -28.21 -11.99
C ASP D 107 4.20 -28.27 -11.12
N SER D 108 4.03 -27.28 -10.25
CA SER D 108 2.95 -27.33 -9.26
C SER D 108 1.55 -27.32 -9.89
N SER D 109 1.46 -26.97 -11.17
CA SER D 109 0.16 -27.02 -11.87
C SER D 109 -0.31 -28.45 -12.08
N ASP D 110 0.59 -29.41 -12.05
CA ASP D 110 0.23 -30.84 -12.15
C ASP D 110 -0.01 -31.51 -10.80
N MET D 111 0.01 -30.77 -9.69
CA MET D 111 -0.12 -31.38 -8.39
C MET D 111 -1.57 -31.53 -7.97
N THR D 112 -1.80 -32.58 -7.18
CA THR D 112 -3.12 -32.97 -6.77
C THR D 112 -3.07 -33.38 -5.32
N ILE D 113 -4.22 -33.76 -4.81
CA ILE D 113 -4.35 -34.24 -3.45
C ILE D 113 -3.41 -35.40 -3.13
N ASP D 114 -3.24 -36.32 -4.07
CA ASP D 114 -2.37 -37.44 -3.84
C ASP D 114 -0.92 -37.03 -3.63
N ASP D 115 -0.47 -36.04 -4.39
CA ASP D 115 0.87 -35.51 -4.20
C ASP D 115 1.05 -34.89 -2.83
N TRP D 116 0.05 -34.15 -2.39
CA TRP D 116 0.14 -33.52 -1.09
C TRP D 116 0.08 -34.55 0.04
N ILE D 117 -0.68 -35.63 -0.18
CA ILE D 117 -0.70 -36.74 0.76
C ILE D 117 0.67 -37.40 0.84
N ARG D 118 1.31 -37.61 -0.30
CA ARG D 118 2.66 -38.17 -0.31
C ARG D 118 3.61 -37.33 0.51
N ILE D 119 3.44 -36.01 0.48
CA ILE D 119 4.34 -35.11 1.20
C ILE D 119 4.10 -35.20 2.68
N ALA D 120 2.83 -35.16 3.05
CA ALA D 120 2.45 -35.31 4.46
C ALA D 120 3.04 -36.62 5.04
N LYS D 121 3.00 -37.67 4.23
CA LYS D 121 3.53 -38.96 4.63
C LYS D 121 5.04 -38.97 4.78
N ILE D 122 5.72 -38.22 3.93
CA ILE D 122 7.16 -38.03 4.12
C ILE D 122 7.46 -37.34 5.47
N ILE D 123 6.67 -36.33 5.81
CA ILE D 123 6.86 -35.62 7.05
C ILE D 123 6.55 -36.57 8.21
N GLU D 124 5.53 -37.40 8.04
CA GLU D 124 5.17 -38.37 9.06
C GLU D 124 6.29 -39.37 9.27
N ARG D 125 6.78 -39.95 8.18
CA ARG D 125 7.85 -40.95 8.27
C ARG D 125 9.04 -40.46 9.03
N HIS D 126 9.43 -39.22 8.82
CA HIS D 126 10.66 -38.70 9.38
C HIS D 126 10.42 -37.68 10.51
N TYR D 127 9.22 -37.64 11.07
CA TYR D 127 8.86 -36.63 12.06
C TYR D 127 9.74 -36.58 13.28
N GLU D 128 10.24 -37.72 13.72
CA GLU D 128 10.99 -37.82 14.97
C GLU D 128 12.47 -37.48 14.78
N GLN D 129 13.00 -37.70 13.58
CA GLN D 129 14.42 -37.43 13.30
C GLN D 129 14.78 -35.95 13.10
N TYR D 130 13.77 -35.08 12.91
CA TYR D 130 14.04 -33.71 12.46
C TYR D 130 13.29 -32.69 13.27
N GLN D 131 13.86 -31.50 13.45
CA GLN D 131 13.24 -30.45 14.26
C GLN D 131 12.29 -29.55 13.48
N GLY D 132 12.35 -29.68 12.15
CA GLY D 132 11.51 -28.90 11.25
C GLY D 132 11.67 -29.28 9.80
N PHE D 133 10.83 -28.67 8.96
CA PHE D 133 10.72 -29.04 7.54
C PHE D 133 10.59 -27.85 6.62
N VAL D 134 11.21 -27.96 5.45
CA VAL D 134 11.04 -26.99 4.41
C VAL D 134 10.64 -27.71 3.14
N VAL D 135 9.60 -27.21 2.48
CA VAL D 135 9.11 -27.83 1.26
C VAL D 135 9.25 -26.87 0.10
N ILE D 136 10.09 -27.22 -0.84
CA ILE D 136 10.19 -26.47 -2.09
C ILE D 136 9.09 -26.91 -3.05
N HIS D 137 8.39 -25.92 -3.55
CA HIS D 137 7.11 -26.12 -4.22
C HIS D 137 6.91 -25.03 -5.24
N GLY D 138 6.21 -25.35 -6.32
CA GLY D 138 5.84 -24.34 -7.30
C GLY D 138 4.83 -23.34 -6.75
N THR D 139 4.76 -22.16 -7.35
CA THR D 139 3.85 -21.11 -6.89
C THR D 139 2.42 -21.36 -7.35
N ASP D 140 2.27 -21.88 -8.57
CA ASP D 140 0.97 -22.03 -9.19
C ASP D 140 -0.10 -22.61 -8.26
N THR D 141 0.24 -23.64 -7.49
CA THR D 141 -0.72 -24.25 -6.53
C THR D 141 -0.21 -24.31 -5.10
N MET D 142 0.83 -23.55 -4.82
CA MET D 142 1.35 -23.37 -3.48
C MET D 142 0.29 -23.16 -2.42
N ALA D 143 -0.65 -22.26 -2.66
CA ALA D 143 -1.66 -21.94 -1.64
C ALA D 143 -2.56 -23.12 -1.35
N SER D 144 -2.93 -23.86 -2.39
CA SER D 144 -3.69 -25.11 -2.20
C SER D 144 -2.89 -26.14 -1.43
N GLY D 145 -1.62 -26.33 -1.80
CA GLY D 145 -0.75 -27.26 -1.07
C GLY D 145 -0.54 -26.90 0.38
N ALA D 146 -0.28 -25.62 0.67
CA ALA D 146 -0.12 -25.20 2.06
C ALA D 146 -1.38 -25.49 2.84
N SER D 147 -2.52 -25.12 2.29
CA SER D 147 -3.79 -25.34 2.99
C SER D 147 -4.04 -26.84 3.21
N MET D 148 -3.79 -27.67 2.20
CA MET D 148 -4.02 -29.11 2.34
C MET D 148 -3.16 -29.69 3.44
N LEU D 149 -1.86 -29.39 3.42
CA LEU D 149 -0.98 -29.88 4.47
C LEU D 149 -1.38 -29.40 5.84
N SER D 150 -1.78 -28.14 5.93
CA SER D 150 -2.29 -27.59 7.18
C SER D 150 -3.34 -28.52 7.82
N PHE D 151 -4.28 -29.00 7.02
CA PHE D 151 -5.31 -29.92 7.53
C PHE D 151 -4.85 -31.34 7.76
N MET D 152 -4.06 -31.87 6.85
CA MET D 152 -3.62 -33.25 6.96
C MET D 152 -2.75 -33.46 8.21
N LEU D 153 -1.96 -32.46 8.60
CA LEU D 153 -1.03 -32.59 9.73
C LEU D 153 -1.63 -32.12 11.06
N GLU D 154 -2.58 -32.89 11.58
CA GLU D 154 -3.23 -32.61 12.86
C GLU D 154 -2.28 -32.68 14.08
N ASN D 155 -2.39 -31.66 14.93
CA ASN D 155 -1.57 -31.50 16.16
C ASN D 155 -0.11 -31.24 15.88
N LEU D 156 0.19 -30.74 14.69
CA LEU D 156 1.57 -30.47 14.31
C LEU D 156 2.32 -29.66 15.39
N HIS D 157 3.55 -30.06 15.67
CA HIS D 157 4.35 -29.47 16.76
C HIS D 157 5.59 -28.74 16.26
N LYS D 158 5.90 -28.90 14.98
CA LYS D 158 7.14 -28.39 14.39
C LYS D 158 6.82 -27.55 13.13
N PRO D 159 7.78 -26.68 12.72
CA PRO D 159 7.53 -25.87 11.55
C PRO D 159 7.68 -26.65 10.23
N VAL D 160 6.72 -26.40 9.34
CA VAL D 160 6.73 -26.90 7.99
C VAL D 160 6.61 -25.66 7.11
N ILE D 161 7.70 -25.28 6.46
CA ILE D 161 7.74 -24.03 5.76
C ILE D 161 7.79 -24.32 4.27
N LEU D 162 6.73 -23.93 3.56
CA LEU D 162 6.77 -23.97 2.12
C LEU D 162 7.45 -22.72 1.57
N THR D 163 8.17 -22.90 0.47
CA THR D 163 8.75 -21.77 -0.22
C THR D 163 8.84 -22.09 -1.69
N GLY D 164 9.03 -21.06 -2.49
CA GLY D 164 9.19 -21.22 -3.93
C GLY D 164 9.86 -20.01 -4.50
N ALA D 165 9.81 -19.86 -5.82
CA ALA D 165 10.37 -18.68 -6.45
C ALA D 165 9.73 -18.41 -7.79
N GLN D 166 9.83 -17.17 -8.24
CA GLN D 166 9.41 -16.78 -9.59
C GLN D 166 10.50 -17.01 -10.65
N VAL D 167 11.75 -17.14 -10.23
CA VAL D 167 12.89 -17.29 -11.12
C VAL D 167 13.78 -18.40 -10.60
N PRO D 168 14.24 -19.29 -11.47
CA PRO D 168 15.01 -20.44 -10.95
C PRO D 168 16.30 -20.07 -10.29
N ILE D 169 16.73 -20.89 -9.36
CA ILE D 169 17.96 -20.64 -8.63
C ILE D 169 19.21 -20.69 -9.51
N ARG D 170 19.14 -21.41 -10.63
CA ARG D 170 20.25 -21.48 -11.59
C ARG D 170 20.37 -20.25 -12.47
N VAL D 171 19.35 -19.41 -12.51
CA VAL D 171 19.39 -18.14 -13.23
C VAL D 171 20.01 -17.10 -12.30
N LEU D 172 20.95 -16.31 -12.78
CA LEU D 172 21.73 -15.44 -11.87
C LEU D 172 20.86 -14.49 -11.04
N TRP D 173 20.03 -13.71 -11.71
CA TRP D 173 19.19 -12.74 -11.04
C TRP D 173 17.87 -13.40 -10.58
N ASN D 174 17.80 -13.80 -9.31
CA ASN D 174 16.66 -14.55 -8.84
C ASN D 174 16.21 -14.23 -7.41
N ASP D 175 15.02 -14.70 -7.07
CA ASP D 175 14.46 -14.63 -5.72
C ASP D 175 14.61 -15.96 -5.00
N ALA D 176 15.10 -16.98 -5.69
CA ALA D 176 15.25 -18.31 -5.14
C ALA D 176 16.25 -18.41 -3.99
N ARG D 177 17.43 -17.82 -4.14
CA ARG D 177 18.44 -17.95 -3.11
C ARG D 177 17.87 -17.51 -1.79
N GLU D 178 17.35 -16.28 -1.72
CA GLU D 178 16.96 -15.73 -0.42
C GLU D 178 15.68 -16.33 0.12
N ASN D 179 14.79 -16.76 -0.76
CA ASN D 179 13.60 -17.48 -0.30
C ASN D 179 13.95 -18.82 0.32
N LEU D 180 14.86 -19.58 -0.29
CA LEU D 180 15.23 -20.87 0.30
C LEU D 180 15.96 -20.68 1.63
N LEU D 181 16.93 -19.77 1.67
CA LEU D 181 17.67 -19.53 2.88
C LEU D 181 16.77 -19.12 4.02
N GLY D 182 15.84 -18.24 3.74
CA GLY D 182 14.96 -17.74 4.80
C GLY D 182 14.11 -18.85 5.36
N ALA D 183 13.59 -19.71 4.49
CA ALA D 183 12.78 -20.82 4.93
C ALA D 183 13.58 -21.71 5.86
N LEU D 184 14.82 -22.03 5.48
CA LEU D 184 15.69 -22.85 6.33
C LEU D 184 15.97 -22.17 7.65
N LEU D 185 16.27 -20.87 7.63
CA LEU D 185 16.52 -20.17 8.89
C LEU D 185 15.31 -20.06 9.80
N VAL D 186 14.11 -19.96 9.26
CA VAL D 186 12.92 -19.90 10.11
C VAL D 186 12.65 -21.24 10.75
N ALA D 187 12.62 -22.28 9.94
CA ALA D 187 12.40 -23.64 10.43
C ALA D 187 13.49 -24.02 11.42
N GLY D 188 14.70 -23.56 11.15
CA GLY D 188 15.85 -23.93 11.95
C GLY D 188 15.93 -23.21 13.28
N GLN D 189 15.31 -22.06 13.41
CA GLN D 189 15.55 -21.24 14.59
C GLN D 189 14.33 -20.89 15.44
N TYR D 190 13.12 -21.14 14.95
CA TYR D 190 11.92 -20.77 15.68
C TYR D 190 10.95 -21.91 15.69
N ILE D 191 10.22 -21.99 16.79
CA ILE D 191 9.23 -23.05 16.94
C ILE D 191 7.86 -22.45 16.66
N ILE D 192 7.52 -22.51 15.37
CA ILE D 192 6.23 -22.13 14.85
C ILE D 192 5.59 -23.40 14.31
N PRO D 193 4.64 -23.94 15.05
CA PRO D 193 4.07 -25.25 14.74
C PRO D 193 2.93 -25.16 13.71
N GLU D 194 3.24 -24.68 12.53
CA GLU D 194 2.23 -24.45 11.52
C GLU D 194 2.81 -24.71 10.16
N VAL D 195 1.93 -25.03 9.22
CA VAL D 195 2.31 -25.03 7.83
C VAL D 195 2.29 -23.56 7.41
N CYS D 196 3.46 -23.06 7.01
CA CYS D 196 3.65 -21.66 6.62
C CYS D 196 4.14 -21.54 5.19
N LEU D 197 4.09 -20.32 4.67
CA LEU D 197 4.73 -19.98 3.42
C LEU D 197 5.71 -18.85 3.68
N PHE D 198 6.96 -19.05 3.28
CA PHE D 198 7.96 -18.02 3.37
C PHE D 198 8.35 -17.57 1.99
N MET D 199 8.07 -16.29 1.72
CA MET D 199 8.48 -15.64 0.49
C MET D 199 8.70 -14.14 0.67
N ASN D 200 9.82 -13.67 0.16
CA ASN D 200 10.09 -12.25 0.04
C ASN D 200 10.11 -11.58 1.41
N SER D 201 10.88 -12.20 2.30
CA SER D 201 11.02 -11.72 3.68
C SER D 201 9.75 -11.72 4.56
N GLN D 202 8.71 -12.49 4.19
CA GLN D 202 7.50 -12.59 4.99
C GLN D 202 7.19 -14.04 5.23
N LEU D 203 6.73 -14.34 6.43
CA LEU D 203 6.22 -15.66 6.76
C LEU D 203 4.72 -15.55 6.89
N PHE D 204 3.98 -16.32 6.11
CA PHE D 204 2.50 -16.30 6.20
C PHE D 204 1.99 -17.60 6.73
N ARG D 205 0.83 -17.55 7.40
CA ARG D 205 0.10 -18.78 7.72
C ARG D 205 -0.36 -19.42 6.41
N GLY D 206 -0.01 -20.67 6.21
CA GLY D 206 -0.23 -21.35 4.95
C GLY D 206 -1.68 -21.35 4.49
N ASN D 207 -2.59 -21.62 5.40
CA ASN D 207 -4.00 -21.70 5.02
C ASN D 207 -4.66 -20.33 4.88
N ARG D 208 -3.85 -19.27 4.90
CA ARG D 208 -4.35 -17.90 4.82
C ARG D 208 -3.88 -17.15 3.57
N VAL D 209 -3.06 -17.80 2.74
CA VAL D 209 -2.49 -17.11 1.60
C VAL D 209 -3.18 -17.44 0.30
N THR D 210 -2.97 -16.56 -0.68
CA THR D 210 -3.39 -16.78 -2.05
C THR D 210 -2.43 -15.99 -2.95
N MET D 211 -2.35 -16.37 -4.24
CA MET D 211 -1.36 -15.80 -5.14
C MET D 211 -1.96 -14.60 -5.81
N VAL D 212 -1.28 -13.45 -5.69
CA VAL D 212 -1.81 -12.18 -6.21
C VAL D 212 -1.04 -11.54 -7.34
N ASP D 213 0.19 -12.01 -7.60
CA ASP D 213 0.99 -11.42 -8.65
C ASP D 213 1.75 -12.51 -9.36
N SER D 214 1.56 -12.58 -10.67
CA SER D 214 2.12 -13.68 -11.41
C SER D 214 3.57 -13.43 -11.85
N GLN D 215 4.07 -12.19 -11.71
CA GLN D 215 5.44 -11.90 -12.11
C GLN D 215 6.32 -11.40 -11.00
N LYS D 216 5.78 -10.58 -10.11
CA LYS D 216 6.58 -9.91 -9.10
C LYS D 216 6.99 -10.85 -8.00
N PHE D 217 8.08 -10.52 -7.30
CA PHE D 217 8.57 -11.37 -6.22
C PHE D 217 7.65 -11.37 -5.01
N GLU D 218 6.92 -10.28 -4.81
CA GLU D 218 5.84 -10.26 -3.83
C GLU D 218 4.59 -10.94 -4.44
N ALA D 219 4.66 -12.25 -4.56
CA ALA D 219 3.67 -13.00 -5.33
C ALA D 219 2.44 -13.39 -4.53
N PHE D 220 2.58 -13.47 -3.21
CA PHE D 220 1.51 -13.90 -2.33
C PHE D 220 1.11 -12.83 -1.35
N CYS D 221 -0.14 -12.93 -0.93
CA CYS D 221 -0.79 -12.03 0.00
C CYS D 221 -1.55 -12.91 1.01
N SER D 222 -1.65 -12.43 2.24
CA SER D 222 -2.46 -13.02 3.27
C SER D 222 -3.54 -11.98 3.56
N PRO D 223 -4.62 -12.03 2.81
CA PRO D 223 -5.51 -10.87 2.83
C PRO D 223 -6.23 -10.59 4.14
N ASN D 224 -6.52 -11.63 4.92
CA ASN D 224 -7.33 -11.49 6.11
C ASN D 224 -6.60 -11.84 7.40
N LEU D 225 -5.28 -11.83 7.35
CA LEU D 225 -4.50 -12.04 8.55
C LEU D 225 -3.13 -11.44 8.33
N SER D 226 -2.59 -10.77 9.33
CA SER D 226 -1.18 -10.39 9.27
C SER D 226 -0.30 -11.59 9.02
N PRO D 227 0.91 -11.32 8.55
CA PRO D 227 1.95 -12.35 8.51
C PRO D 227 2.26 -12.80 9.89
N LEU D 228 2.69 -14.05 10.01
CA LEU D 228 3.20 -14.56 11.27
C LEU D 228 4.56 -13.95 11.58
N ALA D 229 5.31 -13.55 10.55
CA ALA D 229 6.62 -12.98 10.78
C ALA D 229 7.11 -12.15 9.62
N THR D 230 8.08 -11.29 9.94
CA THR D 230 8.72 -10.42 9.00
C THR D 230 10.20 -10.39 9.30
N VAL D 231 11.02 -10.43 8.26
CA VAL D 231 12.47 -10.40 8.40
C VAL D 231 13.01 -9.08 7.87
N GLY D 232 13.86 -8.45 8.66
CA GLY D 232 14.48 -7.21 8.25
C GLY D 232 15.79 -7.19 8.96
N ALA D 233 16.17 -6.01 9.44
CA ALA D 233 17.31 -5.86 10.33
C ALA D 233 17.21 -6.84 11.51
N ASP D 234 15.99 -7.07 11.97
CA ASP D 234 15.72 -8.06 12.99
C ASP D 234 14.47 -8.83 12.57
N VAL D 235 14.13 -9.85 13.32
CA VAL D 235 13.02 -10.71 12.97
C VAL D 235 11.84 -10.44 13.89
N THR D 236 10.72 -10.04 13.33
CA THR D 236 9.54 -9.76 14.15
C THR D 236 8.53 -10.86 13.97
N ILE D 237 8.14 -11.50 15.07
CA ILE D 237 7.16 -12.58 15.03
C ILE D 237 5.93 -12.15 15.77
N ALA D 238 4.77 -12.50 15.23
CA ALA D 238 3.52 -12.18 15.87
C ALA D 238 3.09 -13.39 16.71
N TRP D 239 3.73 -13.50 17.88
CA TRP D 239 3.47 -14.60 18.81
C TRP D 239 2.01 -14.68 19.31
N ASP D 240 1.35 -13.53 19.39
CA ASP D 240 -0.09 -13.44 19.68
C ASP D 240 -0.98 -14.16 18.67
N LEU D 241 -0.47 -14.40 17.46
CA LEU D 241 -1.20 -15.15 16.43
C LEU D 241 -0.72 -16.57 16.28
N VAL D 242 0.56 -16.83 16.54
CA VAL D 242 1.10 -18.17 16.32
C VAL D 242 0.38 -19.16 17.23
N ARG D 243 0.06 -20.32 16.69
CA ARG D 243 -0.67 -21.32 17.44
C ARG D 243 0.20 -22.02 18.46
N LYS D 244 -0.45 -22.56 19.49
CA LYS D 244 0.22 -23.16 20.64
C LYS D 244 0.50 -24.63 20.40
N VAL D 245 1.70 -25.05 20.78
CA VAL D 245 2.12 -26.45 20.68
C VAL D 245 1.31 -27.29 21.65
N LYS D 246 0.68 -28.35 21.15
CA LYS D 246 -0.07 -29.26 22.02
C LYS D 246 0.76 -30.51 22.27
N TRP D 247 1.66 -30.38 23.25
CA TRP D 247 2.69 -31.39 23.57
C TRP D 247 2.18 -32.76 23.96
N LYS D 248 1.00 -32.79 24.55
CA LYS D 248 0.38 -34.03 24.99
C LYS D 248 -0.07 -34.87 23.82
N ASP D 249 -0.66 -34.21 22.82
CA ASP D 249 -1.33 -34.88 21.71
C ASP D 249 -0.33 -35.27 20.62
N PRO D 250 -0.43 -36.50 20.12
CA PRO D 250 0.50 -36.89 19.06
C PRO D 250 0.07 -36.37 17.69
N LEU D 251 1.00 -36.38 16.76
CA LEU D 251 0.73 -36.08 15.37
C LEU D 251 -0.19 -37.12 14.73
N VAL D 252 -1.33 -36.67 14.19
CA VAL D 252 -2.22 -37.53 13.42
C VAL D 252 -2.28 -37.04 11.98
N VAL D 253 -1.80 -37.86 11.07
CA VAL D 253 -1.80 -37.50 9.67
C VAL D 253 -3.01 -38.07 8.96
N HIS D 254 -3.75 -37.23 8.25
CA HIS D 254 -4.96 -37.67 7.57
C HIS D 254 -4.70 -37.99 6.10
N SER D 255 -4.52 -39.26 5.77
CA SER D 255 -4.54 -39.71 4.37
C SER D 255 -5.94 -39.84 3.79
N ASN D 256 -6.92 -39.87 4.67
CA ASN D 256 -8.31 -39.99 4.30
C ASN D 256 -8.86 -38.61 3.92
N MET D 257 -8.43 -38.08 2.78
CA MET D 257 -8.95 -36.81 2.30
C MET D 257 -9.87 -37.09 1.13
N GLU D 258 -11.06 -36.51 1.13
CA GLU D 258 -12.03 -36.74 0.07
C GLU D 258 -11.59 -36.11 -1.23
N HIS D 259 -11.51 -36.92 -2.29
CA HIS D 259 -11.09 -36.46 -3.62
C HIS D 259 -12.19 -35.75 -4.41
N ASP D 260 -13.44 -36.20 -4.30
CA ASP D 260 -14.55 -35.61 -5.08
C ASP D 260 -15.08 -34.28 -4.52
N VAL D 261 -14.21 -33.27 -4.54
CA VAL D 261 -14.60 -31.92 -4.18
C VAL D 261 -14.20 -31.01 -5.33
N ALA D 262 -14.86 -29.88 -5.48
CA ALA D 262 -14.59 -28.97 -6.57
C ALA D 262 -14.80 -27.52 -6.15
N LEU D 263 -14.43 -26.64 -7.06
CA LEU D 263 -14.60 -25.24 -6.89
C LEU D 263 -15.35 -24.72 -8.10
N LEU D 264 -16.37 -23.89 -7.88
CA LEU D 264 -17.16 -23.33 -8.96
C LEU D 264 -17.33 -21.83 -8.76
N ARG D 265 -16.87 -21.05 -9.72
CA ARG D 265 -17.00 -19.61 -9.63
C ARG D 265 -18.20 -19.11 -10.40
N LEU D 266 -19.08 -18.43 -9.71
CA LEU D 266 -20.21 -17.80 -10.35
C LEU D 266 -19.77 -16.65 -11.23
N TYR D 267 -20.54 -16.41 -12.28
CA TYR D 267 -20.36 -15.25 -13.16
C TYR D 267 -21.77 -14.79 -13.53
N PRO D 268 -21.93 -13.54 -13.94
CA PRO D 268 -23.31 -13.08 -14.18
C PRO D 268 -24.02 -13.87 -15.27
N GLY D 269 -25.26 -14.22 -14.99
CA GLY D 269 -26.05 -14.97 -15.94
C GLY D 269 -25.69 -16.44 -16.05
N ILE D 270 -24.81 -16.94 -15.20
CA ILE D 270 -24.49 -18.36 -15.24
C ILE D 270 -25.79 -19.18 -15.26
N PRO D 271 -25.99 -19.99 -16.31
CA PRO D 271 -27.23 -20.76 -16.42
C PRO D 271 -27.34 -21.95 -15.47
N ALA D 272 -28.57 -22.21 -15.05
CA ALA D 272 -28.88 -23.35 -14.20
C ALA D 272 -28.44 -24.70 -14.81
N SER D 273 -28.56 -24.86 -16.12
CA SER D 273 -28.21 -26.13 -16.71
C SER D 273 -26.72 -26.44 -16.59
N LEU D 274 -25.91 -25.39 -16.59
CA LEU D 274 -24.48 -25.57 -16.47
C LEU D 274 -24.13 -25.92 -15.03
N VAL D 275 -24.81 -25.29 -14.07
CA VAL D 275 -24.63 -25.64 -12.69
C VAL D 275 -25.09 -27.08 -12.43
N ARG D 276 -26.26 -27.46 -12.96
CA ARG D 276 -26.75 -28.83 -12.84
C ARG D 276 -25.65 -29.81 -13.23
N ALA D 277 -25.05 -29.59 -14.39
CA ALA D 277 -24.01 -30.50 -14.90
C ALA D 277 -22.80 -30.56 -13.97
N PHE D 278 -22.45 -29.41 -13.42
CA PHE D 278 -21.27 -29.30 -12.58
C PHE D 278 -21.42 -30.11 -11.31
N LEU D 279 -22.62 -30.10 -10.76
CA LEU D 279 -22.88 -30.70 -9.47
C LEU D 279 -23.40 -32.13 -9.55
N GLN D 280 -23.18 -32.80 -10.68
CA GLN D 280 -23.63 -34.20 -10.80
C GLN D 280 -22.81 -35.13 -9.93
N PRO D 281 -23.37 -36.28 -9.54
CA PRO D 281 -22.56 -37.31 -8.84
C PRO D 281 -21.43 -37.69 -9.75
N PRO D 282 -20.28 -38.02 -9.21
CA PRO D 282 -20.08 -38.33 -7.80
C PRO D 282 -19.58 -37.18 -6.89
N LEU D 283 -19.77 -35.93 -7.29
CA LEU D 283 -19.28 -34.81 -6.47
C LEU D 283 -19.93 -34.80 -5.07
N LYS D 284 -19.11 -34.63 -4.03
CA LYS D 284 -19.58 -34.64 -2.64
C LYS D 284 -19.56 -33.26 -2.01
N GLY D 285 -18.66 -32.40 -2.49
CA GLY D 285 -18.52 -31.07 -1.92
C GLY D 285 -18.08 -30.04 -2.95
N VAL D 286 -18.53 -28.80 -2.75
CA VAL D 286 -18.17 -27.73 -3.64
C VAL D 286 -18.00 -26.40 -2.92
N VAL D 287 -17.01 -25.64 -3.34
CA VAL D 287 -16.87 -24.29 -2.92
C VAL D 287 -17.47 -23.41 -4.00
N LEU D 288 -18.49 -22.64 -3.67
CA LEU D 288 -19.07 -21.68 -4.58
C LEU D 288 -18.44 -20.34 -4.32
N GLU D 289 -17.73 -19.81 -5.29
CA GLU D 289 -17.19 -18.47 -5.14
C GLU D 289 -18.24 -17.49 -5.63
N THR D 290 -18.76 -16.67 -4.72
CA THR D 290 -19.93 -15.81 -4.95
C THR D 290 -19.55 -14.33 -5.02
N PHE D 291 -20.54 -13.47 -5.26
CA PHE D 291 -20.24 -12.05 -5.44
C PHE D 291 -20.25 -11.31 -4.13
N GLY D 292 -19.38 -10.30 -4.01
CA GLY D 292 -19.40 -9.37 -2.86
C GLY D 292 -19.43 -10.04 -1.51
N SER D 293 -20.40 -9.65 -0.67
CA SER D 293 -20.52 -10.19 0.68
C SER D 293 -21.09 -11.61 0.72
N GLY D 294 -21.25 -12.25 -0.41
CA GLY D 294 -21.57 -13.67 -0.47
C GLY D 294 -22.89 -13.93 -1.17
N ASN D 295 -23.08 -13.32 -2.34
CA ASN D 295 -24.38 -13.27 -2.98
C ASN D 295 -24.33 -13.86 -4.38
N GLY D 296 -25.50 -14.28 -4.86
CA GLY D 296 -25.62 -14.82 -6.20
C GLY D 296 -26.99 -14.49 -6.78
N PRO D 297 -27.25 -14.96 -8.00
CA PRO D 297 -28.53 -14.72 -8.62
C PRO D 297 -29.64 -15.45 -7.86
N SER D 298 -30.77 -14.80 -7.72
CA SER D 298 -31.90 -15.35 -7.01
C SER D 298 -32.87 -16.03 -7.97
N LYS D 299 -32.51 -16.14 -9.25
CA LYS D 299 -33.41 -16.80 -10.19
C LYS D 299 -33.71 -18.23 -9.71
N PRO D 300 -35.00 -18.61 -9.71
CA PRO D 300 -35.46 -19.88 -9.13
C PRO D 300 -34.88 -21.15 -9.72
N ASP D 301 -34.65 -21.20 -11.02
CA ASP D 301 -34.10 -22.44 -11.62
C ASP D 301 -32.70 -22.72 -11.12
N LEU D 302 -31.94 -21.66 -10.82
CA LEU D 302 -30.63 -21.84 -10.23
C LEU D 302 -30.74 -22.33 -8.80
N LEU D 303 -31.60 -21.68 -8.01
CA LEU D 303 -31.75 -22.07 -6.62
C LEU D 303 -32.24 -23.51 -6.53
N GLN D 304 -33.12 -23.87 -7.45
CA GLN D 304 -33.63 -25.22 -7.52
C GLN D 304 -32.50 -26.24 -7.66
N GLU D 305 -31.50 -25.94 -8.47
CA GLU D 305 -30.40 -26.89 -8.62
C GLU D 305 -29.57 -27.00 -7.36
N LEU D 306 -29.41 -25.92 -6.61
CA LEU D 306 -28.62 -25.99 -5.40
C LEU D 306 -29.38 -26.85 -4.42
N ARG D 307 -30.69 -26.64 -4.37
CA ARG D 307 -31.57 -27.43 -3.54
C ARG D 307 -31.54 -28.91 -3.95
N ALA D 308 -31.61 -29.19 -5.24
CA ALA D 308 -31.57 -30.58 -5.70
C ALA D 308 -30.26 -31.26 -5.30
N ALA D 309 -29.17 -30.51 -5.36
CA ALA D 309 -27.86 -31.05 -5.01
C ALA D 309 -27.80 -31.38 -3.51
N ALA D 310 -28.32 -30.47 -2.69
CA ALA D 310 -28.42 -30.72 -1.26
C ALA D 310 -29.16 -32.04 -0.96
N GLN D 311 -30.25 -32.30 -1.66
CA GLN D 311 -31.03 -33.54 -1.44
C GLN D 311 -30.23 -34.76 -1.82
N ARG D 312 -29.38 -34.65 -2.83
CA ARG D 312 -28.44 -35.71 -3.14
C ARG D 312 -27.33 -35.86 -2.09
N GLY D 313 -27.26 -34.93 -1.12
CA GLY D 313 -26.33 -35.01 -0.01
C GLY D 313 -25.05 -34.19 -0.19
N LEU D 314 -25.01 -33.34 -1.21
CA LEU D 314 -23.86 -32.51 -1.48
C LEU D 314 -23.69 -31.42 -0.43
N ILE D 315 -22.46 -31.15 -0.05
CA ILE D 315 -22.21 -29.99 0.82
C ILE D 315 -21.57 -28.83 0.06
N MET D 316 -22.04 -27.63 0.35
CA MET D 316 -21.64 -26.44 -0.36
C MET D 316 -21.07 -25.43 0.62
N VAL D 317 -19.92 -24.85 0.30
CA VAL D 317 -19.35 -23.76 1.10
C VAL D 317 -19.39 -22.48 0.30
N ASN D 318 -19.88 -21.42 0.90
CA ASN D 318 -19.96 -20.13 0.24
C ASN D 318 -18.75 -19.29 0.58
N CYS D 319 -17.91 -19.01 -0.41
CA CYS D 319 -16.77 -18.08 -0.29
C CYS D 319 -16.92 -16.92 -1.25
N SER D 320 -16.35 -15.78 -0.88
CA SER D 320 -16.45 -14.58 -1.70
C SER D 320 -15.36 -14.57 -2.73
N GLN D 321 -15.69 -14.11 -3.92
CA GLN D 321 -14.71 -13.83 -4.93
C GLN D 321 -13.75 -12.71 -4.55
N CYS D 322 -14.20 -11.78 -3.74
CA CYS D 322 -13.34 -10.72 -3.27
C CYS D 322 -12.14 -11.27 -2.54
N LEU D 323 -11.04 -10.55 -2.67
CA LEU D 323 -9.80 -10.92 -2.03
C LEU D 323 -9.87 -10.71 -0.51
N ARG D 324 -10.33 -9.52 -0.11
CA ARG D 324 -10.42 -9.13 1.29
C ARG D 324 -11.86 -9.11 1.80
N GLY D 325 -12.04 -9.36 3.10
CA GLY D 325 -13.34 -9.29 3.77
C GLY D 325 -13.95 -10.65 4.05
N SER D 326 -15.22 -10.62 4.42
CA SER D 326 -15.93 -11.81 4.87
C SER D 326 -17.28 -11.96 4.16
N VAL D 327 -17.72 -13.22 4.02
CA VAL D 327 -19.06 -13.52 3.62
C VAL D 327 -19.97 -13.24 4.78
N THR D 328 -21.02 -12.50 4.55
CA THR D 328 -21.96 -12.13 5.62
C THR D 328 -23.37 -12.09 5.06
N PRO D 329 -24.38 -12.42 5.90
CA PRO D 329 -25.77 -12.29 5.40
C PRO D 329 -26.16 -10.83 5.43
N GLY D 330 -27.34 -10.53 4.90
CA GLY D 330 -27.82 -9.15 4.81
C GLY D 330 -28.68 -8.81 3.61
N TYR D 331 -28.53 -9.58 2.50
CA TYR D 331 -29.24 -9.32 1.26
C TYR D 331 -30.21 -10.44 0.95
N ALA D 332 -31.21 -10.13 0.14
CA ALA D 332 -32.12 -11.14 -0.38
C ALA D 332 -31.42 -12.05 -1.38
N THR D 333 -30.24 -11.65 -1.83
CA THR D 333 -29.41 -12.47 -2.72
C THR D 333 -28.32 -13.27 -2.01
N SER D 334 -28.25 -13.17 -0.67
CA SER D 334 -27.29 -13.95 0.09
C SER D 334 -27.55 -15.42 -0.11
N LEU D 335 -26.50 -16.17 -0.41
CA LEU D 335 -26.62 -17.63 -0.55
C LEU D 335 -26.53 -18.32 0.80
N ALA D 336 -27.68 -18.72 1.31
CA ALA D 336 -27.78 -19.47 2.54
C ALA D 336 -28.92 -20.49 2.39
N GLY D 337 -28.90 -21.53 3.22
CA GLY D 337 -29.88 -22.62 3.10
C GLY D 337 -29.36 -24.03 3.34
N ALA D 338 -30.17 -25.01 2.95
CA ALA D 338 -29.86 -26.41 3.16
C ALA D 338 -28.46 -26.71 2.67
N ASN D 339 -27.64 -27.25 3.55
CA ASN D 339 -26.31 -27.77 3.17
C ASN D 339 -25.34 -26.68 2.64
N ILE D 340 -25.65 -25.41 2.90
CA ILE D 340 -24.75 -24.34 2.58
C ILE D 340 -24.17 -23.75 3.85
N VAL D 341 -22.87 -23.89 3.99
CA VAL D 341 -22.16 -23.33 5.12
C VAL D 341 -21.44 -22.08 4.66
N SER D 342 -21.54 -20.99 5.43
CA SER D 342 -20.75 -19.80 5.16
C SER D 342 -19.25 -20.05 5.40
N GLY D 343 -18.41 -19.61 4.46
CA GLY D 343 -16.96 -19.70 4.60
C GLY D 343 -16.35 -18.48 5.24
N LEU D 344 -17.18 -17.52 5.61
CA LEU D 344 -16.71 -16.32 6.29
C LEU D 344 -15.51 -15.69 5.57
N ASP D 345 -14.36 -15.56 6.21
CA ASP D 345 -13.22 -14.90 5.55
C ASP D 345 -12.20 -15.89 4.99
N MET D 346 -12.61 -17.11 4.71
CA MET D 346 -11.64 -18.10 4.25
C MET D 346 -11.22 -17.84 2.83
N THR D 347 -9.95 -18.07 2.55
CA THR D 347 -9.53 -18.18 1.18
C THR D 347 -10.23 -19.37 0.57
N SER D 348 -10.38 -19.36 -0.74
CA SER D 348 -10.98 -20.50 -1.44
C SER D 348 -10.08 -21.74 -1.44
N GLU D 349 -8.76 -21.56 -1.37
CA GLU D 349 -7.83 -22.68 -1.28
C GLU D 349 -8.04 -23.42 0.04
N ALA D 350 -8.17 -22.62 1.10
CA ALA D 350 -8.44 -23.18 2.42
C ALA D 350 -9.82 -23.82 2.49
N ALA D 351 -10.83 -23.23 1.86
CA ALA D 351 -12.17 -23.80 1.97
C ALA D 351 -12.18 -25.14 1.25
N LEU D 352 -11.53 -25.24 0.12
CA LEU D 352 -11.48 -26.48 -0.60
C LEU D 352 -10.75 -27.57 0.20
N ALA D 353 -9.66 -27.21 0.87
CA ALA D 353 -8.92 -28.22 1.64
C ALA D 353 -9.71 -28.65 2.87
N LYS D 354 -10.36 -27.68 3.51
CA LYS D 354 -11.15 -27.98 4.68
C LYS D 354 -12.31 -28.87 4.27
N LEU D 355 -12.85 -28.64 3.08
CA LEU D 355 -13.93 -29.45 2.60
C LEU D 355 -13.44 -30.87 2.35
N SER D 356 -12.26 -31.01 1.78
CA SER D 356 -11.65 -32.31 1.57
C SER D 356 -11.38 -33.09 2.88
N TYR D 357 -10.97 -32.37 3.91
CA TYR D 357 -10.65 -32.95 5.22
C TYR D 357 -11.90 -33.42 5.94
N VAL D 358 -12.85 -32.53 6.11
CA VAL D 358 -14.09 -32.82 6.82
C VAL D 358 -14.86 -33.96 6.16
N LEU D 359 -14.94 -33.97 4.83
CA LEU D 359 -15.66 -35.03 4.14
C LEU D 359 -14.95 -36.37 4.20
N GLY D 360 -13.66 -36.35 4.52
CA GLY D 360 -12.86 -37.58 4.58
C GLY D 360 -12.91 -38.26 5.92
N LEU D 361 -13.39 -37.54 6.94
CA LEU D 361 -13.55 -38.12 8.26
C LEU D 361 -14.61 -39.23 8.21
N PRO D 362 -14.35 -40.36 8.91
CA PRO D 362 -15.27 -41.47 8.82
C PRO D 362 -16.46 -41.31 9.76
N GLU D 363 -17.60 -41.87 9.32
CA GLU D 363 -18.79 -42.03 10.15
C GLU D 363 -19.26 -40.76 10.86
N LEU D 364 -19.50 -39.70 10.11
CA LEU D 364 -20.17 -38.53 10.65
C LEU D 364 -21.41 -38.21 9.83
N SER D 365 -22.41 -37.66 10.49
CA SER D 365 -23.61 -37.21 9.82
C SER D 365 -23.31 -35.95 9.03
N LEU D 366 -24.15 -35.67 8.04
CA LEU D 366 -24.10 -34.42 7.31
C LEU D 366 -24.14 -33.18 8.22
N GLU D 367 -24.92 -33.25 9.29
CA GLU D 367 -25.07 -32.12 10.21
C GLU D 367 -23.76 -31.88 10.98
N ARG D 368 -23.11 -32.96 11.37
CA ARG D 368 -21.85 -32.87 12.09
C ARG D 368 -20.76 -32.29 11.20
N ARG D 369 -20.73 -32.76 9.96
CA ARG D 369 -19.78 -32.28 8.98
C ARG D 369 -19.92 -30.79 8.76
N GLN D 370 -21.15 -30.31 8.65
CA GLN D 370 -21.42 -28.88 8.50
C GLN D 370 -20.95 -28.06 9.70
N GLU D 371 -21.13 -28.60 10.90
CA GLU D 371 -20.69 -27.93 12.13
C GLU D 371 -19.17 -27.78 12.17
N LEU D 372 -18.47 -28.80 11.69
CA LEU D 372 -17.00 -28.75 11.63
C LEU D 372 -16.50 -27.75 10.62
N LEU D 373 -17.18 -27.64 9.49
CA LEU D 373 -16.84 -26.64 8.48
C LEU D 373 -17.00 -25.23 9.01
N ALA D 374 -18.03 -24.99 9.82
CA ALA D 374 -18.24 -23.66 10.42
C ALA D 374 -17.31 -23.33 11.59
N LYS D 375 -16.35 -24.18 11.90
CA LYS D 375 -15.40 -23.94 13.02
C LYS D 375 -14.00 -23.65 12.52
N ASP D 376 -13.27 -22.82 13.24
CA ASP D 376 -11.87 -22.55 12.92
C ASP D 376 -11.03 -23.74 13.35
N LEU D 377 -10.57 -24.56 12.41
CA LEU D 377 -9.85 -25.80 12.76
C LEU D 377 -8.35 -25.67 12.75
N ARG D 378 -7.80 -24.79 11.93
CA ARG D 378 -6.34 -24.63 11.88
C ARG D 378 -5.87 -23.20 11.80
N GLY D 379 -6.70 -22.25 12.18
CA GLY D 379 -6.36 -20.82 12.10
C GLY D 379 -6.65 -20.20 10.75
N GLU D 380 -7.48 -20.88 9.96
CA GLU D 380 -7.81 -20.46 8.61
C GLU D 380 -9.03 -19.56 8.54
N MET D 381 -9.79 -19.44 9.62
CA MET D 381 -11.08 -18.77 9.59
C MET D 381 -11.25 -17.93 10.82
N THR D 382 -11.74 -16.71 10.67
CA THR D 382 -12.01 -15.85 11.82
C THR D 382 -13.51 -15.76 12.01
N LEU D 383 -13.96 -16.15 13.19
CA LEU D 383 -15.39 -16.13 13.52
C LEU D 383 -15.79 -14.70 13.86
N PRO D 384 -17.01 -14.29 13.45
CA PRO D 384 -17.41 -12.88 13.60
C PRO D 384 -17.57 -12.41 15.04
N THR D 385 -17.57 -11.10 15.21
CA THR D 385 -17.51 -10.41 16.51
C THR D 385 -18.93 -10.01 16.95
N ALA D 386 -19.12 -9.62 18.22
CA ALA D 386 -20.42 -9.06 18.69
C ALA D 386 -20.29 -8.00 19.81
N ASN E . -25.72 -6.68 -3.11
CA ASN E . -25.43 -5.26 -3.42
C ASN E . -25.53 -5.12 -4.91
O ASN E . -26.61 -4.78 -5.41
CB ASN E . -24.07 -4.87 -2.88
CG ASN E . -23.80 -3.39 -2.97
OD1 ASN E . -24.22 -2.74 -3.91
ND2 ASN E . -23.08 -2.86 -1.99
OXT ASN E . -24.56 -5.37 -5.63
C1 EDO F . -10.92 19.46 -5.40
O1 EDO F . -11.40 19.98 -6.63
C2 EDO F . -12.08 18.92 -4.61
O2 EDO F . -12.94 20.05 -4.41
C1 EDO G . -7.01 9.83 -1.77
O1 EDO G . -6.91 9.67 -0.35
C2 EDO G . -8.13 10.81 -2.16
O2 EDO G . -7.66 12.14 -2.44
N ASN H . -3.66 25.85 6.37
CA ASN H . -4.77 24.97 6.80
C ASN H . -4.68 24.87 8.29
O ASN H . -5.40 25.57 9.00
CB ASN H . -4.61 23.59 6.14
CG ASN H . -5.88 22.75 6.21
OD1 ASN H . -6.60 22.75 7.21
ND2 ASN H . -6.15 22.00 5.15
OXT ASN H . -3.84 24.17 8.85
C1 EDO I . -15.17 10.79 1.20
O1 EDO I . -14.52 10.02 0.17
C2 EDO I . -14.71 12.24 1.07
O2 EDO I . -15.44 13.03 2.01
C1 EDO J . 10.20 9.42 12.90
O1 EDO J . 10.75 8.29 13.64
C2 EDO J . 9.88 10.63 13.78
O2 EDO J . 9.92 10.28 15.18
N ASN K . 24.71 3.61 9.71
CA ASN K . 24.68 2.93 8.37
C ASN K . 25.30 3.89 7.38
O ASN K . 24.70 4.89 6.90
CB ASN K . 23.25 2.54 7.98
CG ASN K . 23.20 1.48 6.89
OD1 ASN K . 23.90 1.55 5.88
ND2 ASN K . 22.31 0.48 7.08
OXT ASN K . 26.49 3.70 7.08
C1 EDO L . 8.63 0.59 -13.46
O1 EDO L . 8.49 -0.27 -12.35
C2 EDO L . 7.30 1.29 -13.54
O2 EDO L . 7.23 2.23 -12.47
C1 EDO M . 10.66 -6.50 5.47
O1 EDO M . 11.85 -6.08 6.16
C2 EDO M . 10.76 -6.33 3.95
O2 EDO M . 10.73 -4.93 3.57
C1 EDO N . 7.88 17.27 0.33
O1 EDO N . 8.74 16.72 1.36
C2 EDO N . 7.53 16.29 -0.81
O2 EDO N . 8.46 15.21 -0.79
C1 EDO O . 8.46 -6.54 -6.26
O1 EDO O . 7.69 -7.39 -5.37
C2 EDO O . 9.65 -7.28 -6.87
O2 EDO O . 9.34 -7.93 -8.10
N ASN P . 4.72 -23.14 -13.11
CA ASN P . 5.55 -22.95 -11.89
C ASN P . 5.14 -23.94 -10.78
O ASN P . 4.16 -23.71 -10.05
CB ASN P . 5.52 -21.49 -11.46
CG ASN P . 6.52 -21.17 -10.36
OD1 ASN P . 6.93 -22.05 -9.60
ND2 ASN P . 6.91 -19.91 -10.24
OXT ASN P . 5.80 -24.99 -10.59
C1 EDO Q . -12.87 -14.32 0.04
O1 EDO Q . -12.03 -14.72 -1.09
C2 EDO Q . -12.07 -13.73 1.22
O2 EDO Q . -10.70 -14.22 1.26
#